data_2FOP
# 
_entry.id   2FOP 
# 
_audit_conform.dict_name       mmcif_pdbx.dic 
_audit_conform.dict_version    5.377 
_audit_conform.dict_location   http://mmcif.pdb.org/dictionaries/ascii/mmcif_pdbx.dic 
# 
loop_
_database_2.database_id 
_database_2.database_code 
_database_2.pdbx_database_accession 
_database_2.pdbx_DOI 
PDB   2FOP         pdb_00002fop 10.2210/pdb2fop/pdb 
RCSB  RCSB036127   ?            ?                   
WWPDB D_1000036127 ?            ?                   
# 
loop_
_pdbx_database_related.db_name 
_pdbx_database_related.db_id 
_pdbx_database_related.details 
_pdbx_database_related.content_type 
PDB 2FOO . unspecified 
PDB 2FOJ . unspecified 
PDB 1YY6 . unspecified 
PDB 1YZE . unspecified 
# 
_pdbx_database_status.status_code                     REL 
_pdbx_database_status.entry_id                        2FOP 
_pdbx_database_status.recvd_initial_deposition_date   2006-01-13 
_pdbx_database_status.deposit_site                    RCSB 
_pdbx_database_status.process_site                    RCSB 
_pdbx_database_status.status_code_sf                  REL 
_pdbx_database_status.status_code_mr                  ? 
_pdbx_database_status.SG_entry                        ? 
_pdbx_database_status.status_code_cs                  ? 
_pdbx_database_status.methods_development_category    ? 
_pdbx_database_status.pdb_format_compatible           Y 
_pdbx_database_status.status_code_nmr_data            ? 
# 
loop_
_audit_author.name 
_audit_author.pdbx_ordinal 
'Saridakis, V.'    1 
'Sheng, Y.'        2 
'Sarkari, F.'      3 
'Duan, S.'         4 
'Wu, T.'           5 
'Arrowsmith, C.H.' 6 
'Frappier, L.'     7 
# 
_citation.id                        primary 
_citation.title                     'Molecular recognition of p53 and MDM2 by USP7/HAUSP' 
_citation.journal_abbrev            Nat.Struct.Mol.Biol. 
_citation.journal_volume            13 
_citation.page_first                285 
_citation.page_last                 291 
_citation.year                      2006 
_citation.journal_id_ASTM           ? 
_citation.country                   US 
_citation.journal_id_ISSN           1545-9993 
_citation.journal_id_CSD            ? 
_citation.book_publisher            ? 
_citation.pdbx_database_id_PubMed   16474402 
_citation.pdbx_database_id_DOI      10.1038/nsmb1067 
# 
loop_
_citation_author.citation_id 
_citation_author.name 
_citation_author.ordinal 
_citation_author.identifier_ORCID 
primary 'Sheng, Y.'        1 ? 
primary 'Saridakis, V.'    2 ? 
primary 'Sarkari, F.'      3 ? 
primary 'Duan, S.'         4 ? 
primary 'Wu, T.'           5 ? 
primary 'Arrowsmith, C.H.' 6 ? 
primary 'Frappier, L.'     7 ? 
# 
_cell.entry_id           2FOP 
_cell.length_a           69.900 
_cell.length_b           69.900 
_cell.length_c           45.700 
_cell.angle_alpha        90.00 
_cell.angle_beta         90.00 
_cell.angle_gamma        90.00 
_cell.Z_PDB              4 
_cell.pdbx_unique_axis   ? 
_cell.length_a_esd       ? 
_cell.length_b_esd       ? 
_cell.length_c_esd       ? 
_cell.angle_alpha_esd    ? 
_cell.angle_beta_esd     ? 
_cell.angle_gamma_esd    ? 
# 
_symmetry.entry_id                         2FOP 
_symmetry.space_group_name_H-M             'P 41' 
_symmetry.pdbx_full_space_group_name_H-M   ? 
_symmetry.cell_setting                     ? 
_symmetry.Int_Tables_number                76 
_symmetry.space_group_name_Hall            ? 
# 
loop_
_entity.id 
_entity.type 
_entity.src_method 
_entity.pdbx_description 
_entity.formula_weight 
_entity.pdbx_number_of_molecules 
_entity.pdbx_ec 
_entity.pdbx_mutation 
_entity.pdbx_fragment 
_entity.details 
1 polymer man 'Ubiquitin carboxyl-terminal hydrolase 7' 18133.102 1   3.1.2.15 ? 'MATH domain' ? 
2 polymer syn 'mdm2 peptide'                            634.657   1   ?        ? ?             ? 
3 water   nat water                                     18.015    138 ?        ? ?             ? 
# 
_entity_name_com.entity_id   1 
_entity_name_com.name        
;Ubiquitin thiolesterase 7, Ubiquitin-specific processing protease 7, Deubiquitinating enzyme 7, Herpesvirus associated ubiquitin-specific protease
;
# 
loop_
_entity_poly.entity_id 
_entity_poly.type 
_entity_poly.nstd_linkage 
_entity_poly.nstd_monomer 
_entity_poly.pdbx_seq_one_letter_code 
_entity_poly.pdbx_seq_one_letter_code_can 
_entity_poly.pdbx_strand_id 
_entity_poly.pdbx_target_identifier 
1 'polypeptide(L)' no no 
;GSHTAEEDMEDDTSWRSEATFQFTVERFSRLSESVLSPPCFVRNLPWKIMVMPRFYPDRPHQKSVGFFLQCNAESDSTSW
SCHAQAVLKIINYRDDEKSFSRRISHLFFHKENDWGFSNFMAWSEVTDPEKGFIDDDKVTFEVFVQADAPHGVAW
;
;GSHTAEEDMEDDTSWRSEATFQFTVERFSRLSESVLSPPCFVRNLPWKIMVMPRFYPDRPHQKSVGFFLQCNAESDSTSW
SCHAQAVLKIINYRDDEKSFSRRISHLFFHKENDWGFSNFMAWSEVTDPEKGFIDDDKVTFEVFVQADAPHGVAW
;
A ? 
2 'polypeptide(L)' no no EKPSSS EKPSSS B ? 
# 
loop_
_entity_poly_seq.entity_id 
_entity_poly_seq.num 
_entity_poly_seq.mon_id 
_entity_poly_seq.hetero 
1 1   GLY n 
1 2   SER n 
1 3   HIS n 
1 4   THR n 
1 5   ALA n 
1 6   GLU n 
1 7   GLU n 
1 8   ASP n 
1 9   MET n 
1 10  GLU n 
1 11  ASP n 
1 12  ASP n 
1 13  THR n 
1 14  SER n 
1 15  TRP n 
1 16  ARG n 
1 17  SER n 
1 18  GLU n 
1 19  ALA n 
1 20  THR n 
1 21  PHE n 
1 22  GLN n 
1 23  PHE n 
1 24  THR n 
1 25  VAL n 
1 26  GLU n 
1 27  ARG n 
1 28  PHE n 
1 29  SER n 
1 30  ARG n 
1 31  LEU n 
1 32  SER n 
1 33  GLU n 
1 34  SER n 
1 35  VAL n 
1 36  LEU n 
1 37  SER n 
1 38  PRO n 
1 39  PRO n 
1 40  CYS n 
1 41  PHE n 
1 42  VAL n 
1 43  ARG n 
1 44  ASN n 
1 45  LEU n 
1 46  PRO n 
1 47  TRP n 
1 48  LYS n 
1 49  ILE n 
1 50  MET n 
1 51  VAL n 
1 52  MET n 
1 53  PRO n 
1 54  ARG n 
1 55  PHE n 
1 56  TYR n 
1 57  PRO n 
1 58  ASP n 
1 59  ARG n 
1 60  PRO n 
1 61  HIS n 
1 62  GLN n 
1 63  LYS n 
1 64  SER n 
1 65  VAL n 
1 66  GLY n 
1 67  PHE n 
1 68  PHE n 
1 69  LEU n 
1 70  GLN n 
1 71  CYS n 
1 72  ASN n 
1 73  ALA n 
1 74  GLU n 
1 75  SER n 
1 76  ASP n 
1 77  SER n 
1 78  THR n 
1 79  SER n 
1 80  TRP n 
1 81  SER n 
1 82  CYS n 
1 83  HIS n 
1 84  ALA n 
1 85  GLN n 
1 86  ALA n 
1 87  VAL n 
1 88  LEU n 
1 89  LYS n 
1 90  ILE n 
1 91  ILE n 
1 92  ASN n 
1 93  TYR n 
1 94  ARG n 
1 95  ASP n 
1 96  ASP n 
1 97  GLU n 
1 98  LYS n 
1 99  SER n 
1 100 PHE n 
1 101 SER n 
1 102 ARG n 
1 103 ARG n 
1 104 ILE n 
1 105 SER n 
1 106 HIS n 
1 107 LEU n 
1 108 PHE n 
1 109 PHE n 
1 110 HIS n 
1 111 LYS n 
1 112 GLU n 
1 113 ASN n 
1 114 ASP n 
1 115 TRP n 
1 116 GLY n 
1 117 PHE n 
1 118 SER n 
1 119 ASN n 
1 120 PHE n 
1 121 MET n 
1 122 ALA n 
1 123 TRP n 
1 124 SER n 
1 125 GLU n 
1 126 VAL n 
1 127 THR n 
1 128 ASP n 
1 129 PRO n 
1 130 GLU n 
1 131 LYS n 
1 132 GLY n 
1 133 PHE n 
1 134 ILE n 
1 135 ASP n 
1 136 ASP n 
1 137 ASP n 
1 138 LYS n 
1 139 VAL n 
1 140 THR n 
1 141 PHE n 
1 142 GLU n 
1 143 VAL n 
1 144 PHE n 
1 145 VAL n 
1 146 GLN n 
1 147 ALA n 
1 148 ASP n 
1 149 ALA n 
1 150 PRO n 
1 151 HIS n 
1 152 GLY n 
1 153 VAL n 
1 154 ALA n 
1 155 TRP n 
2 1   GLU n 
2 2   LYS n 
2 3   PRO n 
2 4   SER n 
2 5   SER n 
2 6   SER n 
# 
_entity_src_gen.entity_id                          1 
_entity_src_gen.pdbx_src_id                        1 
_entity_src_gen.pdbx_alt_source_flag               sample 
_entity_src_gen.pdbx_seq_type                      ? 
_entity_src_gen.pdbx_beg_seq_num                   ? 
_entity_src_gen.pdbx_end_seq_num                   ? 
_entity_src_gen.gene_src_common_name               human 
_entity_src_gen.gene_src_genus                     Homo 
_entity_src_gen.pdbx_gene_src_gene                 'HAUSP, USP7' 
_entity_src_gen.gene_src_species                   ? 
_entity_src_gen.gene_src_strain                    ? 
_entity_src_gen.gene_src_tissue                    ? 
_entity_src_gen.gene_src_tissue_fraction           ? 
_entity_src_gen.gene_src_details                   ? 
_entity_src_gen.pdbx_gene_src_fragment             ? 
_entity_src_gen.pdbx_gene_src_scientific_name      'Homo sapiens' 
_entity_src_gen.pdbx_gene_src_ncbi_taxonomy_id     9606 
_entity_src_gen.pdbx_gene_src_variant              ? 
_entity_src_gen.pdbx_gene_src_cell_line            ? 
_entity_src_gen.pdbx_gene_src_atcc                 ? 
_entity_src_gen.pdbx_gene_src_organ                ? 
_entity_src_gen.pdbx_gene_src_organelle            ? 
_entity_src_gen.pdbx_gene_src_cell                 ? 
_entity_src_gen.pdbx_gene_src_cellular_location    ? 
_entity_src_gen.host_org_common_name               ? 
_entity_src_gen.pdbx_host_org_scientific_name      'Escherichia coli BL21(DE3)' 
_entity_src_gen.pdbx_host_org_ncbi_taxonomy_id     469008 
_entity_src_gen.host_org_genus                     Escherichia 
_entity_src_gen.pdbx_host_org_gene                 ? 
_entity_src_gen.pdbx_host_org_organ                ? 
_entity_src_gen.host_org_species                   'Escherichia coli' 
_entity_src_gen.pdbx_host_org_tissue               ? 
_entity_src_gen.pdbx_host_org_tissue_fraction      ? 
_entity_src_gen.pdbx_host_org_strain               'BL21(DE3)' 
_entity_src_gen.pdbx_host_org_variant              ? 
_entity_src_gen.pdbx_host_org_cell_line            ? 
_entity_src_gen.pdbx_host_org_atcc                 ? 
_entity_src_gen.pdbx_host_org_culture_collection   ? 
_entity_src_gen.pdbx_host_org_cell                 ? 
_entity_src_gen.pdbx_host_org_organelle            ? 
_entity_src_gen.pdbx_host_org_cellular_location    ? 
_entity_src_gen.pdbx_host_org_vector_type          plasmid 
_entity_src_gen.pdbx_host_org_vector               ? 
_entity_src_gen.host_org_details                   ? 
_entity_src_gen.expression_system_id               ? 
_entity_src_gen.plasmid_name                       pET15B 
_entity_src_gen.plasmid_details                    ? 
_entity_src_gen.pdbx_description                   ? 
# 
loop_
_struct_ref.id 
_struct_ref.db_name 
_struct_ref.db_code 
_struct_ref.pdbx_db_accession 
_struct_ref.entity_id 
_struct_ref.pdbx_seq_one_letter_code 
_struct_ref.pdbx_align_begin 
_struct_ref.pdbx_db_isoform 
1 UNP UBP7_HUMAN Q93009 1 
;TAEEDMEDDTSWRSEATFQFTVERFSRLSESVLSPPCFVRNLPWKIMVMPRFYPDRPHQKSVGFFLQCNAESDSTSWSCH
AQAVLKIINYRDDEKSFSRRISHLFFHKENDWGFSNFMAWSEVTDPEKGFIDDDKVTFEVFVQADAPHGVAW
;
54 ? 
2 PDB 2FOP       2FOP   2 ? ?  ? 
# 
loop_
_struct_ref_seq.align_id 
_struct_ref_seq.ref_id 
_struct_ref_seq.pdbx_PDB_id_code 
_struct_ref_seq.pdbx_strand_id 
_struct_ref_seq.seq_align_beg 
_struct_ref_seq.pdbx_seq_align_beg_ins_code 
_struct_ref_seq.seq_align_end 
_struct_ref_seq.pdbx_seq_align_end_ins_code 
_struct_ref_seq.pdbx_db_accession 
_struct_ref_seq.db_align_beg 
_struct_ref_seq.pdbx_db_align_beg_ins_code 
_struct_ref_seq.db_align_end 
_struct_ref_seq.pdbx_db_align_end_ins_code 
_struct_ref_seq.pdbx_auth_seq_align_beg 
_struct_ref_seq.pdbx_auth_seq_align_end 
1 1 2FOP A 4 ? 155 ? Q93009 54  ? 205 ? 54  205 
2 2 2FOP B 1 ? 6   ? 2FOP   142 ? 147 ? 142 147 
# 
loop_
_struct_ref_seq_dif.align_id 
_struct_ref_seq_dif.pdbx_pdb_id_code 
_struct_ref_seq_dif.mon_id 
_struct_ref_seq_dif.pdbx_pdb_strand_id 
_struct_ref_seq_dif.seq_num 
_struct_ref_seq_dif.pdbx_pdb_ins_code 
_struct_ref_seq_dif.pdbx_seq_db_name 
_struct_ref_seq_dif.pdbx_seq_db_accession_code 
_struct_ref_seq_dif.db_mon_id 
_struct_ref_seq_dif.pdbx_seq_db_seq_num 
_struct_ref_seq_dif.details 
_struct_ref_seq_dif.pdbx_auth_seq_num 
_struct_ref_seq_dif.pdbx_ordinal 
1 2FOP GLY A 1 ? UNP Q93009 ? ? 'cloning artifact' 51 1 
1 2FOP SER A 2 ? UNP Q93009 ? ? 'cloning artifact' 52 2 
1 2FOP HIS A 3 ? UNP Q93009 ? ? 'cloning artifact' 53 3 
# 
loop_
_chem_comp.id 
_chem_comp.type 
_chem_comp.mon_nstd_flag 
_chem_comp.name 
_chem_comp.pdbx_synonyms 
_chem_comp.formula 
_chem_comp.formula_weight 
ALA 'L-peptide linking' y ALANINE         ? 'C3 H7 N O2'     89.093  
ARG 'L-peptide linking' y ARGININE        ? 'C6 H15 N4 O2 1' 175.209 
ASN 'L-peptide linking' y ASPARAGINE      ? 'C4 H8 N2 O3'    132.118 
ASP 'L-peptide linking' y 'ASPARTIC ACID' ? 'C4 H7 N O4'     133.103 
CYS 'L-peptide linking' y CYSTEINE        ? 'C3 H7 N O2 S'   121.158 
GLN 'L-peptide linking' y GLUTAMINE       ? 'C5 H10 N2 O3'   146.144 
GLU 'L-peptide linking' y 'GLUTAMIC ACID' ? 'C5 H9 N O4'     147.129 
GLY 'peptide linking'   y GLYCINE         ? 'C2 H5 N O2'     75.067  
HIS 'L-peptide linking' y HISTIDINE       ? 'C6 H10 N3 O2 1' 156.162 
HOH non-polymer         . WATER           ? 'H2 O'           18.015  
ILE 'L-peptide linking' y ISOLEUCINE      ? 'C6 H13 N O2'    131.173 
LEU 'L-peptide linking' y LEUCINE         ? 'C6 H13 N O2'    131.173 
LYS 'L-peptide linking' y LYSINE          ? 'C6 H15 N2 O2 1' 147.195 
MET 'L-peptide linking' y METHIONINE      ? 'C5 H11 N O2 S'  149.211 
PHE 'L-peptide linking' y PHENYLALANINE   ? 'C9 H11 N O2'    165.189 
PRO 'L-peptide linking' y PROLINE         ? 'C5 H9 N O2'     115.130 
SER 'L-peptide linking' y SERINE          ? 'C3 H7 N O3'     105.093 
THR 'L-peptide linking' y THREONINE       ? 'C4 H9 N O3'     119.119 
TRP 'L-peptide linking' y TRYPTOPHAN      ? 'C11 H12 N2 O2'  204.225 
TYR 'L-peptide linking' y TYROSINE        ? 'C9 H11 N O3'    181.189 
VAL 'L-peptide linking' y VALINE          ? 'C5 H11 N O2'    117.146 
# 
_exptl.entry_id          2FOP 
_exptl.method            'X-RAY DIFFRACTION' 
_exptl.crystals_number   1 
# 
_exptl_crystal.id                    1 
_exptl_crystal.density_meas          ? 
_exptl_crystal.density_Matthews      2.97 
_exptl_crystal.density_percent_sol   58.63 
_exptl_crystal.description           ? 
_exptl_crystal.F_000                 ? 
_exptl_crystal.preparation           ? 
# 
_exptl_crystal_grow.crystal_id      1 
_exptl_crystal_grow.method          'VAPOR DIFFUSION, HANGING DROP' 
_exptl_crystal_grow.temp            277 
_exptl_crystal_grow.temp_details    ? 
_exptl_crystal_grow.pH              8.5 
_exptl_crystal_grow.pdbx_details    
'30% PEG4K, 0.1 M Tris, 0.2 M Lithium Sulfate, VAPOR DIFFUSION, HANGING DROP, temperature 277K, pH 8.5' 
_exptl_crystal_grow.pdbx_pH_range   . 
# 
_diffrn.id                     1 
_diffrn.ambient_temp           100 
_diffrn.ambient_temp_details   ? 
_diffrn.crystal_id             1 
# 
_diffrn_detector.diffrn_id              1 
_diffrn_detector.detector               'IMAGE PLATE' 
_diffrn_detector.type                   'RIGAKU RAXIS IV' 
_diffrn_detector.pdbx_collection_date   2005-09-30 
_diffrn_detector.details                ? 
# 
_diffrn_radiation.diffrn_id                        1 
_diffrn_radiation.wavelength_id                    1 
_diffrn_radiation.pdbx_monochromatic_or_laue_m_l   M 
_diffrn_radiation.monochromator                    ? 
_diffrn_radiation.pdbx_diffrn_protocol             'SINGLE WAVELENGTH' 
_diffrn_radiation.pdbx_scattering_type             x-ray 
# 
_diffrn_radiation_wavelength.id           1 
_diffrn_radiation_wavelength.wavelength   1.5418 
_diffrn_radiation_wavelength.wt           1.0 
# 
_diffrn_source.diffrn_id                   1 
_diffrn_source.source                      'ROTATING ANODE' 
_diffrn_source.type                        OTHER 
_diffrn_source.pdbx_synchrotron_site       ? 
_diffrn_source.pdbx_synchrotron_beamline   ? 
_diffrn_source.pdbx_wavelength             ? 
_diffrn_source.pdbx_wavelength_list        1.5418 
# 
_reflns.entry_id                     2FOP 
_reflns.observed_criterion_sigma_I   ? 
_reflns.observed_criterion_sigma_F   ? 
_reflns.d_resolution_low             30.0 
_reflns.d_resolution_high            2.1 
_reflns.number_obs                   10923 
_reflns.number_all                   13054 
_reflns.percent_possible_obs         ? 
_reflns.pdbx_Rmerge_I_obs            ? 
_reflns.pdbx_Rsym_value              0.112 
_reflns.pdbx_netI_over_sigmaI        4.3 
_reflns.B_iso_Wilson_estimate        11.4 
_reflns.pdbx_redundancy              2.5 
_reflns.R_free_details               ? 
_reflns.limit_h_max                  ? 
_reflns.limit_h_min                  ? 
_reflns.limit_k_max                  ? 
_reflns.limit_k_min                  ? 
_reflns.limit_l_max                  ? 
_reflns.limit_l_min                  ? 
_reflns.observed_criterion_F_max     ? 
_reflns.observed_criterion_F_min     ? 
_reflns.pdbx_chi_squared             ? 
_reflns.pdbx_scaling_rejects         ? 
_reflns.pdbx_ordinal                 1 
_reflns.pdbx_diffrn_id               1 
# 
_reflns_shell.d_res_high             2.10 
_reflns_shell.d_res_low              2.18 
_reflns_shell.percent_possible_all   ? 
_reflns_shell.Rmerge_I_obs           ? 
_reflns_shell.pdbx_Rsym_value        0.543 
_reflns_shell.meanI_over_sigI_obs    2.0 
_reflns_shell.pdbx_redundancy        2.1 
_reflns_shell.percent_possible_obs   ? 
_reflns_shell.number_unique_all      ? 
_reflns_shell.number_measured_all    ? 
_reflns_shell.number_measured_obs    ? 
_reflns_shell.number_unique_obs      ? 
_reflns_shell.pdbx_chi_squared       ? 
_reflns_shell.pdbx_ordinal           1 
_reflns_shell.pdbx_diffrn_id         1 
# 
_refine.entry_id                                 2FOP 
_refine.ls_number_reflns_obs                     10915 
_refine.ls_number_reflns_all                     ? 
_refine.pdbx_ls_sigma_I                          ? 
_refine.pdbx_ls_sigma_F                          0.0 
_refine.pdbx_data_cutoff_high_absF               170841.63 
_refine.pdbx_data_cutoff_low_absF                0.000000 
_refine.pdbx_data_cutoff_high_rms_absF           ? 
_refine.ls_d_res_low                             19.90 
_refine.ls_d_res_high                            2.10 
_refine.ls_percent_reflns_obs                    83.7 
_refine.ls_R_factor_obs                          0.206 
_refine.ls_R_factor_all                          ? 
_refine.ls_R_factor_R_work                       0.206 
_refine.ls_R_factor_R_free                       0.25 
_refine.ls_R_factor_R_free_error                 0.011 
_refine.ls_R_factor_R_free_error_details         ? 
_refine.ls_percent_reflns_R_free                 5.0 
_refine.ls_number_reflns_R_free                  549 
_refine.ls_number_parameters                     ? 
_refine.ls_number_restraints                     ? 
_refine.occupancy_min                            ? 
_refine.occupancy_max                            ? 
_refine.correlation_coeff_Fo_to_Fc               ? 
_refine.correlation_coeff_Fo_to_Fc_free          ? 
_refine.B_iso_mean                               21.6 
_refine.aniso_B[1][1]                            -1.19 
_refine.aniso_B[2][2]                            -1.19 
_refine.aniso_B[3][3]                            2.37 
_refine.aniso_B[1][2]                            0.00 
_refine.aniso_B[1][3]                            0.00 
_refine.aniso_B[2][3]                            0.00 
_refine.solvent_model_details                    'FLAT MODEL' 
_refine.solvent_model_param_ksol                 0.371217 
_refine.solvent_model_param_bsol                 46.0416 
_refine.pdbx_solvent_vdw_probe_radii             ? 
_refine.pdbx_solvent_ion_probe_radii             ? 
_refine.pdbx_solvent_shrinkage_radii             ? 
_refine.pdbx_ls_cross_valid_method               THROUGHOUT 
_refine.details                                  ? 
_refine.pdbx_starting_model                      'pdb entry 1YY6' 
_refine.pdbx_method_to_determine_struct          'MOLECULAR REPLACEMENT' 
_refine.pdbx_isotropic_thermal_model             RESTRAINED 
_refine.pdbx_stereochemistry_target_values       ? 
_refine.pdbx_stereochem_target_val_spec_case     ? 
_refine.pdbx_R_Free_selection_details            RANDOM 
_refine.pdbx_overall_ESU_R                       ? 
_refine.pdbx_overall_ESU_R_Free                  ? 
_refine.overall_SU_ML                            ? 
_refine.overall_SU_B                             ? 
_refine.ls_redundancy_reflns_obs                 ? 
_refine.B_iso_min                                ? 
_refine.B_iso_max                                ? 
_refine.overall_SU_R_Cruickshank_DPI             ? 
_refine.overall_SU_R_free                        ? 
_refine.ls_wR_factor_R_free                      ? 
_refine.ls_wR_factor_R_work                      ? 
_refine.overall_FOM_free_R_set                   ? 
_refine.overall_FOM_work_R_set                   ? 
_refine.pdbx_refine_id                           'X-RAY DIFFRACTION' 
_refine.pdbx_overall_phase_error                 ? 
_refine.pdbx_diffrn_id                           1 
_refine.pdbx_TLS_residual_ADP_flag               ? 
_refine.pdbx_overall_SU_R_free_Cruickshank_DPI   ? 
_refine.pdbx_overall_SU_R_Blow_DPI               ? 
_refine.pdbx_overall_SU_R_free_Blow_DPI          ? 
# 
_refine_analyze.entry_id                        2FOP 
_refine_analyze.Luzzati_coordinate_error_obs    0.24 
_refine_analyze.Luzzati_sigma_a_obs             0.21 
_refine_analyze.Luzzati_d_res_low_obs           5.00 
_refine_analyze.Luzzati_coordinate_error_free   0.31 
_refine_analyze.Luzzati_sigma_a_free            0.21 
_refine_analyze.Luzzati_d_res_low_free          ? 
_refine_analyze.number_disordered_residues      ? 
_refine_analyze.occupancy_sum_hydrogen          ? 
_refine_analyze.occupancy_sum_non_hydrogen      ? 
_refine_analyze.pdbx_Luzzati_d_res_high_obs     ? 
_refine_analyze.pdbx_refine_id                  'X-RAY DIFFRACTION' 
# 
_refine_hist.pdbx_refine_id                   'X-RAY DIFFRACTION' 
_refine_hist.cycle_id                         LAST 
_refine_hist.pdbx_number_atoms_protein        1178 
_refine_hist.pdbx_number_atoms_nucleic_acid   0 
_refine_hist.pdbx_number_atoms_ligand         0 
_refine_hist.number_atoms_solvent             138 
_refine_hist.number_atoms_total               1316 
_refine_hist.d_res_high                       2.10 
_refine_hist.d_res_low                        19.90 
# 
loop_
_refine_ls_restr.type 
_refine_ls_restr.dev_ideal 
_refine_ls_restr.dev_ideal_target 
_refine_ls_restr.weight 
_refine_ls_restr.number 
_refine_ls_restr.pdbx_refine_id 
_refine_ls_restr.pdbx_restraint_function 
c_bond_d           0.006 ?    ? ? 'X-RAY DIFFRACTION' ? 
c_angle_deg        1.4   ?    ? ? 'X-RAY DIFFRACTION' ? 
c_dihedral_angle_d 24.9  ?    ? ? 'X-RAY DIFFRACTION' ? 
c_improper_angle_d 0.85  ?    ? ? 'X-RAY DIFFRACTION' ? 
c_mcbond_it        1.44  1.50 ? ? 'X-RAY DIFFRACTION' ? 
c_mcangle_it       2.19  2.00 ? ? 'X-RAY DIFFRACTION' ? 
c_scbond_it        2.31  2.00 ? ? 'X-RAY DIFFRACTION' ? 
c_scangle_it       3.31  2.50 ? ? 'X-RAY DIFFRACTION' ? 
# 
_refine_ls_shell.pdbx_total_number_of_bins_used   6 
_refine_ls_shell.d_res_high                       2.10 
_refine_ls_shell.d_res_low                        2.23 
_refine_ls_shell.number_reflns_R_work             1580 
_refine_ls_shell.R_factor_R_work                  0.243 
_refine_ls_shell.percent_reflns_obs               76.8 
_refine_ls_shell.R_factor_R_free                  0.298 
_refine_ls_shell.R_factor_R_free_error            0.036 
_refine_ls_shell.percent_reflns_R_free            4.1 
_refine_ls_shell.number_reflns_R_free             67 
_refine_ls_shell.number_reflns_all                ? 
_refine_ls_shell.R_factor_all                     ? 
_refine_ls_shell.number_reflns_obs                ? 
_refine_ls_shell.redundancy_reflns_obs            ? 
_refine_ls_shell.pdbx_refine_id                   'X-RAY DIFFRACTION' 
# 
loop_
_pdbx_xplor_file.serial_no 
_pdbx_xplor_file.param_file 
_pdbx_xplor_file.topol_file 
_pdbx_xplor_file.pdbx_refine_id 
1 protein_rep.param protein.top   'X-RAY DIFFRACTION' 
2 ?                 water_rep.top 'X-RAY DIFFRACTION' 
3 water_rep.param   ?             'X-RAY DIFFRACTION' 
# 
_struct.entry_id                  2FOP 
_struct.title                     
'The Crystal Structure of the N-terminal domain of HAUSP/USP7 complexed with mdm2 peptide 147-150' 
_struct.pdbx_model_details        ? 
_struct.pdbx_CASP_flag            ? 
_struct.pdbx_model_type_details   ? 
# 
_struct_keywords.entry_id        2FOP 
_struct_keywords.pdbx_keywords   HYDROLASE 
_struct_keywords.text            'MATH Domain, HYDROLASE' 
# 
loop_
_struct_asym.id 
_struct_asym.pdbx_blank_PDB_chainid_flag 
_struct_asym.pdbx_modified 
_struct_asym.entity_id 
_struct_asym.details 
A N N 1 ? 
B N N 2 ? 
C N N 3 ? 
D N N 3 ? 
# 
_struct_biol.id   1 
# 
loop_
_struct_conf.conf_type_id 
_struct_conf.id 
_struct_conf.pdbx_PDB_helix_id 
_struct_conf.beg_label_comp_id 
_struct_conf.beg_label_asym_id 
_struct_conf.beg_label_seq_id 
_struct_conf.pdbx_beg_PDB_ins_code 
_struct_conf.end_label_comp_id 
_struct_conf.end_label_asym_id 
_struct_conf.end_label_seq_id 
_struct_conf.pdbx_end_PDB_ins_code 
_struct_conf.beg_auth_comp_id 
_struct_conf.beg_auth_asym_id 
_struct_conf.beg_auth_seq_id 
_struct_conf.end_auth_comp_id 
_struct_conf.end_auth_asym_id 
_struct_conf.end_auth_seq_id 
_struct_conf.pdbx_PDB_helix_class 
_struct_conf.details 
_struct_conf.pdbx_PDB_helix_length 
HELX_P HELX_P1 1 ARG A 27  ? LEU A 31  ? ARG A 77  LEU A 81  5 ? 5 
HELX_P HELX_P2 2 ASP A 95  ? SER A 99  ? ASP A 145 SER A 149 5 ? 5 
HELX_P HELX_P3 3 TRP A 123 ? THR A 127 ? TRP A 173 THR A 177 1 ? 5 
# 
_struct_conf_type.id          HELX_P 
_struct_conf_type.criteria    ? 
_struct_conf_type.reference   ? 
# 
loop_
_struct_sheet.id 
_struct_sheet.type 
_struct_sheet.number_strands 
_struct_sheet.details 
A ? 4 ? 
B ? 3 ? 
C ? 4 ? 
# 
loop_
_struct_sheet_order.sheet_id 
_struct_sheet_order.range_id_1 
_struct_sheet_order.range_id_2 
_struct_sheet_order.offset 
_struct_sheet_order.sense 
A 1 2 ? anti-parallel 
A 2 3 ? anti-parallel 
A 3 4 ? anti-parallel 
B 1 2 ? anti-parallel 
B 2 3 ? anti-parallel 
C 1 2 ? anti-parallel 
C 2 3 ? anti-parallel 
C 3 4 ? anti-parallel 
# 
loop_
_struct_sheet_range.sheet_id 
_struct_sheet_range.id 
_struct_sheet_range.beg_label_comp_id 
_struct_sheet_range.beg_label_asym_id 
_struct_sheet_range.beg_label_seq_id 
_struct_sheet_range.pdbx_beg_PDB_ins_code 
_struct_sheet_range.end_label_comp_id 
_struct_sheet_range.end_label_asym_id 
_struct_sheet_range.end_label_seq_id 
_struct_sheet_range.pdbx_end_PDB_ins_code 
_struct_sheet_range.beg_auth_comp_id 
_struct_sheet_range.beg_auth_asym_id 
_struct_sheet_range.beg_auth_seq_id 
_struct_sheet_range.end_auth_comp_id 
_struct_sheet_range.end_auth_asym_id 
_struct_sheet_range.end_auth_seq_id 
A 1 GLU A 18  ? VAL A 25  ? GLU A 68  VAL A 75  
A 2 VAL A 139 ? ALA A 147 ? VAL A 189 ALA A 197 
A 3 SER A 81  ? ILE A 90  ? SER A 131 ILE A 140 
A 4 PHE A 100 ? PHE A 109 ? PHE A 150 PHE A 159 
B 1 VAL A 35  ? LEU A 36  ? VAL A 85  LEU A 86  
B 2 LEU A 45  ? ARG A 54  ? LEU A 95  ARG A 104 
B 3 CYS A 40  ? VAL A 42  ? CYS A 90  VAL A 92  
C 1 VAL A 35  ? LEU A 36  ? VAL A 85  LEU A 86  
C 2 LEU A 45  ? ARG A 54  ? LEU A 95  ARG A 104 
C 3 SER A 64  ? CYS A 71  ? SER A 114 CYS A 121 
C 4 ASP A 114 ? ALA A 122 ? ASP A 164 ALA A 172 
# 
loop_
_pdbx_struct_sheet_hbond.sheet_id 
_pdbx_struct_sheet_hbond.range_id_1 
_pdbx_struct_sheet_hbond.range_id_2 
_pdbx_struct_sheet_hbond.range_1_label_atom_id 
_pdbx_struct_sheet_hbond.range_1_label_comp_id 
_pdbx_struct_sheet_hbond.range_1_label_asym_id 
_pdbx_struct_sheet_hbond.range_1_label_seq_id 
_pdbx_struct_sheet_hbond.range_1_PDB_ins_code 
_pdbx_struct_sheet_hbond.range_1_auth_atom_id 
_pdbx_struct_sheet_hbond.range_1_auth_comp_id 
_pdbx_struct_sheet_hbond.range_1_auth_asym_id 
_pdbx_struct_sheet_hbond.range_1_auth_seq_id 
_pdbx_struct_sheet_hbond.range_2_label_atom_id 
_pdbx_struct_sheet_hbond.range_2_label_comp_id 
_pdbx_struct_sheet_hbond.range_2_label_asym_id 
_pdbx_struct_sheet_hbond.range_2_label_seq_id 
_pdbx_struct_sheet_hbond.range_2_PDB_ins_code 
_pdbx_struct_sheet_hbond.range_2_auth_atom_id 
_pdbx_struct_sheet_hbond.range_2_auth_comp_id 
_pdbx_struct_sheet_hbond.range_2_auth_asym_id 
_pdbx_struct_sheet_hbond.range_2_auth_seq_id 
A 1 2 N PHE A 23  ? N PHE A 73  O PHE A 141 ? O PHE A 191 
A 2 3 O GLU A 142 ? O GLU A 192 N LYS A 89  ? N LYS A 139 
A 3 4 N LEU A 88  ? N LEU A 138 O ARG A 102 ? O ARG A 152 
B 1 2 N VAL A 35  ? N VAL A 85  O VAL A 51  ? O VAL A 101 
B 2 3 O TRP A 47  ? O TRP A 97  N CYS A 40  ? N CYS A 90  
C 1 2 N VAL A 35  ? N VAL A 85  O VAL A 51  ? O VAL A 101 
C 2 3 N MET A 52  ? N MET A 102 O GLY A 66  ? O GLY A 116 
C 3 4 N LEU A 69  ? N LEU A 119 O TRP A 115 ? O TRP A 165 
# 
_atom_sites.entry_id                    2FOP 
_atom_sites.fract_transf_matrix[1][1]   0.01000867 
_atom_sites.fract_transf_matrix[1][2]   0.01022139 
_atom_sites.fract_transf_matrix[1][3]   0.00010639 
_atom_sites.fract_transf_matrix[2][1]   -0.00815530 
_atom_sites.fract_transf_matrix[2][2]   0.00789494 
_atom_sites.fract_transf_matrix[2][3]   0.00870762 
_atom_sites.fract_transf_matrix[3][1]   0.00942631 
_atom_sites.fract_transf_matrix[3][2]   -0.00941085 
_atom_sites.fract_transf_matrix[3][3]   0.01736095 
_atom_sites.fract_transf_vector[1]      0.414395 
_atom_sites.fract_transf_vector[2]      -0.144429 
_atom_sites.fract_transf_vector[3]      -0.391912 
# 
loop_
_atom_type.symbol 
C 
N 
O 
S 
# 
loop_
_atom_site.group_PDB 
_atom_site.id 
_atom_site.type_symbol 
_atom_site.label_atom_id 
_atom_site.label_alt_id 
_atom_site.label_comp_id 
_atom_site.label_asym_id 
_atom_site.label_entity_id 
_atom_site.label_seq_id 
_atom_site.pdbx_PDB_ins_code 
_atom_site.Cartn_x 
_atom_site.Cartn_y 
_atom_site.Cartn_z 
_atom_site.occupancy 
_atom_site.B_iso_or_equiv 
_atom_site.pdbx_formal_charge 
_atom_site.auth_seq_id 
_atom_site.auth_comp_id 
_atom_site.auth_asym_id 
_atom_site.auth_atom_id 
_atom_site.pdbx_PDB_model_num 
ATOM   1    N N   . THR A 1 13  ? -18.631 5.146   8.113   1.00 25.40 ? 63   THR A N   1 
ATOM   2    C CA  . THR A 1 13  ? -18.052 6.510   8.258   1.00 25.89 ? 63   THR A CA  1 
ATOM   3    C C   . THR A 1 13  ? -16.527 6.447   8.323   1.00 23.73 ? 63   THR A C   1 
ATOM   4    O O   . THR A 1 13  ? -15.943 5.372   8.483   1.00 21.73 ? 63   THR A O   1 
ATOM   5    C CB  . THR A 1 13  ? -18.575 7.207   9.537   1.00 29.06 ? 63   THR A CB  1 
ATOM   6    O OG1 . THR A 1 13  ? -18.035 6.560   10.699  1.00 28.81 ? 63   THR A OG1 1 
ATOM   7    C CG2 . THR A 1 13  ? -20.102 7.144   9.586   1.00 27.86 ? 63   THR A CG2 1 
ATOM   8    N N   . SER A 1 14  ? -15.891 7.605   8.210   1.00 22.36 ? 64   SER A N   1 
ATOM   9    C CA  . SER A 1 14  ? -14.434 7.684   8.234   1.00 22.82 ? 64   SER A CA  1 
ATOM   10   C C   . SER A 1 14  ? -13.823 7.189   9.540   1.00 22.47 ? 64   SER A C   1 
ATOM   11   O O   . SER A 1 14  ? -12.631 6.878   9.595   1.00 21.49 ? 64   SER A O   1 
ATOM   12   C CB  . SER A 1 14  ? -13.986 9.121   7.979   1.00 24.73 ? 64   SER A CB  1 
ATOM   13   O OG  . SER A 1 14  ? -14.423 9.976   9.022   1.00 26.85 ? 64   SER A OG  1 
ATOM   14   N N   . TRP A 1 15  ? -14.631 7.117   10.593  1.00 22.98 ? 65   TRP A N   1 
ATOM   15   C CA  . TRP A 1 15  ? -14.132 6.663   11.883  1.00 23.33 ? 65   TRP A CA  1 
ATOM   16   C C   . TRP A 1 15  ? -14.042 5.151   11.956  1.00 21.38 ? 65   TRP A C   1 
ATOM   17   O O   . TRP A 1 15  ? -13.672 4.592   12.983  1.00 21.88 ? 65   TRP A O   1 
ATOM   18   C CB  . TRP A 1 15  ? -15.013 7.193   13.020  1.00 25.38 ? 65   TRP A CB  1 
ATOM   19   C CG  . TRP A 1 15  ? -14.881 8.669   13.212  1.00 27.53 ? 65   TRP A CG  1 
ATOM   20   C CD1 . TRP A 1 15  ? -15.739 9.637   12.771  1.00 27.83 ? 65   TRP A CD1 1 
ATOM   21   C CD2 . TRP A 1 15  ? -13.793 9.355   13.845  1.00 28.39 ? 65   TRP A CD2 1 
ATOM   22   N NE1 . TRP A 1 15  ? -15.251 10.883  13.089  1.00 29.07 ? 65   TRP A NE1 1 
ATOM   23   C CE2 . TRP A 1 15  ? -14.059 10.739  13.749  1.00 28.84 ? 65   TRP A CE2 1 
ATOM   24   C CE3 . TRP A 1 15  ? -12.620 8.935   14.485  1.00 29.08 ? 65   TRP A CE3 1 
ATOM   25   C CZ2 . TRP A 1 15  ? -13.194 11.705  14.268  1.00 30.47 ? 65   TRP A CZ2 1 
ATOM   26   C CZ3 . TRP A 1 15  ? -11.759 9.896   15.001  1.00 29.27 ? 65   TRP A CZ3 1 
ATOM   27   C CH2 . TRP A 1 15  ? -12.052 11.266  14.890  1.00 31.01 ? 65   TRP A CH2 1 
ATOM   28   N N   . ARG A 1 16  ? -14.383 4.496   10.856  1.00 21.32 ? 66   ARG A N   1 
ATOM   29   C CA  . ARG A 1 16  ? -14.332 3.039   10.765  1.00 20.51 ? 66   ARG A CA  1 
ATOM   30   C C   . ARG A 1 16  ? -12.954 2.587   11.257  1.00 18.82 ? 66   ARG A C   1 
ATOM   31   O O   . ARG A 1 16  ? -11.981 3.330   11.131  1.00 18.56 ? 66   ARG A O   1 
ATOM   32   C CB  . ARG A 1 16  ? -14.516 2.623   9.308   1.00 22.35 ? 66   ARG A CB  1 
ATOM   33   C CG  . ARG A 1 16  ? -13.304 2.973   8.457   1.00 25.62 ? 66   ARG A CG  1 
ATOM   34   C CD  . ARG A 1 16  ? -13.640 3.660   7.147   1.00 27.58 ? 66   ARG A CD  1 
ATOM   35   N NE  . ARG A 1 16  ? -14.294 2.781   6.192   1.00 28.88 ? 66   ARG A NE  1 
ATOM   36   C CZ  . ARG A 1 16  ? -14.188 2.903   4.870   1.00 30.88 ? 66   ARG A CZ  1 
ATOM   37   N NH1 . ARG A 1 16  ? -13.443 3.873   4.346   1.00 28.78 ? 66   ARG A NH1 1 
ATOM   38   N NH2 . ARG A 1 16  ? -14.830 2.058   4.071   1.00 26.55 ? 66   ARG A NH2 1 
ATOM   39   N N   . SER A 1 17  ? -12.869 1.374   11.797  1.00 17.35 ? 67   SER A N   1 
ATOM   40   C CA  . SER A 1 17  ? -11.604 0.848   12.310  1.00 16.78 ? 67   SER A CA  1 
ATOM   41   C C   . SER A 1 17  ? -10.847 -0.008  11.287  1.00 16.05 ? 67   SER A C   1 
ATOM   42   O O   . SER A 1 17  ? -9.742  -0.483  11.544  1.00 13.80 ? 67   SER A O   1 
ATOM   43   C CB  . SER A 1 17  ? -11.859 0.032   13.580  1.00 17.60 ? 67   SER A CB  1 
ATOM   44   O OG  . SER A 1 17  ? -12.695 -1.080  13.321  1.00 19.30 ? 67   SER A OG  1 
ATOM   45   N N   . GLU A 1 18  ? -11.450 -0.205  10.125  1.00 16.65 ? 68   GLU A N   1 
ATOM   46   C CA  . GLU A 1 18  ? -10.826 -0.993  9.076   1.00 16.79 ? 68   GLU A CA  1 
ATOM   47   C C   . GLU A 1 18  ? -11.545 -0.770  7.753   1.00 17.59 ? 68   GLU A C   1 
ATOM   48   O O   . GLU A 1 18  ? -12.676 -0.279  7.719   1.00 17.49 ? 68   GLU A O   1 
ATOM   49   C CB  . GLU A 1 18  ? -10.848 -2.481  9.433   1.00 16.14 ? 68   GLU A CB  1 
ATOM   50   C CG  . GLU A 1 18  ? -12.226 -3.111  9.468   1.00 18.70 ? 68   GLU A CG  1 
ATOM   51   C CD  . GLU A 1 18  ? -12.165 -4.594  9.794   1.00 21.20 ? 68   GLU A CD  1 
ATOM   52   O OE1 . GLU A 1 18  ? -11.592 -4.958  10.846  1.00 21.83 ? 68   GLU A OE1 1 
ATOM   53   O OE2 . GLU A 1 18  ? -12.689 -5.399  8.998   1.00 22.32 ? 68   GLU A OE2 1 
ATOM   54   N N   . ALA A 1 19  ? -10.871 -1.123  6.666   1.00 17.35 ? 69   ALA A N   1 
ATOM   55   C CA  . ALA A 1 19  ? -11.433 -0.977  5.333   1.00 16.31 ? 69   ALA A CA  1 
ATOM   56   C C   . ALA A 1 19  ? -10.510 -1.619  4.314   1.00 15.94 ? 69   ALA A C   1 
ATOM   57   O O   . ALA A 1 19  ? -9.350  -1.923  4.600   1.00 15.50 ? 69   ALA A O   1 
ATOM   58   C CB  . ALA A 1 19  ? -11.626 0.496   5.000   1.00 17.10 ? 69   ALA A CB  1 
ATOM   59   N N   . THR A 1 20  ? -11.037 -1.828  3.119   1.00 14.87 ? 70   THR A N   1 
ATOM   60   C CA  . THR A 1 20  ? -10.259 -2.409  2.042   1.00 15.21 ? 70   THR A CA  1 
ATOM   61   C C   . THR A 1 20  ? -10.430 -1.496  0.843   1.00 15.41 ? 70   THR A C   1 
ATOM   62   O O   . THR A 1 20  ? -11.554 -1.189  0.452   1.00 14.71 ? 70   THR A O   1 
ATOM   63   C CB  . THR A 1 20  ? -10.761 -3.814  1.681   1.00 14.32 ? 70   THR A CB  1 
ATOM   64   O OG1 . THR A 1 20  ? -10.643 -4.670  2.821   1.00 13.96 ? 70   THR A OG1 1 
ATOM   65   C CG2 . THR A 1 20  ? -9.934  -4.395  0.543   1.00 14.62 ? 70   THR A CG2 1 
ATOM   66   N N   . PHE A 1 21  ? -9.320  -1.040  0.274   1.00 13.93 ? 71   PHE A N   1 
ATOM   67   C CA  . PHE A 1 21  ? -9.399  -0.163  -0.882  1.00 12.93 ? 71   PHE A CA  1 
ATOM   68   C C   . PHE A 1 21  ? -8.362  -0.564  -1.914  1.00 12.80 ? 71   PHE A C   1 
ATOM   69   O O   . PHE A 1 21  ? -7.372  -1.218  -1.584  1.00 13.01 ? 71   PHE A O   1 
ATOM   70   C CB  . PHE A 1 21  ? -9.223  1.308   -0.465  1.00 11.83 ? 71   PHE A CB  1 
ATOM   71   C CG  . PHE A 1 21  ? -7.859  1.639   0.110   1.00 13.62 ? 71   PHE A CG  1 
ATOM   72   C CD1 . PHE A 1 21  ? -7.490  1.198   1.378   1.00 10.19 ? 71   PHE A CD1 1 
ATOM   73   C CD2 . PHE A 1 21  ? -6.959  2.428   -0.616  1.00 13.24 ? 71   PHE A CD2 1 
ATOM   74   C CE1 . PHE A 1 21  ? -6.247  1.539   1.923   1.00 12.60 ? 71   PHE A CE1 1 
ATOM   75   C CE2 . PHE A 1 21  ? -5.713  2.774   -0.080  1.00 13.78 ? 71   PHE A CE2 1 
ATOM   76   C CZ  . PHE A 1 21  ? -5.358  2.329   1.193   1.00 12.97 ? 71   PHE A CZ  1 
ATOM   77   N N   . GLN A 1 22  ? -8.596  -0.189  -3.167  1.00 12.66 ? 72   GLN A N   1 
ATOM   78   C CA  . GLN A 1 22  ? -7.670  -0.544  -4.231  1.00 13.87 ? 72   GLN A CA  1 
ATOM   79   C C   . GLN A 1 22  ? -7.245  0.659   -5.060  1.00 13.08 ? 72   GLN A C   1 
ATOM   80   O O   . GLN A 1 22  ? -7.910  1.688   -5.071  1.00 14.22 ? 72   GLN A O   1 
ATOM   81   C CB  . GLN A 1 22  ? -8.303  -1.585  -5.156  1.00 14.43 ? 72   GLN A CB  1 
ATOM   82   C CG  . GLN A 1 22  ? -8.989  -2.734  -4.433  1.00 18.70 ? 72   GLN A CG  1 
ATOM   83   C CD  . GLN A 1 22  ? -9.472  -3.820  -5.392  1.00 23.64 ? 72   GLN A CD  1 
ATOM   84   O OE1 . GLN A 1 22  ? -10.010 -3.525  -6.458  1.00 21.87 ? 72   GLN A OE1 1 
ATOM   85   N NE2 . GLN A 1 22  ? -9.292  -5.082  -5.006  1.00 22.54 ? 72   GLN A NE2 1 
ATOM   86   N N   . PHE A 1 23  ? -6.130  0.503   -5.757  1.00 10.51 ? 73   PHE A N   1 
ATOM   87   C CA  . PHE A 1 23  ? -5.586  1.540   -6.625  1.00 13.07 ? 73   PHE A CA  1 
ATOM   88   C C   . PHE A 1 23  ? -5.029  0.807   -7.838  1.00 13.34 ? 73   PHE A C   1 
ATOM   89   O O   . PHE A 1 23  ? -4.234  -0.124  -7.691  1.00 11.49 ? 73   PHE A O   1 
ATOM   90   C CB  . PHE A 1 23  ? -4.458  2.288   -5.912  1.00 10.95 ? 73   PHE A CB  1 
ATOM   91   C CG  . PHE A 1 23  ? -3.843  3.406   -6.722  1.00 12.77 ? 73   PHE A CG  1 
ATOM   92   C CD1 . PHE A 1 23  ? -4.630  4.440   -7.226  1.00 12.48 ? 73   PHE A CD1 1 
ATOM   93   C CD2 . PHE A 1 23  ? -2.466  3.460   -6.919  1.00 12.39 ? 73   PHE A CD2 1 
ATOM   94   C CE1 . PHE A 1 23  ? -4.050  5.516   -7.908  1.00 14.41 ? 73   PHE A CE1 1 
ATOM   95   C CE2 . PHE A 1 23  ? -1.876  4.528   -7.599  1.00 14.40 ? 73   PHE A CE2 1 
ATOM   96   C CZ  . PHE A 1 23  ? -2.670  5.559   -8.094  1.00 13.94 ? 73   PHE A CZ  1 
ATOM   97   N N   . THR A 1 24  ? -5.448  1.220   -9.030  1.00 14.58 ? 74   THR A N   1 
ATOM   98   C CA  . THR A 1 24  ? -4.971  0.589   -10.252 1.00 14.32 ? 74   THR A CA  1 
ATOM   99   C C   . THR A 1 24  ? -3.908  1.460   -10.921 1.00 16.24 ? 74   THR A C   1 
ATOM   100  O O   . THR A 1 24  ? -4.187  2.579   -11.356 1.00 14.59 ? 74   THR A O   1 
ATOM   101  C CB  . THR A 1 24  ? -6.136  0.350   -11.233 1.00 14.70 ? 74   THR A CB  1 
ATOM   102  O OG1 . THR A 1 24  ? -7.134  -0.461  -10.596 1.00 13.25 ? 74   THR A OG1 1 
ATOM   103  C CG2 . THR A 1 24  ? -5.647  -0.368  -12.484 1.00 12.90 ? 74   THR A CG2 1 
ATOM   104  N N   . VAL A 1 25  ? -2.686  0.944   -10.995 1.00 14.72 ? 75   VAL A N   1 
ATOM   105  C CA  . VAL A 1 25  ? -1.596  1.686   -11.618 1.00 15.87 ? 75   VAL A CA  1 
ATOM   106  C C   . VAL A 1 25  ? -1.603  1.449   -13.123 1.00 16.52 ? 75   VAL A C   1 
ATOM   107  O O   . VAL A 1 25  ? -1.481  0.317   -13.574 1.00 16.79 ? 75   VAL A O   1 
ATOM   108  C CB  . VAL A 1 25  ? -0.230  1.249   -11.043 1.00 14.86 ? 75   VAL A CB  1 
ATOM   109  C CG1 . VAL A 1 25  ? 0.874   2.046   -11.693 1.00 13.97 ? 75   VAL A CG1 1 
ATOM   110  C CG2 . VAL A 1 25  ? -0.204  1.458   -9.525  1.00 14.73 ? 75   VAL A CG2 1 
ATOM   111  N N   . GLU A 1 26  ? -1.749  2.521   -13.895 1.00 18.22 ? 76   GLU A N   1 
ATOM   112  C CA  . GLU A 1 26  ? -1.783  2.420   -15.354 1.00 18.60 ? 76   GLU A CA  1 
ATOM   113  C C   . GLU A 1 26  ? -0.402  2.624   -15.977 1.00 18.56 ? 76   GLU A C   1 
ATOM   114  O O   . GLU A 1 26  ? 0.497   3.168   -15.336 1.00 16.88 ? 76   GLU A O   1 
ATOM   115  C CB  . GLU A 1 26  ? -2.786  3.436   -15.911 1.00 20.33 ? 76   GLU A CB  1 
ATOM   116  C CG  . GLU A 1 26  ? -4.216  3.174   -15.429 1.00 22.59 ? 76   GLU A CG  1 
ATOM   117  C CD  . GLU A 1 26  ? -5.198  4.241   -15.858 1.00 23.67 ? 76   GLU A CD  1 
ATOM   118  O OE1 . GLU A 1 26  ? -5.176  4.629   -17.045 1.00 22.47 ? 76   GLU A OE1 1 
ATOM   119  O OE2 . GLU A 1 26  ? -5.999  4.685   -15.006 1.00 23.51 ? 76   GLU A OE2 1 
ATOM   120  N N   . ARG A 1 27  ? -0.242  2.184   -17.225 1.00 17.69 ? 77   ARG A N   1 
ATOM   121  C CA  . ARG A 1 27  ? 1.034   2.291   -17.928 1.00 19.05 ? 77   ARG A CA  1 
ATOM   122  C C   . ARG A 1 27  ? 2.119   1.773   -16.994 1.00 18.33 ? 77   ARG A C   1 
ATOM   123  O O   . ARG A 1 27  ? 3.233   2.285   -16.970 1.00 19.57 ? 77   ARG A O   1 
ATOM   124  C CB  . ARG A 1 27  ? 1.316   3.751   -18.319 1.00 20.19 ? 77   ARG A CB  1 
ATOM   125  C CG  . ARG A 1 27  ? 0.210   4.368   -19.168 1.00 23.31 ? 77   ARG A CG  1 
ATOM   126  C CD  . ARG A 1 27  ? 0.524   5.789   -19.647 1.00 27.57 ? 77   ARG A CD  1 
ATOM   127  N NE  . ARG A 1 27  ? 1.445   5.815   -20.784 1.00 31.44 ? 77   ARG A NE  1 
ATOM   128  C CZ  . ARG A 1 27  ? 2.755   6.042   -20.700 1.00 33.31 ? 77   ARG A CZ  1 
ATOM   129  N NH1 . ARG A 1 27  ? 3.325   6.268   -19.522 1.00 34.46 ? 77   ARG A NH1 1 
ATOM   130  N NH2 . ARG A 1 27  ? 3.497   6.048   -21.800 1.00 34.51 ? 77   ARG A NH2 1 
ATOM   131  N N   . PHE A 1 28  ? 1.769   0.742   -16.233 1.00 17.36 ? 78   PHE A N   1 
ATOM   132  C CA  . PHE A 1 28  ? 2.661   0.133   -15.252 1.00 17.44 ? 78   PHE A CA  1 
ATOM   133  C C   . PHE A 1 28  ? 4.077   -0.174  -15.741 1.00 17.72 ? 78   PHE A C   1 
ATOM   134  O O   . PHE A 1 28  ? 5.056   0.192   -15.089 1.00 15.88 ? 78   PHE A O   1 
ATOM   135  C CB  . PHE A 1 28  ? 2.044   -1.161  -14.715 1.00 16.81 ? 78   PHE A CB  1 
ATOM   136  C CG  . PHE A 1 28  ? 2.738   -1.693  -13.503 1.00 14.64 ? 78   PHE A CG  1 
ATOM   137  C CD1 . PHE A 1 28  ? 2.418   -1.211  -12.241 1.00 15.95 ? 78   PHE A CD1 1 
ATOM   138  C CD2 . PHE A 1 28  ? 3.749   -2.635  -13.626 1.00 13.28 ? 78   PHE A CD2 1 
ATOM   139  C CE1 . PHE A 1 28  ? 3.100   -1.657  -11.118 1.00 17.39 ? 78   PHE A CE1 1 
ATOM   140  C CE2 . PHE A 1 28  ? 4.439   -3.090  -12.508 1.00 16.11 ? 78   PHE A CE2 1 
ATOM   141  C CZ  . PHE A 1 28  ? 4.115   -2.598  -11.250 1.00 13.35 ? 78   PHE A CZ  1 
ATOM   142  N N   . SER A 1 29  ? 4.182   -0.862  -16.874 1.00 16.87 ? 79   SER A N   1 
ATOM   143  C CA  . SER A 1 29  ? 5.488   -1.224  -17.418 1.00 18.42 ? 79   SER A CA  1 
ATOM   144  C C   . SER A 1 29  ? 6.379   0.000   -17.612 1.00 19.91 ? 79   SER A C   1 
ATOM   145  O O   . SER A 1 29  ? 7.598   -0.127  -17.721 1.00 19.09 ? 79   SER A O   1 
ATOM   146  C CB  . SER A 1 29  ? 5.323   -1.943  -18.755 1.00 19.54 ? 79   SER A CB  1 
ATOM   147  O OG  . SER A 1 29  ? 4.768   -1.073  -19.724 1.00 18.63 ? 79   SER A OG  1 
ATOM   148  N N   . ARG A 1 30  ? 5.765   1.180   -17.653 1.00 20.66 ? 80   ARG A N   1 
ATOM   149  C CA  . ARG A 1 30  ? 6.508   2.423   -17.841 1.00 23.72 ? 80   ARG A CA  1 
ATOM   150  C C   . ARG A 1 30  ? 6.730   3.209   -16.550 1.00 21.95 ? 80   ARG A C   1 
ATOM   151  O O   . ARG A 1 30  ? 7.328   4.287   -16.574 1.00 21.40 ? 80   ARG A O   1 
ATOM   152  C CB  . ARG A 1 30  ? 5.793   3.313   -18.864 1.00 26.49 ? 80   ARG A CB  1 
ATOM   153  C CG  . ARG A 1 30  ? 5.796   2.738   -20.270 1.00 33.40 ? 80   ARG A CG  1 
ATOM   154  C CD  . ARG A 1 30  ? 5.182   3.694   -21.282 1.00 38.82 ? 80   ARG A CD  1 
ATOM   155  N NE  . ARG A 1 30  ? 5.874   3.626   -22.570 1.00 43.95 ? 80   ARG A NE  1 
ATOM   156  C CZ  . ARG A 1 30  ? 7.158   3.938   -22.746 1.00 46.61 ? 80   ARG A CZ  1 
ATOM   157  N NH1 . ARG A 1 30  ? 7.896   4.345   -21.718 1.00 46.36 ? 80   ARG A NH1 1 
ATOM   158  N NH2 . ARG A 1 30  ? 7.712   3.844   -23.949 1.00 48.40 ? 80   ARG A NH2 1 
ATOM   159  N N   . LEU A 1 31  ? 6.257   2.672   -15.432 1.00 20.86 ? 81   LEU A N   1 
ATOM   160  C CA  . LEU A 1 31  ? 6.406   3.335   -14.136 1.00 20.82 ? 81   LEU A CA  1 
ATOM   161  C C   . LEU A 1 31  ? 7.859   3.741   -13.912 1.00 21.93 ? 81   LEU A C   1 
ATOM   162  O O   . LEU A 1 31  ? 8.765   2.930   -14.081 1.00 20.85 ? 81   LEU A O   1 
ATOM   163  C CB  . LEU A 1 31  ? 5.947   2.404   -13.007 1.00 18.65 ? 81   LEU A CB  1 
ATOM   164  C CG  . LEU A 1 31  ? 5.930   2.987   -11.591 1.00 19.34 ? 81   LEU A CG  1 
ATOM   165  C CD1 . LEU A 1 31  ? 4.912   4.115   -11.496 1.00 14.67 ? 81   LEU A CD1 1 
ATOM   166  C CD2 . LEU A 1 31  ? 5.593   1.889   -10.597 1.00 18.26 ? 81   LEU A CD2 1 
ATOM   167  N N   . SER A 1 32  ? 8.078   4.996   -13.530 1.00 21.74 ? 82   SER A N   1 
ATOM   168  C CA  . SER A 1 32  ? 9.436   5.478   -13.309 1.00 25.71 ? 82   SER A CA  1 
ATOM   169  C C   . SER A 1 32  ? 9.566   6.305   -12.043 1.00 27.58 ? 82   SER A C   1 
ATOM   170  O O   . SER A 1 32  ? 10.674  6.563   -11.577 1.00 30.74 ? 82   SER A O   1 
ATOM   171  C CB  . SER A 1 32  ? 9.902   6.312   -14.509 1.00 24.17 ? 82   SER A CB  1 
ATOM   172  O OG  . SER A 1 32  ? 9.047   7.427   -14.717 1.00 26.19 ? 82   SER A OG  1 
ATOM   173  N N   . GLU A 1 33  ? 8.438   6.733   -11.494 1.00 28.28 ? 83   GLU A N   1 
ATOM   174  C CA  . GLU A 1 33  ? 8.453   7.536   -10.279 1.00 28.17 ? 83   GLU A CA  1 
ATOM   175  C C   . GLU A 1 33  ? 7.492   6.880   -9.306  1.00 25.16 ? 83   GLU A C   1 
ATOM   176  O O   . GLU A 1 33  ? 6.707   6.019   -9.694  1.00 26.12 ? 83   GLU A O   1 
ATOM   177  C CB  . GLU A 1 33  ? 7.994   8.965   -10.588 1.00 31.74 ? 83   GLU A CB  1 
ATOM   178  C CG  . GLU A 1 33  ? 8.711   10.051  -9.794  1.00 39.09 ? 83   GLU A CG  1 
ATOM   179  C CD  . GLU A 1 33  ? 8.375   10.028  -8.312  1.00 44.51 ? 83   GLU A CD  1 
ATOM   180  O OE1 . GLU A 1 33  ? 7.210   10.330  -7.955  1.00 47.61 ? 83   GLU A OE1 1 
ATOM   181  O OE2 . GLU A 1 33  ? 9.276   9.708   -7.503  1.00 45.46 ? 83   GLU A OE2 1 
ATOM   182  N N   . SER A 1 34  ? 7.561   7.272   -8.044  1.00 22.35 ? 84   SER A N   1 
ATOM   183  C CA  . SER A 1 34  ? 6.666   6.715   -7.040  1.00 21.04 ? 84   SER A CA  1 
ATOM   184  C C   . SER A 1 34  ? 5.258   7.257   -7.301  1.00 18.87 ? 84   SER A C   1 
ATOM   185  O O   . SER A 1 34  ? 5.094   8.422   -7.671  1.00 15.93 ? 84   SER A O   1 
ATOM   186  C CB  . SER A 1 34  ? 7.136   7.124   -5.646  1.00 23.31 ? 84   SER A CB  1 
ATOM   187  O OG  . SER A 1 34  ? 6.541   6.309   -4.656  1.00 29.12 ? 84   SER A OG  1 
ATOM   188  N N   . VAL A 1 35  ? 4.242   6.417   -7.123  1.00 18.97 ? 85   VAL A N   1 
ATOM   189  C CA  . VAL A 1 35  ? 2.867   6.857   -7.346  1.00 17.56 ? 85   VAL A CA  1 
ATOM   190  C C   . VAL A 1 35  ? 2.039   6.708   -6.082  1.00 17.22 ? 85   VAL A C   1 
ATOM   191  O O   . VAL A 1 35  ? 2.249   5.781   -5.299  1.00 19.06 ? 85   VAL A O   1 
ATOM   192  C CB  . VAL A 1 35  ? 2.198   6.067   -8.516  1.00 17.44 ? 85   VAL A CB  1 
ATOM   193  C CG1 . VAL A 1 35  ? 2.058   4.598   -8.157  1.00 16.28 ? 85   VAL A CG1 1 
ATOM   194  C CG2 . VAL A 1 35  ? 0.843   6.674   -8.847  1.00 18.91 ? 85   VAL A CG2 1 
ATOM   195  N N   . LEU A 1 36  ? 1.107   7.636   -5.880  1.00 17.21 ? 86   LEU A N   1 
ATOM   196  C CA  . LEU A 1 36  ? 0.235   7.624   -4.705  1.00 15.98 ? 86   LEU A CA  1 
ATOM   197  C C   . LEU A 1 36  ? -1.226  7.553   -5.099  1.00 14.62 ? 86   LEU A C   1 
ATOM   198  O O   . LEU A 1 36  ? -1.658  8.212   -6.042  1.00 13.16 ? 86   LEU A O   1 
ATOM   199  C CB  . LEU A 1 36  ? 0.438   8.887   -3.860  1.00 20.03 ? 86   LEU A CB  1 
ATOM   200  C CG  . LEU A 1 36  ? 1.677   8.947   -2.968  1.00 24.27 ? 86   LEU A CG  1 
ATOM   201  C CD1 . LEU A 1 36  ? 1.775   10.326  -2.306  1.00 23.68 ? 86   LEU A CD1 1 
ATOM   202  C CD2 . LEU A 1 36  ? 1.587   7.841   -1.916  1.00 22.97 ? 86   LEU A CD2 1 
ATOM   203  N N   . SER A 1 37  ? -1.983  6.764   -4.351  1.00 12.10 ? 87   SER A N   1 
ATOM   204  C CA  . SER A 1 37  ? -3.406  6.604   -4.594  1.00 12.11 ? 87   SER A CA  1 
ATOM   205  C C   . SER A 1 37  ? -4.145  7.676   -3.809  1.00 12.27 ? 87   SER A C   1 
ATOM   206  O O   . SER A 1 37  ? -3.562  8.344   -2.959  1.00 10.96 ? 87   SER A O   1 
ATOM   207  C CB  . SER A 1 37  ? -3.881  5.259   -4.061  1.00 12.54 ? 87   SER A CB  1 
ATOM   208  O OG  . SER A 1 37  ? -3.984  5.319   -2.641  1.00 12.71 ? 87   SER A OG  1 
ATOM   209  N N   . PRO A 1 38  ? -5.437  7.863   -4.098  1.00 13.55 ? 88   PRO A N   1 
ATOM   210  C CA  . PRO A 1 38  ? -6.207  8.865   -3.356  1.00 13.04 ? 88   PRO A CA  1 
ATOM   211  C C   . PRO A 1 38  ? -6.347  8.268   -1.951  1.00 13.52 ? 88   PRO A C   1 
ATOM   212  O O   . PRO A 1 38  ? -6.152  7.062   -1.760  1.00 11.19 ? 88   PRO A O   1 
ATOM   213  C CB  . PRO A 1 38  ? -7.533  8.904   -4.108  1.00 13.35 ? 88   PRO A CB  1 
ATOM   214  C CG  . PRO A 1 38  ? -7.133  8.591   -5.513  1.00 12.69 ? 88   PRO A CG  1 
ATOM   215  C CD  . PRO A 1 38  ? -6.154  7.451   -5.318  1.00 13.64 ? 88   PRO A CD  1 
ATOM   216  N N   . PRO A 1 39  ? -6.700  9.089   -0.952  1.00 14.27 ? 89   PRO A N   1 
ATOM   217  C CA  . PRO A 1 39  ? -6.825  8.534   0.399   1.00 13.03 ? 89   PRO A CA  1 
ATOM   218  C C   . PRO A 1 39  ? -8.086  7.727   0.719   1.00 14.33 ? 89   PRO A C   1 
ATOM   219  O O   . PRO A 1 39  ? -9.149  7.942   0.143   1.00 14.94 ? 89   PRO A O   1 
ATOM   220  C CB  . PRO A 1 39  ? -6.714  9.775   1.280   1.00 15.29 ? 89   PRO A CB  1 
ATOM   221  C CG  . PRO A 1 39  ? -7.429  10.817  0.447   1.00 15.55 ? 89   PRO A CG  1 
ATOM   222  C CD  . PRO A 1 39  ? -6.888  10.555  -0.949  1.00 14.37 ? 89   PRO A CD  1 
ATOM   223  N N   . CYS A 1 40  ? -7.930  6.783   1.642   1.00 13.17 ? 90   CYS A N   1 
ATOM   224  C CA  . CYS A 1 40  ? -9.029  5.967   2.143   1.00 13.82 ? 90   CYS A CA  1 
ATOM   225  C C   . CYS A 1 40  ? -8.997  6.287   3.631   1.00 14.47 ? 90   CYS A C   1 
ATOM   226  O O   . CYS A 1 40  ? -7.970  6.091   4.288   1.00 16.51 ? 90   CYS A O   1 
ATOM   227  C CB  . CYS A 1 40  ? -8.774  4.478   1.938   1.00 13.41 ? 90   CYS A CB  1 
ATOM   228  S SG  . CYS A 1 40  ? -9.981  3.416   2.811   1.00 12.66 ? 90   CYS A SG  1 
ATOM   229  N N   . PHE A 1 41  ? -10.099 6.792   4.163   1.00 12.94 ? 91   PHE A N   1 
ATOM   230  C CA  . PHE A 1 41  ? -10.124 7.150   5.570   1.00 14.11 ? 91   PHE A CA  1 
ATOM   231  C C   . PHE A 1 41  ? -10.493 6.011   6.496   1.00 14.69 ? 91   PHE A C   1 
ATOM   232  O O   . PHE A 1 41  ? -11.475 5.299   6.280   1.00 14.87 ? 91   PHE A O   1 
ATOM   233  C CB  . PHE A 1 41  ? -11.044 8.350   5.789   1.00 14.92 ? 91   PHE A CB  1 
ATOM   234  C CG  . PHE A 1 41  ? -10.568 9.597   5.098   1.00 17.10 ? 91   PHE A CG  1 
ATOM   235  C CD1 . PHE A 1 41  ? -10.904 9.846   3.775   1.00 18.04 ? 91   PHE A CD1 1 
ATOM   236  C CD2 . PHE A 1 41  ? -9.725  10.488  5.752   1.00 20.23 ? 91   PHE A CD2 1 
ATOM   237  C CE1 . PHE A 1 41  ? -10.405 10.964  3.108   1.00 17.80 ? 91   PHE A CE1 1 
ATOM   238  C CE2 . PHE A 1 41  ? -9.216  11.612  5.093   1.00 20.63 ? 91   PHE A CE2 1 
ATOM   239  C CZ  . PHE A 1 41  ? -9.557  11.846  3.769   1.00 19.64 ? 91   PHE A CZ  1 
ATOM   240  N N   . VAL A 1 42  ? -9.667  5.836   7.519   1.00 13.68 ? 92   VAL A N   1 
ATOM   241  C CA  . VAL A 1 42  ? -9.848  4.797   8.526   1.00 13.64 ? 92   VAL A CA  1 
ATOM   242  C C   . VAL A 1 42  ? -9.408  5.462   9.829   1.00 13.18 ? 92   VAL A C   1 
ATOM   243  O O   . VAL A 1 42  ? -8.312  6.013   9.909   1.00 11.85 ? 92   VAL A O   1 
ATOM   244  C CB  . VAL A 1 42  ? -8.967  3.562   8.189   1.00 14.64 ? 92   VAL A CB  1 
ATOM   245  C CG1 . VAL A 1 42  ? -9.155  2.456   9.231   1.00 11.83 ? 92   VAL A CG1 1 
ATOM   246  C CG2 . VAL A 1 42  ? -9.339  3.044   6.800   1.00 12.43 ? 92   VAL A CG2 1 
ATOM   247  N N   . ARG A 1 43  ? -10.268 5.431   10.841  1.00 14.07 ? 93   ARG A N   1 
ATOM   248  C CA  . ARG A 1 43  ? -9.960  6.097   12.104  1.00 14.36 ? 93   ARG A CA  1 
ATOM   249  C C   . ARG A 1 43  ? -9.759  7.576   11.784  1.00 15.72 ? 93   ARG A C   1 
ATOM   250  O O   . ARG A 1 43  ? -8.942  8.258   12.403  1.00 17.14 ? 93   ARG A O   1 
ATOM   251  C CB  . ARG A 1 43  ? -8.688  5.530   12.733  1.00 15.74 ? 93   ARG A CB  1 
ATOM   252  C CG  . ARG A 1 43  ? -8.800  4.086   13.182  1.00 13.44 ? 93   ARG A CG  1 
ATOM   253  C CD  . ARG A 1 43  ? -9.792  3.910   14.326  1.00 14.23 ? 93   ARG A CD  1 
ATOM   254  N NE  . ARG A 1 43  ? -9.732  2.551   14.858  1.00 16.16 ? 93   ARG A NE  1 
ATOM   255  C CZ  . ARG A 1 43  ? -10.443 2.107   15.890  1.00 17.94 ? 93   ARG A CZ  1 
ATOM   256  N NH1 . ARG A 1 43  ? -11.288 2.914   16.523  1.00 18.10 ? 93   ARG A NH1 1 
ATOM   257  N NH2 . ARG A 1 43  ? -10.300 0.852   16.294  1.00 19.92 ? 93   ARG A NH2 1 
ATOM   258  N N   . ASN A 1 44  ? -10.502 8.047   10.787  1.00 16.39 ? 94   ASN A N   1 
ATOM   259  C CA  . ASN A 1 44  ? -10.471 9.438   10.338  1.00 16.77 ? 94   ASN A CA  1 
ATOM   260  C C   . ASN A 1 44  ? -9.125  9.920   9.805   1.00 17.29 ? 94   ASN A C   1 
ATOM   261  O O   . ASN A 1 44  ? -8.916  11.123  9.643   1.00 17.64 ? 94   ASN A O   1 
ATOM   262  C CB  . ASN A 1 44  ? -10.920 10.373  11.465  1.00 18.47 ? 94   ASN A CB  1 
ATOM   263  C CG  . ASN A 1 44  ? -11.553 11.646  10.941  1.00 20.53 ? 94   ASN A CG  1 
ATOM   264  O OD1 . ASN A 1 44  ? -11.517 12.690  11.597  1.00 23.30 ? 94   ASN A OD1 1 
ATOM   265  N ND2 . ASN A 1 44  ? -12.151 11.564  9.757   1.00 18.33 ? 94   ASN A ND2 1 
ATOM   266  N N   . LEU A 1 45  ? -8.211  8.992   9.548   1.00 15.52 ? 95   LEU A N   1 
ATOM   267  C CA  . LEU A 1 45  ? -6.903  9.352   9.008   1.00 14.54 ? 95   LEU A CA  1 
ATOM   268  C C   . LEU A 1 45  ? -6.818  8.881   7.551   1.00 14.85 ? 95   LEU A C   1 
ATOM   269  O O   . LEU A 1 45  ? -7.387  7.854   7.190   1.00 14.54 ? 95   LEU A O   1 
ATOM   270  C CB  . LEU A 1 45  ? -5.782  8.702   9.825   1.00 12.59 ? 95   LEU A CB  1 
ATOM   271  C CG  . LEU A 1 45  ? -5.580  9.160   11.272  1.00 13.24 ? 95   LEU A CG  1 
ATOM   272  C CD1 . LEU A 1 45  ? -4.468  8.332   11.917  1.00 12.79 ? 95   LEU A CD1 1 
ATOM   273  C CD2 . LEU A 1 45  ? -5.222  10.647  11.293  1.00 13.55 ? 95   LEU A CD2 1 
ATOM   274  N N   . PRO A 1 46  ? -6.121  9.639   6.697   1.00 13.64 ? 96   PRO A N   1 
ATOM   275  C CA  . PRO A 1 46  ? -5.979  9.271   5.287   1.00 14.20 ? 96   PRO A CA  1 
ATOM   276  C C   . PRO A 1 46  ? -4.897  8.216   5.065   1.00 14.29 ? 96   PRO A C   1 
ATOM   277  O O   . PRO A 1 46  ? -3.732  8.428   5.410   1.00 14.15 ? 96   PRO A O   1 
ATOM   278  C CB  . PRO A 1 46  ? -5.616  10.598  4.625   1.00 13.37 ? 96   PRO A CB  1 
ATOM   279  C CG  . PRO A 1 46  ? -4.747  11.236  5.670   1.00 12.89 ? 96   PRO A CG  1 
ATOM   280  C CD  . PRO A 1 46  ? -5.552  10.976  6.947   1.00 14.21 ? 96   PRO A CD  1 
ATOM   281  N N   . TRP A 1 47  ? -5.291  7.079   4.498   1.00 12.88 ? 97   TRP A N   1 
ATOM   282  C CA  . TRP A 1 47  ? -4.345  6.010   4.202   1.00 11.28 ? 97   TRP A CA  1 
ATOM   283  C C   . TRP A 1 47  ? -4.209  5.946   2.685   1.00 11.31 ? 97   TRP A C   1 
ATOM   284  O O   . TRP A 1 47  ? -5.194  6.102   1.962   1.00 12.23 ? 97   TRP A O   1 
ATOM   285  C CB  . TRP A 1 47  ? -4.853  4.679   4.751   1.00 9.52  ? 97   TRP A CB  1 
ATOM   286  C CG  . TRP A 1 47  ? -5.070  4.699   6.232   1.00 10.29 ? 97   TRP A CG  1 
ATOM   287  C CD1 . TRP A 1 47  ? -6.122  5.259   6.903   1.00 10.10 ? 97   TRP A CD1 1 
ATOM   288  C CD2 . TRP A 1 47  ? -4.208  4.140   7.231   1.00 8.76  ? 97   TRP A CD2 1 
ATOM   289  N NE1 . TRP A 1 47  ? -5.967  5.081   8.261   1.00 11.72 ? 97   TRP A NE1 1 
ATOM   290  C CE2 . TRP A 1 47  ? -4.800  4.397   8.488   1.00 8.74  ? 97   TRP A CE2 1 
ATOM   291  C CE3 . TRP A 1 47  ? -2.991  3.446   7.183   1.00 8.86  ? 97   TRP A CE3 1 
ATOM   292  C CZ2 . TRP A 1 47  ? -4.217  3.986   9.687   1.00 9.43  ? 97   TRP A CZ2 1 
ATOM   293  C CZ3 . TRP A 1 47  ? -2.408  3.034   8.378   1.00 7.84  ? 97   TRP A CZ3 1 
ATOM   294  C CH2 . TRP A 1 47  ? -3.023  3.307   9.613   1.00 9.50  ? 97   TRP A CH2 1 
ATOM   295  N N   . LYS A 1 48  ? -2.989  5.731   2.205   1.00 10.00 ? 98   LYS A N   1 
ATOM   296  C CA  . LYS A 1 48  ? -2.736  5.690   0.779   1.00 8.99  ? 98   LYS A CA  1 
ATOM   297  C C   . LYS A 1 48  ? -1.828  4.545   0.371   1.00 11.97 ? 98   LYS A C   1 
ATOM   298  O O   . LYS A 1 48  ? -0.970  4.095   1.142   1.00 9.99  ? 98   LYS A O   1 
ATOM   299  C CB  . LYS A 1 48  ? -2.078  6.996   0.314   1.00 10.89 ? 98   LYS A CB  1 
ATOM   300  C CG  . LYS A 1 48  ? -2.888  8.279   0.542   1.00 11.47 ? 98   LYS A CG  1 
ATOM   301  C CD  . LYS A 1 48  ? -2.091  9.508   0.080   1.00 11.24 ? 98   LYS A CD  1 
ATOM   302  C CE  . LYS A 1 48  ? -2.869  10.809  0.307   1.00 12.32 ? 98   LYS A CE  1 
ATOM   303  N NZ  . LYS A 1 48  ? -2.180  11.995  -0.287  1.00 11.26 ? 98   LYS A NZ  1 
ATOM   304  N N   . ILE A 1 49  ? -2.027  4.082   -0.857  1.00 11.74 ? 99   ILE A N   1 
ATOM   305  C CA  . ILE A 1 49  ? -1.201  3.031   -1.418  1.00 12.67 ? 99   ILE A CA  1 
ATOM   306  C C   . ILE A 1 49  ? -0.040  3.742   -2.111  1.00 13.68 ? 99   ILE A C   1 
ATOM   307  O O   . ILE A 1 49  ? -0.232  4.736   -2.811  1.00 12.70 ? 99   ILE A O   1 
ATOM   308  C CB  . ILE A 1 49  ? -1.990  2.190   -2.442  1.00 13.39 ? 99   ILE A CB  1 
ATOM   309  C CG1 . ILE A 1 49  ? -2.834  1.147   -1.707  1.00 11.75 ? 99   ILE A CG1 1 
ATOM   310  C CG2 . ILE A 1 49  ? -1.036  1.511   -3.424  1.00 14.35 ? 99   ILE A CG2 1 
ATOM   311  C CD1 . ILE A 1 49  ? -3.812  0.430   -2.599  1.00 11.63 ? 99   ILE A CD1 1 
ATOM   312  N N   . MET A 1 50  ? 1.162   3.235   -1.901  1.00 15.07 ? 100  MET A N   1 
ATOM   313  C CA  . MET A 1 50  ? 2.352   3.812   -2.495  1.00 16.14 ? 100  MET A CA  1 
ATOM   314  C C   . MET A 1 50  ? 3.026   2.703   -3.296  1.00 16.18 ? 100  MET A C   1 
ATOM   315  O O   . MET A 1 50  ? 3.308   1.632   -2.754  1.00 13.56 ? 100  MET A O   1 
ATOM   316  C CB  . MET A 1 50  ? 3.258   4.324   -1.374  1.00 20.87 ? 100  MET A CB  1 
ATOM   317  C CG  . MET A 1 50  ? 4.573   4.935   -1.809  1.00 26.82 ? 100  MET A CG  1 
ATOM   318  S SD  . MET A 1 50  ? 5.477   5.578   -0.360  1.00 35.36 ? 100  MET A SD  1 
ATOM   319  C CE  . MET A 1 50  ? 4.782   7.220   -0.208  1.00 28.96 ? 100  MET A CE  1 
ATOM   320  N N   . VAL A 1 51  ? 3.254   2.952   -4.585  1.00 15.23 ? 101  VAL A N   1 
ATOM   321  C CA  . VAL A 1 51  ? 3.886   1.967   -5.465  1.00 14.79 ? 101  VAL A CA  1 
ATOM   322  C C   . VAL A 1 51  ? 5.045   2.616   -6.209  1.00 16.10 ? 101  VAL A C   1 
ATOM   323  O O   . VAL A 1 51  ? 4.952   3.773   -6.625  1.00 15.87 ? 101  VAL A O   1 
ATOM   324  C CB  . VAL A 1 51  ? 2.883   1.405   -6.494  1.00 14.28 ? 101  VAL A CB  1 
ATOM   325  C CG1 . VAL A 1 51  ? 3.580   0.416   -7.418  1.00 13.37 ? 101  VAL A CG1 1 
ATOM   326  C CG2 . VAL A 1 51  ? 1.723   0.717   -5.771  1.00 12.00 ? 101  VAL A CG2 1 
ATOM   327  N N   . MET A 1 52  ? 6.131   1.871   -6.384  1.00 17.43 ? 102  MET A N   1 
ATOM   328  C CA  . MET A 1 52  ? 7.309   2.408   -7.061  1.00 18.72 ? 102  MET A CA  1 
ATOM   329  C C   . MET A 1 52  ? 8.282   1.320   -7.489  1.00 19.41 ? 102  MET A C   1 
ATOM   330  O O   . MET A 1 52  ? 8.412   0.291   -6.824  1.00 19.88 ? 102  MET A O   1 
ATOM   331  C CB  . MET A 1 52  ? 8.052   3.341   -6.118  1.00 22.08 ? 102  MET A CB  1 
ATOM   332  C CG  . MET A 1 52  ? 8.596   2.598   -4.910  1.00 25.39 ? 102  MET A CG  1 
ATOM   333  S SD  . MET A 1 52  ? 9.226   3.682   -3.652  1.00 36.49 ? 102  MET A SD  1 
ATOM   334  C CE  . MET A 1 52  ? 7.731   4.024   -2.746  1.00 30.13 ? 102  MET A CE  1 
ATOM   335  N N   . PRO A 1 53  ? 8.993   1.541   -8.604  1.00 19.99 ? 103  PRO A N   1 
ATOM   336  C CA  . PRO A 1 53  ? 9.954   0.538   -9.060  1.00 21.17 ? 103  PRO A CA  1 
ATOM   337  C C   . PRO A 1 53  ? 11.171  0.614   -8.147  1.00 22.54 ? 103  PRO A C   1 
ATOM   338  O O   . PRO A 1 53  ? 11.597  1.699   -7.763  1.00 23.43 ? 103  PRO A O   1 
ATOM   339  C CB  . PRO A 1 53  ? 10.259  0.980   -10.491 1.00 21.57 ? 103  PRO A CB  1 
ATOM   340  C CG  . PRO A 1 53  ? 10.141  2.458   -10.413 1.00 22.77 ? 103  PRO A CG  1 
ATOM   341  C CD  . PRO A 1 53  ? 8.910   2.667   -9.552  1.00 19.24 ? 103  PRO A CD  1 
ATOM   342  N N   . ARG A 1 54  ? 11.712  -0.539  -7.778  1.00 24.17 ? 104  ARG A N   1 
ATOM   343  C CA  . ARG A 1 54  ? 12.876  -0.583  -6.906  1.00 26.43 ? 104  ARG A CA  1 
ATOM   344  C C   . ARG A 1 54  ? 13.892  -1.534  -7.508  1.00 30.37 ? 104  ARG A C   1 
ATOM   345  O O   . ARG A 1 54  ? 13.554  -2.349  -8.368  1.00 28.45 ? 104  ARG A O   1 
ATOM   346  C CB  . ARG A 1 54  ? 12.472  -1.073  -5.519  1.00 25.52 ? 104  ARG A CB  1 
ATOM   347  C CG  . ARG A 1 54  ? 11.386  -0.233  -4.863  1.00 27.19 ? 104  ARG A CG  1 
ATOM   348  C CD  . ARG A 1 54  ? 11.942  0.990   -4.150  1.00 28.59 ? 104  ARG A CD  1 
ATOM   349  N NE  . ARG A 1 54  ? 12.648  0.631   -2.922  1.00 31.83 ? 104  ARG A NE  1 
ATOM   350  C CZ  . ARG A 1 54  ? 12.705  1.408   -1.843  1.00 31.65 ? 104  ARG A CZ  1 
ATOM   351  N NH1 . ARG A 1 54  ? 12.095  2.587   -1.843  1.00 31.82 ? 104  ARG A NH1 1 
ATOM   352  N NH2 . ARG A 1 54  ? 13.369  1.008   -0.765  1.00 30.88 ? 104  ARG A NH2 1 
ATOM   353  N N   . PHE A 1 55  ? 15.137  -1.429  -7.057  1.00 34.61 ? 105  PHE A N   1 
ATOM   354  C CA  . PHE A 1 55  ? 16.203  -2.287  -7.562  1.00 38.86 ? 105  PHE A CA  1 
ATOM   355  C C   . PHE A 1 55  ? 17.010  -2.875  -6.410  1.00 39.80 ? 105  PHE A C   1 
ATOM   356  O O   . PHE A 1 55  ? 18.180  -2.541  -6.234  1.00 41.78 ? 105  PHE A O   1 
ATOM   357  C CB  . PHE A 1 55  ? 17.134  -1.492  -8.485  1.00 40.26 ? 105  PHE A CB  1 
ATOM   358  C CG  . PHE A 1 55  ? 16.421  -0.783  -9.605  1.00 41.87 ? 105  PHE A CG  1 
ATOM   359  C CD1 . PHE A 1 55  ? 15.671  0.366   -9.358  1.00 43.91 ? 105  PHE A CD1 1 
ATOM   360  C CD2 . PHE A 1 55  ? 16.484  -1.272  -10.905 1.00 42.43 ? 105  PHE A CD2 1 
ATOM   361  C CE1 . PHE A 1 55  ? 14.993  1.019   -10.391 1.00 44.45 ? 105  PHE A CE1 1 
ATOM   362  C CE2 . PHE A 1 55  ? 15.812  -0.629  -11.945 1.00 43.70 ? 105  PHE A CE2 1 
ATOM   363  C CZ  . PHE A 1 55  ? 15.065  0.519   -11.688 1.00 44.70 ? 105  PHE A CZ  1 
ATOM   364  N N   . GLN A 1 62  ? 11.390  -1.662  -12.977 1.00 43.99 ? 112  GLN A N   1 
ATOM   365  C CA  . GLN A 1 62  ? 12.404  -2.682  -13.215 1.00 43.99 ? 112  GLN A CA  1 
ATOM   366  C C   . GLN A 1 62  ? 12.834  -3.388  -11.927 1.00 42.25 ? 112  GLN A C   1 
ATOM   367  O O   . GLN A 1 62  ? 12.730  -2.830  -10.836 1.00 44.96 ? 112  GLN A O   1 
ATOM   368  C CB  . GLN A 1 62  ? 13.618  -2.052  -13.894 1.00 47.05 ? 112  GLN A CB  1 
ATOM   369  C CG  . GLN A 1 62  ? 13.297  -1.397  -15.229 1.00 50.54 ? 112  GLN A CG  1 
ATOM   370  C CD  . GLN A 1 62  ? 14.471  -0.627  -15.797 1.00 52.94 ? 112  GLN A CD  1 
ATOM   371  O OE1 . GLN A 1 62  ? 15.546  -1.187  -16.029 1.00 54.79 ? 112  GLN A OE1 1 
ATOM   372  N NE2 . GLN A 1 62  ? 14.271  0.669   -16.027 1.00 54.11 ? 112  GLN A NE2 1 
ATOM   373  N N   . LYS A 1 63  ? 13.316  -4.618  -12.075 1.00 38.95 ? 113  LYS A N   1 
ATOM   374  C CA  . LYS A 1 63  ? 13.765  -5.459  -10.965 1.00 34.25 ? 113  LYS A CA  1 
ATOM   375  C C   . LYS A 1 63  ? 12.660  -5.834  -9.970  1.00 31.04 ? 113  LYS A C   1 
ATOM   376  O O   . LYS A 1 63  ? 12.197  -6.972  -9.975  1.00 28.33 ? 113  LYS A O   1 
ATOM   377  C CB  . LYS A 1 63  ? 14.935  -4.805  -10.229 1.00 37.07 ? 113  LYS A CB  1 
ATOM   378  C CG  . LYS A 1 63  ? 15.999  -5.804  -9.780  1.00 36.71 ? 113  LYS A CG  1 
ATOM   379  C CD  . LYS A 1 63  ? 16.523  -6.596  -10.975 1.00 38.57 ? 113  LYS A CD  1 
ATOM   380  C CE  . LYS A 1 63  ? 17.714  -7.465  -10.611 1.00 38.53 ? 113  LYS A CE  1 
ATOM   381  N NZ  . LYS A 1 63  ? 18.920  -6.649  -10.311 1.00 40.10 ? 113  LYS A NZ  1 
ATOM   382  N N   . SER A 1 64  ? 12.229  -4.906  -9.117  1.00 27.10 ? 114  SER A N   1 
ATOM   383  C CA  . SER A 1 64  ? 11.172  -5.250  -8.166  1.00 24.47 ? 114  SER A CA  1 
ATOM   384  C C   . SER A 1 64  ? 10.120  -4.169  -7.977  1.00 22.19 ? 114  SER A C   1 
ATOM   385  O O   . SER A 1 64  ? 10.353  -2.998  -8.268  1.00 20.65 ? 114  SER A O   1 
ATOM   386  C CB  . SER A 1 64  ? 11.767  -5.597  -6.798  1.00 24.54 ? 114  SER A CB  1 
ATOM   387  O OG  . SER A 1 64  ? 12.201  -4.430  -6.125  1.00 24.78 ? 114  SER A OG  1 
ATOM   388  N N   . VAL A 1 65  ? 8.958   -4.578  -7.482  1.00 19.15 ? 115  VAL A N   1 
ATOM   389  C CA  . VAL A 1 65  ? 7.868   -3.651  -7.233  1.00 19.28 ? 115  VAL A CA  1 
ATOM   390  C C   . VAL A 1 65  ? 7.850   -3.247  -5.771  1.00 17.05 ? 115  VAL A C   1 
ATOM   391  O O   . VAL A 1 65  ? 7.676   -4.093  -4.898  1.00 17.31 ? 115  VAL A O   1 
ATOM   392  C CB  . VAL A 1 65  ? 6.489   -4.279  -7.540  1.00 21.99 ? 115  VAL A CB  1 
ATOM   393  C CG1 . VAL A 1 65  ? 5.384   -3.278  -7.204  1.00 19.72 ? 115  VAL A CG1 1 
ATOM   394  C CG2 . VAL A 1 65  ? 6.411   -4.694  -8.999  1.00 23.08 ? 115  VAL A CG2 1 
ATOM   395  N N   . GLY A 1 66  ? 8.045   -1.958  -5.506  1.00 17.12 ? 116  GLY A N   1 
ATOM   396  C CA  . GLY A 1 66  ? 7.991   -1.465  -4.139  1.00 15.14 ? 116  GLY A CA  1 
ATOM   397  C C   . GLY A 1 66  ? 6.515   -1.219  -3.860  1.00 15.18 ? 116  GLY A C   1 
ATOM   398  O O   . GLY A 1 66  ? 5.831   -0.614  -4.680  1.00 15.82 ? 116  GLY A O   1 
ATOM   399  N N   . PHE A 1 67  ? 6.022   -1.678  -2.713  1.00 15.68 ? 117  PHE A N   1 
ATOM   400  C CA  . PHE A 1 67  ? 4.604   -1.540  -2.360  1.00 14.41 ? 117  PHE A CA  1 
ATOM   401  C C   . PHE A 1 67  ? 4.506   -1.225  -0.867  1.00 15.82 ? 117  PHE A C   1 
ATOM   402  O O   . PHE A 1 67  ? 4.834   -2.069  -0.027  1.00 14.16 ? 117  PHE A O   1 
ATOM   403  C CB  . PHE A 1 67  ? 3.901   -2.868  -2.706  1.00 12.43 ? 117  PHE A CB  1 
ATOM   404  C CG  . PHE A 1 67  ? 2.411   -2.900  -2.435  1.00 12.94 ? 117  PHE A CG  1 
ATOM   405  C CD1 . PHE A 1 67  ? 1.695   -1.749  -2.124  1.00 13.39 ? 117  PHE A CD1 1 
ATOM   406  C CD2 . PHE A 1 67  ? 1.726   -4.112  -2.512  1.00 9.96  ? 117  PHE A CD2 1 
ATOM   407  C CE1 . PHE A 1 67  ? 0.315   -1.808  -1.893  1.00 11.86 ? 117  PHE A CE1 1 
ATOM   408  C CE2 . PHE A 1 67  ? 0.356   -4.182  -2.282  1.00 11.00 ? 117  PHE A CE2 1 
ATOM   409  C CZ  . PHE A 1 67  ? -0.351  -3.028  -1.972  1.00 10.54 ? 117  PHE A CZ  1 
ATOM   410  N N   . PHE A 1 68  ? 4.052   -0.015  -0.543  1.00 14.09 ? 118  PHE A N   1 
ATOM   411  C CA  . PHE A 1 68  ? 3.931   0.414   0.850   1.00 13.05 ? 118  PHE A CA  1 
ATOM   412  C C   . PHE A 1 68  ? 2.575   1.020   1.184   1.00 14.33 ? 118  PHE A C   1 
ATOM   413  O O   . PHE A 1 68  ? 1.854   1.495   0.303   1.00 15.14 ? 118  PHE A O   1 
ATOM   414  C CB  . PHE A 1 68  ? 5.007   1.465   1.185   1.00 14.57 ? 118  PHE A CB  1 
ATOM   415  C CG  . PHE A 1 68  ? 6.395   1.079   0.758   1.00 15.32 ? 118  PHE A CG  1 
ATOM   416  C CD1 . PHE A 1 68  ? 6.764   1.129   -0.587  1.00 15.55 ? 118  PHE A CD1 1 
ATOM   417  C CD2 . PHE A 1 68  ? 7.321   0.639   1.688   1.00 15.34 ? 118  PHE A CD2 1 
ATOM   418  C CE1 . PHE A 1 68  ? 8.038   0.741   -0.995  1.00 13.13 ? 118  PHE A CE1 1 
ATOM   419  C CE2 . PHE A 1 68  ? 8.602   0.248   1.291   1.00 17.74 ? 118  PHE A CE2 1 
ATOM   420  C CZ  . PHE A 1 68  ? 8.957   0.298   -0.055  1.00 16.52 ? 118  PHE A CZ  1 
ATOM   421  N N   . LEU A 1 69  ? 2.250   1.009   2.476   1.00 11.63 ? 119  LEU A N   1 
ATOM   422  C CA  . LEU A 1 69  ? 1.010   1.587   2.985   1.00 11.34 ? 119  LEU A CA  1 
ATOM   423  C C   . LEU A 1 69  ? 1.433   2.874   3.693   1.00 10.54 ? 119  LEU A C   1 
ATOM   424  O O   . LEU A 1 69  ? 2.352   2.854   4.505   1.00 8.89  ? 119  LEU A O   1 
ATOM   425  C CB  . LEU A 1 69  ? 0.346   0.637   3.983   1.00 11.17 ? 119  LEU A CB  1 
ATOM   426  C CG  . LEU A 1 69  ? -0.887  1.175   4.728   1.00 14.12 ? 119  LEU A CG  1 
ATOM   427  C CD1 . LEU A 1 69  ? -1.943  1.646   3.724   1.00 11.02 ? 119  LEU A CD1 1 
ATOM   428  C CD2 . LEU A 1 69  ? -1.457  0.084   5.632   1.00 11.54 ? 119  LEU A CD2 1 
ATOM   429  N N   . GLN A 1 70  ? 0.778   3.988   3.377   1.00 10.14 ? 120  GLN A N   1 
ATOM   430  C CA  . GLN A 1 70  ? 1.138   5.273   3.971   1.00 11.38 ? 120  GLN A CA  1 
ATOM   431  C C   . GLN A 1 70  ? 0.012   5.843   4.807   1.00 12.40 ? 120  GLN A C   1 
ATOM   432  O O   . GLN A 1 70  ? -1.162  5.690   4.472   1.00 12.84 ? 120  GLN A O   1 
ATOM   433  C CB  . GLN A 1 70  ? 1.515   6.267   2.876   1.00 13.74 ? 120  GLN A CB  1 
ATOM   434  C CG  . GLN A 1 70  ? 1.833   7.664   3.381   1.00 13.29 ? 120  GLN A CG  1 
ATOM   435  C CD  . GLN A 1 70  ? 1.946   8.666   2.252   1.00 15.49 ? 120  GLN A CD  1 
ATOM   436  O OE1 . GLN A 1 70  ? 3.036   8.918   1.724   1.00 16.72 ? 120  GLN A OE1 1 
ATOM   437  N NE2 . GLN A 1 70  ? 0.814   9.233   1.862   1.00 10.47 ? 120  GLN A NE2 1 
ATOM   438  N N   . CYS A 1 71  ? 0.369   6.513   5.896   1.00 12.53 ? 121  CYS A N   1 
ATOM   439  C CA  . CYS A 1 71  ? -0.646  7.071   6.773   1.00 13.61 ? 121  CYS A CA  1 
ATOM   440  C C   . CYS A 1 71  ? -0.435  8.512   7.211   1.00 14.33 ? 121  CYS A C   1 
ATOM   441  O O   . CYS A 1 71  ? 0.611   8.858   7.751   1.00 15.30 ? 121  CYS A O   1 
ATOM   442  C CB  . CYS A 1 71  ? -0.774  6.192   8.016   1.00 12.36 ? 121  CYS A CB  1 
ATOM   443  S SG  . CYS A 1 71  ? -1.822  6.880   9.311   1.00 16.09 ? 121  CYS A SG  1 
ATOM   444  N N   . ASN A 1 72  ? -1.437  9.350   6.958   1.00 16.29 ? 122  ASN A N   1 
ATOM   445  C CA  . ASN A 1 72  ? -1.412  10.743  7.402   1.00 15.70 ? 122  ASN A CA  1 
ATOM   446  C C   . ASN A 1 72  ? -0.102  11.459  7.078   1.00 16.26 ? 122  ASN A C   1 
ATOM   447  O O   . ASN A 1 72  ? 0.408   12.211  7.904   1.00 13.91 ? 122  ASN A O   1 
ATOM   448  C CB  . ASN A 1 72  ? -1.615  10.749  8.920   1.00 14.53 ? 122  ASN A CB  1 
ATOM   449  C CG  . ASN A 1 72  ? -2.127  12.072  9.444   1.00 15.00 ? 122  ASN A CG  1 
ATOM   450  O OD1 . ASN A 1 72  ? -1.958  12.384  10.619  1.00 16.50 ? 122  ASN A OD1 1 
ATOM   451  N ND2 . ASN A 1 72  ? -2.774  12.846  8.581   1.00 11.45 ? 122  ASN A ND2 1 
ATOM   452  N N   . ALA A 1 73  ? 0.434   11.238  5.882   1.00 15.04 ? 123  ALA A N   1 
ATOM   453  C CA  . ALA A 1 73  ? 1.708   11.837  5.494   1.00 16.95 ? 123  ALA A CA  1 
ATOM   454  C C   . ALA A 1 73  ? 1.700   13.340  5.222   1.00 18.58 ? 123  ALA A C   1 
ATOM   455  O O   . ALA A 1 73  ? 2.730   14.003  5.353   1.00 18.53 ? 123  ALA A O   1 
ATOM   456  C CB  . ALA A 1 73  ? 2.269   11.108  4.275   1.00 14.56 ? 123  ALA A CB  1 
ATOM   457  N N   . GLU A 1 74  ? 0.553   13.882  4.843   1.00 18.20 ? 124  GLU A N   1 
ATOM   458  C CA  . GLU A 1 74  ? 0.488   15.301  4.527   1.00 21.27 ? 124  GLU A CA  1 
ATOM   459  C C   . GLU A 1 74  ? 0.302   16.221  5.722   1.00 21.40 ? 124  GLU A C   1 
ATOM   460  O O   . GLU A 1 74  ? 0.515   17.428  5.611   1.00 22.82 ? 124  GLU A O   1 
ATOM   461  C CB  . GLU A 1 74  ? -0.593  15.529  3.468   1.00 21.33 ? 124  GLU A CB  1 
ATOM   462  C CG  . GLU A 1 74  ? -0.239  14.800  2.171   1.00 27.36 ? 124  GLU A CG  1 
ATOM   463  C CD  . GLU A 1 74  ? -1.378  14.722  1.178   1.00 30.15 ? 124  GLU A CD  1 
ATOM   464  O OE1 . GLU A 1 74  ? -2.448  14.171  1.531   1.00 32.68 ? 124  GLU A OE1 1 
ATOM   465  O OE2 . GLU A 1 74  ? -1.192  15.203  0.040   1.00 30.15 ? 124  GLU A OE2 1 
ATOM   466  N N   . SER A 1 75  ? -0.059  15.656  6.869   1.00 21.10 ? 125  SER A N   1 
ATOM   467  C CA  . SER A 1 75  ? -0.248  16.458  8.076   1.00 22.59 ? 125  SER A CA  1 
ATOM   468  C C   . SER A 1 75  ? 1.064   17.005  8.637   1.00 23.76 ? 125  SER A C   1 
ATOM   469  O O   . SER A 1 75  ? 2.094   16.331  8.597   1.00 23.46 ? 125  SER A O   1 
ATOM   470  C CB  . SER A 1 75  ? -0.930  15.635  9.163   1.00 22.48 ? 125  SER A CB  1 
ATOM   471  O OG  . SER A 1 75  ? -0.849  16.319  10.401  1.00 22.30 ? 125  SER A OG  1 
ATOM   472  N N   . ASP A 1 76  ? 1.019   18.225  9.166   1.00 24.91 ? 126  ASP A N   1 
ATOM   473  C CA  . ASP A 1 76  ? 2.201   18.848  9.756   1.00 26.93 ? 126  ASP A CA  1 
ATOM   474  C C   . ASP A 1 76  ? 2.420   18.410  11.199  1.00 25.91 ? 126  ASP A C   1 
ATOM   475  O O   . ASP A 1 76  ? 3.468   18.686  11.786  1.00 27.67 ? 126  ASP A O   1 
ATOM   476  C CB  . ASP A 1 76  ? 2.081   20.373  9.721   1.00 31.51 ? 126  ASP A CB  1 
ATOM   477  C CG  . ASP A 1 76  ? 2.499   20.958  8.390   1.00 34.89 ? 126  ASP A CG  1 
ATOM   478  O OD1 . ASP A 1 76  ? 3.573   20.569  7.891   1.00 35.65 ? 126  ASP A OD1 1 
ATOM   479  O OD2 . ASP A 1 76  ? 1.764   21.814  7.848   1.00 40.44 ? 126  ASP A OD2 1 
ATOM   480  N N   . SER A 1 77  ? 1.433   17.735  11.774  1.00 22.82 ? 127  SER A N   1 
ATOM   481  C CA  . SER A 1 77  ? 1.537   17.282  13.156  1.00 20.83 ? 127  SER A CA  1 
ATOM   482  C C   . SER A 1 77  ? 2.688   16.307  13.366  1.00 20.19 ? 127  SER A C   1 
ATOM   483  O O   . SER A 1 77  ? 3.041   15.535  12.473  1.00 19.52 ? 127  SER A O   1 
ATOM   484  C CB  . SER A 1 77  ? 0.232   16.605  13.594  1.00 20.75 ? 127  SER A CB  1 
ATOM   485  O OG  . SER A 1 77  ? 0.357   16.062  14.898  1.00 19.46 ? 127  SER A OG  1 
ATOM   486  N N   . THR A 1 78  ? 3.265   16.348  14.561  1.00 17.71 ? 128  THR A N   1 
ATOM   487  C CA  . THR A 1 78  ? 4.357   15.454  14.921  1.00 18.38 ? 128  THR A CA  1 
ATOM   488  C C   . THR A 1 78  ? 3.969   14.748  16.216  1.00 18.02 ? 128  THR A C   1 
ATOM   489  O O   . THR A 1 78  ? 4.786   14.077  16.839  1.00 19.08 ? 128  THR A O   1 
ATOM   490  C CB  . THR A 1 78  ? 5.667   16.228  15.167  1.00 19.18 ? 128  THR A CB  1 
ATOM   491  O OG1 . THR A 1 78  ? 5.466   17.167  16.231  1.00 20.90 ? 128  THR A OG1 1 
ATOM   492  C CG2 . THR A 1 78  ? 6.098   16.978  13.911  1.00 19.88 ? 128  THR A CG2 1 
ATOM   493  N N   . SER A 1 79  ? 2.711   14.900  16.614  1.00 17.45 ? 129  SER A N   1 
ATOM   494  C CA  . SER A 1 79  ? 2.232   14.290  17.844  1.00 16.76 ? 129  SER A CA  1 
ATOM   495  C C   . SER A 1 79  ? 1.361   13.056  17.631  1.00 16.26 ? 129  SER A C   1 
ATOM   496  O O   . SER A 1 79  ? 1.024   12.365  18.596  1.00 14.79 ? 129  SER A O   1 
ATOM   497  C CB  . SER A 1 79  ? 1.434   15.312  18.650  1.00 19.90 ? 129  SER A CB  1 
ATOM   498  O OG  . SER A 1 79  ? 0.198   15.600  18.018  1.00 20.37 ? 129  SER A OG  1 
ATOM   499  N N   . TRP A 1 80  ? 0.999   12.771  16.382  1.00 12.21 ? 130  TRP A N   1 
ATOM   500  C CA  . TRP A 1 80  ? 0.125   11.631  16.101  1.00 11.42 ? 130  TRP A CA  1 
ATOM   501  C C   . TRP A 1 80  ? 0.827   10.290  15.959  1.00 11.56 ? 130  TRP A C   1 
ATOM   502  O O   . TRP A 1 80  ? 2.007   10.220  15.618  1.00 10.72 ? 130  TRP A O   1 
ATOM   503  C CB  . TRP A 1 80  ? -0.684  11.875  14.821  1.00 10.63 ? 130  TRP A CB  1 
ATOM   504  C CG  . TRP A 1 80  ? 0.144   11.836  13.564  1.00 11.74 ? 130  TRP A CG  1 
ATOM   505  C CD1 . TRP A 1 80  ? 0.877   12.858  13.025  1.00 14.38 ? 130  TRP A CD1 1 
ATOM   506  C CD2 . TRP A 1 80  ? 0.353   10.704  12.712  1.00 13.97 ? 130  TRP A CD2 1 
ATOM   507  N NE1 . TRP A 1 80  ? 1.527   12.433  11.891  1.00 13.89 ? 130  TRP A NE1 1 
ATOM   508  C CE2 . TRP A 1 80  ? 1.224   11.114  11.675  1.00 14.57 ? 130  TRP A CE2 1 
ATOM   509  C CE3 . TRP A 1 80  ? -0.111  9.379   12.724  1.00 14.84 ? 130  TRP A CE3 1 
ATOM   510  C CZ2 . TRP A 1 80  ? 1.642   10.248  10.660  1.00 13.85 ? 130  TRP A CZ2 1 
ATOM   511  C CZ3 . TRP A 1 80  ? 0.305   8.514   11.711  1.00 13.76 ? 130  TRP A CZ3 1 
ATOM   512  C CH2 . TRP A 1 80  ? 1.173   8.955   10.693  1.00 15.47 ? 130  TRP A CH2 1 
ATOM   513  N N   . SER A 1 81  ? 0.078   9.227   16.224  1.00 10.54 ? 131  SER A N   1 
ATOM   514  C CA  . SER A 1 81  ? 0.574   7.866   16.076  1.00 14.68 ? 131  SER A CA  1 
ATOM   515  C C   . SER A 1 81  ? -0.642  6.958   15.936  1.00 15.29 ? 131  SER A C   1 
ATOM   516  O O   . SER A 1 81  ? -1.699  7.205   16.528  1.00 14.11 ? 131  SER A O   1 
ATOM   517  C CB  . SER A 1 81  ? 1.422   7.432   17.285  1.00 14.59 ? 131  SER A CB  1 
ATOM   518  O OG  . SER A 1 81  ? 0.646   7.329   18.469  1.00 16.10 ? 131  SER A OG  1 
ATOM   519  N N   . CYS A 1 82  ? -0.497  5.915   15.137  1.00 14.70 ? 132  CYS A N   1 
ATOM   520  C CA  . CYS A 1 82  ? -1.584  4.984   14.926  1.00 14.77 ? 132  CYS A CA  1 
ATOM   521  C C   . CYS A 1 82  ? -1.026  3.618   14.593  1.00 15.65 ? 132  CYS A C   1 
ATOM   522  O O   . CYS A 1 82  ? -0.341  3.450   13.580  1.00 14.51 ? 132  CYS A O   1 
ATOM   523  C CB  . CYS A 1 82  ? -2.472  5.465   13.780  1.00 15.04 ? 132  CYS A CB  1 
ATOM   524  S SG  . CYS A 1 82  ? -3.778  4.300   13.358  1.00 15.24 ? 132  CYS A SG  1 
ATOM   525  N N   . HIS A 1 83  ? -1.292  2.644   15.455  1.00 15.62 ? 133  HIS A N   1 
ATOM   526  C CA  . HIS A 1 83  ? -0.812  1.300   15.191  1.00 16.85 ? 133  HIS A CA  1 
ATOM   527  C C   . HIS A 1 83  ? -1.822  0.578   14.320  1.00 16.03 ? 133  HIS A C   1 
ATOM   528  O O   . HIS A 1 83  ? -3.028  0.699   14.528  1.00 17.53 ? 133  HIS A O   1 
ATOM   529  C CB  . HIS A 1 83  ? -0.596  0.510   16.478  1.00 16.51 ? 133  HIS A CB  1 
ATOM   530  C CG  . HIS A 1 83  ? 0.228   -0.720  16.275  1.00 19.24 ? 133  HIS A CG  1 
ATOM   531  N ND1 . HIS A 1 83  ? -0.230  -1.812  15.568  1.00 21.52 ? 133  HIS A ND1 1 
ATOM   532  C CD2 . HIS A 1 83  ? 1.508   -1.002  16.613  1.00 18.74 ? 133  HIS A CD2 1 
ATOM   533  C CE1 . HIS A 1 83  ? 0.733   -2.712  15.478  1.00 20.75 ? 133  HIS A CE1 1 
ATOM   534  N NE2 . HIS A 1 83  ? 1.800   -2.244  16.104  1.00 20.99 ? 133  HIS A NE2 1 
ATOM   535  N N   . ALA A 1 84  ? -1.326  -0.171  13.342  1.00 16.96 ? 134  ALA A N   1 
ATOM   536  C CA  . ALA A 1 84  ? -2.205  -0.897  12.440  1.00 16.91 ? 134  ALA A CA  1 
ATOM   537  C C   . ALA A 1 84  ? -1.567  -2.134  11.841  1.00 16.97 ? 134  ALA A C   1 
ATOM   538  O O   . ALA A 1 84  ? -0.338  -2.237  11.731  1.00 14.89 ? 134  ALA A O   1 
ATOM   539  C CB  . ALA A 1 84  ? -2.668  0.022   11.311  1.00 14.89 ? 134  ALA A CB  1 
ATOM   540  N N   . GLN A 1 85  ? -2.425  -3.077  11.472  1.00 15.79 ? 135  GLN A N   1 
ATOM   541  C CA  . GLN A 1 85  ? -1.999  -4.304  10.812  1.00 18.91 ? 135  GLN A CA  1 
ATOM   542  C C   . GLN A 1 85  ? -2.639  -4.174  9.442   1.00 16.59 ? 135  GLN A C   1 
ATOM   543  O O   . GLN A 1 85  ? -3.660  -3.503  9.300   1.00 15.32 ? 135  GLN A O   1 
ATOM   544  C CB  . GLN A 1 85  ? -2.561  -5.531  11.527  1.00 23.83 ? 135  GLN A CB  1 
ATOM   545  C CG  . GLN A 1 85  ? -2.088  -5.671  12.962  1.00 32.01 ? 135  GLN A CG  1 
ATOM   546  C CD  . GLN A 1 85  ? -2.794  -6.796  13.686  1.00 37.81 ? 135  GLN A CD  1 
ATOM   547  O OE1 . GLN A 1 85  ? -4.025  -6.820  13.765  1.00 41.22 ? 135  GLN A OE1 1 
ATOM   548  N NE2 . GLN A 1 85  ? -2.020  -7.734  14.222  1.00 39.41 ? 135  GLN A NE2 1 
ATOM   549  N N   . ALA A 1 86  ? -2.055  -4.796  8.428   1.00 14.70 ? 136  ALA A N   1 
ATOM   550  C CA  . ALA A 1 86  ? -2.639  -4.691  7.104   1.00 14.52 ? 136  ALA A CA  1 
ATOM   551  C C   . ALA A 1 86  ? -2.192  -5.796  6.174   1.00 12.72 ? 136  ALA A C   1 
ATOM   552  O O   . ALA A 1 86  ? -1.151  -6.417  6.384   1.00 13.78 ? 136  ALA A O   1 
ATOM   553  C CB  . ALA A 1 86  ? -2.302  -3.325  6.494   1.00 9.60  ? 136  ALA A CB  1 
ATOM   554  N N   . VAL A 1 87  ? -3.001  -6.048  5.154   1.00 13.73 ? 137  VAL A N   1 
ATOM   555  C CA  . VAL A 1 87  ? -2.672  -7.049  4.151   1.00 14.03 ? 137  VAL A CA  1 
ATOM   556  C C   . VAL A 1 87  ? -2.497  -6.308  2.830   1.00 14.12 ? 137  VAL A C   1 
ATOM   557  O O   . VAL A 1 87  ? -3.435  -5.697  2.317   1.00 14.66 ? 137  VAL A O   1 
ATOM   558  C CB  . VAL A 1 87  ? -3.785  -8.101  3.981   1.00 14.71 ? 137  VAL A CB  1 
ATOM   559  C CG1 . VAL A 1 87  ? -3.362  -9.108  2.919   1.00 12.64 ? 137  VAL A CG1 1 
ATOM   560  C CG2 . VAL A 1 87  ? -4.058  -8.811  5.308   1.00 13.99 ? 137  VAL A CG2 1 
ATOM   561  N N   . LEU A 1 88  ? -1.282  -6.342  2.301   1.00 15.38 ? 138  LEU A N   1 
ATOM   562  C CA  . LEU A 1 88  ? -0.972  -5.683  1.040   1.00 14.51 ? 138  LEU A CA  1 
ATOM   563  C C   . LEU A 1 88  ? -1.021  -6.750  -0.043  1.00 16.14 ? 138  LEU A C   1 
ATOM   564  O O   . LEU A 1 88  ? -0.286  -7.742  0.006   1.00 14.96 ? 138  LEU A O   1 
ATOM   565  C CB  . LEU A 1 88  ? 0.414   -5.034  1.113   1.00 14.29 ? 138  LEU A CB  1 
ATOM   566  C CG  . LEU A 1 88  ? 0.518   -3.716  1.903   1.00 13.61 ? 138  LEU A CG  1 
ATOM   567  C CD1 . LEU A 1 88  ? -0.039  -3.870  3.314   1.00 11.73 ? 138  LEU A CD1 1 
ATOM   568  C CD2 . LEU A 1 88  ? 1.977   -3.284  1.944   1.00 14.40 ? 138  LEU A CD2 1 
ATOM   569  N N   . LYS A 1 89  ? -1.888  -6.542  -1.025  1.00 15.70 ? 139  LYS A N   1 
ATOM   570  C CA  . LYS A 1 89  ? -2.061  -7.527  -2.076  1.00 16.63 ? 139  LYS A CA  1 
ATOM   571  C C   . LYS A 1 89  ? -2.084  -6.989  -3.503  1.00 15.94 ? 139  LYS A C   1 
ATOM   572  O O   . LYS A 1 89  ? -2.626  -5.919  -3.779  1.00 15.86 ? 139  LYS A O   1 
ATOM   573  C CB  . LYS A 1 89  ? -3.352  -8.303  -1.789  1.00 19.05 ? 139  LYS A CB  1 
ATOM   574  C CG  . LYS A 1 89  ? -3.823  -9.219  -2.900  1.00 21.41 ? 139  LYS A CG  1 
ATOM   575  C CD  . LYS A 1 89  ? -4.927  -10.151 -2.409  1.00 26.16 ? 139  LYS A CD  1 
ATOM   576  C CE  . LYS A 1 89  ? -6.095  -9.384  -1.828  1.00 30.67 ? 139  LYS A CE  1 
ATOM   577  N NZ  . LYS A 1 89  ? -7.168  -10.301 -1.345  1.00 34.97 ? 139  LYS A NZ  1 
ATOM   578  N N   . ILE A 1 90  ? -1.452  -7.726  -4.405  1.00 15.02 ? 140  ILE A N   1 
ATOM   579  C CA  . ILE A 1 90  ? -1.473  -7.351  -5.806  1.00 15.55 ? 140  ILE A CA  1 
ATOM   580  C C   . ILE A 1 90  ? -2.456  -8.345  -6.410  1.00 15.98 ? 140  ILE A C   1 
ATOM   581  O O   . ILE A 1 90  ? -2.249  -9.554  -6.371  1.00 14.93 ? 140  ILE A O   1 
ATOM   582  C CB  . ILE A 1 90  ? -0.095  -7.466  -6.453  1.00 14.05 ? 140  ILE A CB  1 
ATOM   583  C CG1 . ILE A 1 90  ? 0.838   -6.421  -5.826  1.00 14.76 ? 140  ILE A CG1 1 
ATOM   584  C CG2 . ILE A 1 90  ? -0.214  -7.252  -7.958  1.00 16.68 ? 140  ILE A CG2 1 
ATOM   585  C CD1 . ILE A 1 90  ? 2.187   -6.320  -6.457  1.00 13.28 ? 140  ILE A CD1 1 
ATOM   586  N N   . ILE A 1 91  ? -3.550  -7.814  -6.931  1.00 16.72 ? 141  ILE A N   1 
ATOM   587  C CA  . ILE A 1 91  ? -4.612  -8.629  -7.492  1.00 16.54 ? 141  ILE A CA  1 
ATOM   588  C C   . ILE A 1 91  ? -4.268  -9.379  -8.774  1.00 16.71 ? 141  ILE A C   1 
ATOM   589  O O   . ILE A 1 91  ? -3.657  -8.830  -9.686  1.00 15.04 ? 141  ILE A O   1 
ATOM   590  C CB  . ILE A 1 91  ? -5.852  -7.759  -7.767  1.00 16.53 ? 141  ILE A CB  1 
ATOM   591  C CG1 . ILE A 1 91  ? -6.273  -7.029  -6.488  1.00 15.43 ? 141  ILE A CG1 1 
ATOM   592  C CG2 . ILE A 1 91  ? -6.997  -8.628  -8.297  1.00 16.37 ? 141  ILE A CG2 1 
ATOM   593  C CD1 . ILE A 1 91  ? -6.759  -7.942  -5.375  1.00 15.60 ? 141  ILE A CD1 1 
ATOM   594  N N   . ASN A 1 92  ? -4.647  -10.649 -8.822  1.00 15.93 ? 142  ASN A N   1 
ATOM   595  C CA  . ASN A 1 92  ? -4.450  -11.445 -10.025 1.00 18.52 ? 142  ASN A CA  1 
ATOM   596  C C   . ASN A 1 92  ? -5.860  -11.451 -10.609 1.00 18.66 ? 142  ASN A C   1 
ATOM   597  O O   . ASN A 1 92  ? -6.755  -12.100 -10.070 1.00 17.10 ? 142  ASN A O   1 
ATOM   598  C CB  . ASN A 1 92  ? -3.995  -12.869 -9.689  1.00 16.23 ? 142  ASN A CB  1 
ATOM   599  C CG  . ASN A 1 92  ? -3.706  -13.687 -10.933 1.00 15.73 ? 142  ASN A CG  1 
ATOM   600  O OD1 . ASN A 1 92  ? -4.613  -13.992 -11.705 1.00 16.73 ? 142  ASN A OD1 1 
ATOM   601  N ND2 . ASN A 1 92  ? -2.442  -14.031 -11.142 1.00 11.10 ? 142  ASN A ND2 1 
ATOM   602  N N   . TYR A 1 93  ? -6.059  -10.715 -11.695 1.00 21.50 ? 143  TYR A N   1 
ATOM   603  C CA  . TYR A 1 93  ? -7.384  -10.598 -12.295 1.00 26.12 ? 143  TYR A CA  1 
ATOM   604  C C   . TYR A 1 93  ? -7.956  -11.883 -12.894 1.00 27.15 ? 143  TYR A C   1 
ATOM   605  O O   . TYR A 1 93  ? -9.163  -11.981 -13.111 1.00 28.69 ? 143  TYR A O   1 
ATOM   606  C CB  . TYR A 1 93  ? -7.380  -9.474  -13.343 1.00 27.98 ? 143  TYR A CB  1 
ATOM   607  C CG  . TYR A 1 93  ? -6.806  -9.863  -14.682 1.00 31.33 ? 143  TYR A CG  1 
ATOM   608  C CD1 . TYR A 1 93  ? -7.583  -10.536 -15.625 1.00 32.88 ? 143  TYR A CD1 1 
ATOM   609  C CD2 . TYR A 1 93  ? -5.481  -9.573  -15.006 1.00 32.85 ? 143  TYR A CD2 1 
ATOM   610  C CE1 . TYR A 1 93  ? -7.057  -10.912 -16.859 1.00 35.13 ? 143  TYR A CE1 1 
ATOM   611  C CE2 . TYR A 1 93  ? -4.942  -9.944  -16.237 1.00 35.04 ? 143  TYR A CE2 1 
ATOM   612  C CZ  . TYR A 1 93  ? -5.737  -10.612 -17.156 1.00 35.16 ? 143  TYR A CZ  1 
ATOM   613  O OH  . TYR A 1 93  ? -5.215  -10.986 -18.370 1.00 38.11 ? 143  TYR A OH  1 
ATOM   614  N N   . ARG A 1 94  ? -7.103  -12.866 -13.152 1.00 27.60 ? 144  ARG A N   1 
ATOM   615  C CA  . ARG A 1 94  ? -7.560  -14.131 -13.720 1.00 28.17 ? 144  ARG A CA  1 
ATOM   616  C C   . ARG A 1 94  ? -8.046  -15.119 -12.672 1.00 28.44 ? 144  ARG A C   1 
ATOM   617  O O   . ARG A 1 94  ? -8.989  -15.873 -12.913 1.00 29.54 ? 144  ARG A O   1 
ATOM   618  C CB  . ARG A 1 94  ? -6.440  -14.803 -14.506 1.00 27.21 ? 144  ARG A CB  1 
ATOM   619  C CG  . ARG A 1 94  ? -5.996  -14.057 -15.727 1.00 29.25 ? 144  ARG A CG  1 
ATOM   620  C CD  . ARG A 1 94  ? -4.930  -14.850 -16.450 1.00 27.92 ? 144  ARG A CD  1 
ATOM   621  N NE  . ARG A 1 94  ? -4.474  -14.156 -17.643 1.00 28.52 ? 144  ARG A NE  1 
ATOM   622  C CZ  . ARG A 1 94  ? -3.520  -14.606 -18.448 1.00 30.98 ? 144  ARG A CZ  1 
ATOM   623  N NH1 . ARG A 1 94  ? -2.913  -15.757 -18.190 1.00 29.37 ? 144  ARG A NH1 1 
ATOM   624  N NH2 . ARG A 1 94  ? -3.179  -13.901 -19.518 1.00 32.18 ? 144  ARG A NH2 1 
ATOM   625  N N   . ASP A 1 95  ? -7.399  -15.114 -11.511 1.00 27.44 ? 145  ASP A N   1 
ATOM   626  C CA  . ASP A 1 95  ? -7.732  -16.044 -10.436 1.00 26.89 ? 145  ASP A CA  1 
ATOM   627  C C   . ASP A 1 95  ? -7.330  -15.417 -9.098  1.00 27.13 ? 145  ASP A C   1 
ATOM   628  O O   . ASP A 1 95  ? -6.146  -15.328 -8.782  1.00 25.49 ? 145  ASP A O   1 
ATOM   629  C CB  . ASP A 1 95  ? -6.968  -17.349 -10.694 1.00 24.92 ? 145  ASP A CB  1 
ATOM   630  C CG  . ASP A 1 95  ? -7.171  -18.387 -9.615  1.00 25.17 ? 145  ASP A CG  1 
ATOM   631  O OD1 . ASP A 1 95  ? -6.710  -19.529 -9.829  1.00 24.89 ? 145  ASP A OD1 1 
ATOM   632  O OD2 . ASP A 1 95  ? -7.772  -18.076 -8.567  1.00 22.72 ? 145  ASP A OD2 1 
ATOM   633  N N   . ASP A 1 96  ? -8.311  -14.983 -8.313  1.00 27.99 ? 146  ASP A N   1 
ATOM   634  C CA  . ASP A 1 96  ? -7.999  -14.342 -7.042  1.00 29.84 ? 146  ASP A CA  1 
ATOM   635  C C   . ASP A 1 96  ? -7.038  -15.160 -6.194  1.00 30.44 ? 146  ASP A C   1 
ATOM   636  O O   . ASP A 1 96  ? -6.117  -14.610 -5.599  1.00 30.42 ? 146  ASP A O   1 
ATOM   637  C CB  . ASP A 1 96  ? -9.260  -14.070 -6.226  1.00 31.91 ? 146  ASP A CB  1 
ATOM   638  C CG  . ASP A 1 96  ? -8.978  -13.211 -4.997  1.00 36.06 ? 146  ASP A CG  1 
ATOM   639  O OD1 . ASP A 1 96  ? -9.707  -13.349 -3.994  1.00 38.22 ? 146  ASP A OD1 1 
ATOM   640  O OD2 . ASP A 1 96  ? -8.032  -12.388 -5.040  1.00 36.13 ? 146  ASP A OD2 1 
ATOM   641  N N   . GLU A 1 97  ? -7.243  -16.472 -6.143  1.00 29.61 ? 147  GLU A N   1 
ATOM   642  C CA  . GLU A 1 97  ? -6.375  -17.332 -5.347  1.00 28.31 ? 147  GLU A CA  1 
ATOM   643  C C   . GLU A 1 97  ? -4.911  -17.164 -5.720  1.00 26.18 ? 147  GLU A C   1 
ATOM   644  O O   . GLU A 1 97  ? -4.027  -17.558 -4.965  1.00 27.66 ? 147  GLU A O   1 
ATOM   645  C CB  . GLU A 1 97  ? -6.773  -18.800 -5.509  1.00 28.16 ? 147  GLU A CB  1 
ATOM   646  C CG  . GLU A 1 97  ? -8.242  -19.066 -5.284  1.00 32.21 ? 147  GLU A CG  1 
ATOM   647  C CD  . GLU A 1 97  ? -8.546  -20.546 -5.170  1.00 35.43 ? 147  GLU A CD  1 
ATOM   648  O OE1 . GLU A 1 97  ? -8.048  -21.331 -6.008  1.00 37.09 ? 147  GLU A OE1 1 
ATOM   649  O OE2 . GLU A 1 97  ? -9.289  -20.923 -4.242  1.00 37.35 ? 147  GLU A OE2 1 
ATOM   650  N N   . LYS A 1 98  ? -4.659  -16.577 -6.885  1.00 25.20 ? 148  LYS A N   1 
ATOM   651  C CA  . LYS A 1 98  ? -3.294  -16.353 -7.351  1.00 23.87 ? 148  LYS A CA  1 
ATOM   652  C C   . LYS A 1 98  ? -2.818  -14.938 -7.030  1.00 23.20 ? 148  LYS A C   1 
ATOM   653  O O   . LYS A 1 98  ? -1.728  -14.536 -7.435  1.00 21.83 ? 148  LYS A O   1 
ATOM   654  C CB  . LYS A 1 98  ? -3.205  -16.597 -8.862  1.00 25.93 ? 148  LYS A CB  1 
ATOM   655  C CG  . LYS A 1 98  ? -3.426  -18.050 -9.283  1.00 27.88 ? 148  LYS A CG  1 
ATOM   656  C CD  . LYS A 1 98  ? -2.277  -18.948 -8.845  1.00 29.78 ? 148  LYS A CD  1 
ATOM   657  C CE  . LYS A 1 98  ? -2.457  -20.384 -9.342  1.00 29.42 ? 148  LYS A CE  1 
ATOM   658  N NZ  . LYS A 1 98  ? -2.534  -20.483 -10.830 1.00 29.73 ? 148  LYS A NZ  1 
ATOM   659  N N   . SER A 1 99  ? -3.639  -14.171 -6.322  1.00 21.57 ? 149  SER A N   1 
ATOM   660  C CA  . SER A 1 99  ? -3.236  -12.821 -5.945  1.00 21.61 ? 149  SER A CA  1 
ATOM   661  C C   . SER A 1 99  ? -2.116  -12.975 -4.924  1.00 21.47 ? 149  SER A C   1 
ATOM   662  O O   . SER A 1 99  ? -2.141  -13.900 -4.116  1.00 22.44 ? 149  SER A O   1 
ATOM   663  C CB  . SER A 1 99  ? -4.408  -12.061 -5.323  1.00 19.25 ? 149  SER A CB  1 
ATOM   664  O OG  . SER A 1 99  ? -5.401  -11.788 -6.294  1.00 18.93 ? 149  SER A OG  1 
ATOM   665  N N   . PHE A 1 100 ? -1.133  -12.081 -4.959  1.00 20.90 ? 150  PHE A N   1 
ATOM   666  C CA  . PHE A 1 100 ? -0.023  -12.169 -4.019  1.00 22.04 ? 150  PHE A CA  1 
ATOM   667  C C   . PHE A 1 100 ? -0.116  -11.120 -2.916  1.00 21.68 ? 150  PHE A C   1 
ATOM   668  O O   . PHE A 1 100 ? -0.222  -9.921  -3.185  1.00 18.40 ? 150  PHE A O   1 
ATOM   669  C CB  . PHE A 1 100 ? 1.309   -12.016 -4.748  1.00 24.95 ? 150  PHE A CB  1 
ATOM   670  C CG  . PHE A 1 100 ? 2.500   -12.311 -3.887  1.00 30.36 ? 150  PHE A CG  1 
ATOM   671  C CD1 . PHE A 1 100 ? 2.621   -13.544 -3.249  1.00 32.09 ? 150  PHE A CD1 1 
ATOM   672  C CD2 . PHE A 1 100 ? 3.498   -11.360 -3.705  1.00 30.21 ? 150  PHE A CD2 1 
ATOM   673  C CE1 . PHE A 1 100 ? 3.721   -13.827 -2.441  1.00 33.42 ? 150  PHE A CE1 1 
ATOM   674  C CE2 . PHE A 1 100 ? 4.601   -11.631 -2.899  1.00 32.41 ? 150  PHE A CE2 1 
ATOM   675  C CZ  . PHE A 1 100 ? 4.714   -12.866 -2.266  1.00 34.38 ? 150  PHE A CZ  1 
ATOM   676  N N   . SER A 1 101 ? -0.067  -11.578 -1.672  1.00 20.65 ? 151  SER A N   1 
ATOM   677  C CA  . SER A 1 101 ? -0.160  -10.666 -0.546  1.00 21.80 ? 151  SER A CA  1 
ATOM   678  C C   . SER A 1 101 ? 0.853   -10.933 0.558   1.00 20.95 ? 151  SER A C   1 
ATOM   679  O O   . SER A 1 101 ? 1.416   -12.023 0.667   1.00 21.14 ? 151  SER A O   1 
ATOM   680  C CB  . SER A 1 101 ? -1.573  -10.705 0.035   1.00 22.51 ? 151  SER A CB  1 
ATOM   681  O OG  . SER A 1 101 ? -1.901  -12.008 0.471   1.00 25.93 ? 151  SER A OG  1 
ATOM   682  N N   . ARG A 1 102 ? 1.086   -9.905  1.363   1.00 19.96 ? 152  ARG A N   1 
ATOM   683  C CA  . ARG A 1 102 ? 2.009   -9.965  2.487   1.00 19.87 ? 152  ARG A CA  1 
ATOM   684  C C   . ARG A 1 102 ? 1.367   -9.118  3.573   1.00 20.69 ? 152  ARG A C   1 
ATOM   685  O O   . ARG A 1 102 ? 0.654   -8.160  3.276   1.00 20.22 ? 152  ARG A O   1 
ATOM   686  C CB  . ARG A 1 102 ? 3.365   -9.348  2.129   1.00 18.03 ? 152  ARG A CB  1 
ATOM   687  C CG  . ARG A 1 102 ? 4.166   -10.046 1.039   1.00 18.98 ? 152  ARG A CG  1 
ATOM   688  C CD  . ARG A 1 102 ? 5.424   -9.233  0.750   1.00 19.16 ? 152  ARG A CD  1 
ATOM   689  N NE  . ARG A 1 102 ? 6.218   -9.765  -0.354  1.00 20.52 ? 152  ARG A NE  1 
ATOM   690  C CZ  . ARG A 1 102 ? 7.009   -10.831 -0.270  1.00 18.91 ? 152  ARG A CZ  1 
ATOM   691  N NH1 . ARG A 1 102 ? 7.118   -11.495 0.875   1.00 17.22 ? 152  ARG A NH1 1 
ATOM   692  N NH2 . ARG A 1 102 ? 7.699   -11.228 -1.330  1.00 14.34 ? 152  ARG A NH2 1 
ATOM   693  N N   . ARG A 1 103 ? 1.622   -9.458  4.828   1.00 21.06 ? 153  ARG A N   1 
ATOM   694  C CA  . ARG A 1 103 ? 1.047   -8.689  5.916   1.00 22.19 ? 153  ARG A CA  1 
ATOM   695  C C   . ARG A 1 103 ? 2.101   -7.852  6.617   1.00 20.68 ? 153  ARG A C   1 
ATOM   696  O O   . ARG A 1 103 ? 3.293   -8.170  6.583   1.00 20.30 ? 153  ARG A O   1 
ATOM   697  C CB  . ARG A 1 103 ? 0.380   -9.618  6.932   1.00 26.13 ? 153  ARG A CB  1 
ATOM   698  C CG  . ARG A 1 103 ? 1.343   -10.553 7.638   1.00 34.16 ? 153  ARG A CG  1 
ATOM   699  C CD  . ARG A 1 103 ? 0.631   -11.393 8.694   1.00 40.71 ? 153  ARG A CD  1 
ATOM   700  N NE  . ARG A 1 103 ? 1.555   -12.264 9.419   1.00 46.03 ? 153  ARG A NE  1 
ATOM   701  C CZ  . ARG A 1 103 ? 2.213   -13.285 8.874   1.00 48.60 ? 153  ARG A CZ  1 
ATOM   702  N NH1 . ARG A 1 103 ? 2.053   -13.574 7.588   1.00 49.97 ? 153  ARG A NH1 1 
ATOM   703  N NH2 . ARG A 1 103 ? 3.030   -14.021 9.618   1.00 50.47 ? 153  ARG A NH2 1 
ATOM   704  N N   . ILE A 1 104 ? 1.647   -6.771  7.243   1.00 17.97 ? 154  ILE A N   1 
ATOM   705  C CA  . ILE A 1 104 ? 2.517   -5.881  7.998   1.00 16.87 ? 154  ILE A CA  1 
ATOM   706  C C   . ILE A 1 104 ? 1.823   -5.514  9.300   1.00 17.19 ? 154  ILE A C   1 
ATOM   707  O O   . ILE A 1 104 ? 0.606   -5.653  9.442   1.00 14.84 ? 154  ILE A O   1 
ATOM   708  C CB  . ILE A 1 104 ? 2.804   -4.560  7.254   1.00 16.35 ? 154  ILE A CB  1 
ATOM   709  C CG1 . ILE A 1 104 ? 1.484   -3.836  6.957   1.00 16.63 ? 154  ILE A CG1 1 
ATOM   710  C CG2 . ILE A 1 104 ? 3.593   -4.835  5.997   1.00 15.77 ? 154  ILE A CG2 1 
ATOM   711  C CD1 . ILE A 1 104 ? 1.652   -2.460  6.330   1.00 15.13 ? 154  ILE A CD1 1 
ATOM   712  N N   . SER A 1 105 ? 2.618   -5.053  10.251  1.00 17.78 ? 155  SER A N   1 
ATOM   713  C CA  . SER A 1 105 ? 2.127   -4.604  11.544  1.00 17.60 ? 155  SER A CA  1 
ATOM   714  C C   . SER A 1 105 ? 3.093   -3.469  11.834  1.00 15.58 ? 155  SER A C   1 
ATOM   715  O O   . SER A 1 105 ? 4.307   -3.681  11.866  1.00 16.05 ? 155  SER A O   1 
ATOM   716  C CB  . SER A 1 105 ? 2.246   -5.717  12.588  1.00 18.98 ? 155  SER A CB  1 
ATOM   717  O OG  . SER A 1 105 ? 1.890   -5.232  13.872  1.00 23.60 ? 155  SER A OG  1 
ATOM   718  N N   . HIS A 1 106 ? 2.567   -2.263  12.038  1.00 15.71 ? 156  HIS A N   1 
ATOM   719  C CA  . HIS A 1 106 ? 3.439   -1.115  12.243  1.00 13.02 ? 156  HIS A CA  1 
ATOM   720  C C   . HIS A 1 106 ? 2.807   0.020   13.033  1.00 13.40 ? 156  HIS A C   1 
ATOM   721  O O   . HIS A 1 106 ? 1.594   0.239   12.993  1.00 11.87 ? 156  HIS A O   1 
ATOM   722  C CB  . HIS A 1 106 ? 3.878   -0.605  10.862  1.00 11.71 ? 156  HIS A CB  1 
ATOM   723  C CG  . HIS A 1 106 ? 4.758   0.609   10.896  1.00 12.43 ? 156  HIS A CG  1 
ATOM   724  N ND1 . HIS A 1 106 ? 6.053   0.581   11.364  1.00 11.92 ? 156  HIS A ND1 1 
ATOM   725  C CD2 . HIS A 1 106 ? 4.541   1.875   10.465  1.00 12.84 ? 156  HIS A CD2 1 
ATOM   726  C CE1 . HIS A 1 106 ? 6.601   1.775   11.214  1.00 13.98 ? 156  HIS A CE1 1 
ATOM   727  N NE2 . HIS A 1 106 ? 5.705   2.578   10.669  1.00 13.72 ? 156  HIS A NE2 1 
ATOM   728  N N   . LEU A 1 107 ? 3.649   0.739   13.764  1.00 14.24 ? 157  LEU A N   1 
ATOM   729  C CA  . LEU A 1 107 ? 3.192   1.890   14.527  1.00 15.85 ? 157  LEU A CA  1 
ATOM   730  C C   . LEU A 1 107 ? 3.512   3.064   13.609  1.00 16.35 ? 157  LEU A C   1 
ATOM   731  O O   . LEU A 1 107 ? 4.682   3.435   13.439  1.00 17.35 ? 157  LEU A O   1 
ATOM   732  C CB  . LEU A 1 107 ? 3.969   2.002   15.845  1.00 16.08 ? 157  LEU A CB  1 
ATOM   733  C CG  . LEU A 1 107 ? 3.690   3.175   16.794  1.00 18.05 ? 157  LEU A CG  1 
ATOM   734  C CD1 . LEU A 1 107 ? 4.257   4.445   16.209  1.00 19.68 ? 157  LEU A CD1 1 
ATOM   735  C CD2 . LEU A 1 107 ? 2.187   3.311   17.053  1.00 19.14 ? 157  LEU A CD2 1 
ATOM   736  N N   . PHE A 1 108 ? 2.483   3.620   12.978  1.00 16.17 ? 158  PHE A N   1 
ATOM   737  C CA  . PHE A 1 108 ? 2.684   4.755   12.080  1.00 15.62 ? 158  PHE A CA  1 
ATOM   738  C C   . PHE A 1 108 ? 2.749   6.079   12.854  1.00 16.29 ? 158  PHE A C   1 
ATOM   739  O O   . PHE A 1 108 ? 1.965   6.308   13.774  1.00 16.77 ? 158  PHE A O   1 
ATOM   740  C CB  . PHE A 1 108 ? 1.543   4.849   11.050  1.00 12.03 ? 158  PHE A CB  1 
ATOM   741  C CG  . PHE A 1 108 ? 1.457   3.671   10.104  1.00 13.36 ? 158  PHE A CG  1 
ATOM   742  C CD1 . PHE A 1 108 ? 0.893   2.468   10.516  1.00 10.96 ? 158  PHE A CD1 1 
ATOM   743  C CD2 . PHE A 1 108 ? 1.938   3.774   8.799   1.00 12.29 ? 158  PHE A CD2 1 
ATOM   744  C CE1 . PHE A 1 108 ? 0.806   1.375   9.641   1.00 13.06 ? 158  PHE A CE1 1 
ATOM   745  C CE2 . PHE A 1 108 ? 1.859   2.694   7.915   1.00 15.31 ? 158  PHE A CE2 1 
ATOM   746  C CZ  . PHE A 1 108 ? 1.289   1.485   8.340   1.00 12.90 ? 158  PHE A CZ  1 
ATOM   747  N N   . PHE A 1 109 ? 3.705   6.928   12.497  1.00 15.72 ? 159  PHE A N   1 
ATOM   748  C CA  . PHE A 1 109 ? 3.826   8.251   13.100  1.00 16.36 ? 159  PHE A CA  1 
ATOM   749  C C   . PHE A 1 109 ? 4.604   9.113   12.114  1.00 18.07 ? 159  PHE A C   1 
ATOM   750  O O   . PHE A 1 109 ? 5.107   8.598   11.111  1.00 16.60 ? 159  PHE A O   1 
ATOM   751  C CB  . PHE A 1 109 ? 4.462   8.217   14.508  1.00 13.02 ? 159  PHE A CB  1 
ATOM   752  C CG  . PHE A 1 109 ? 5.940   7.915   14.543  1.00 14.34 ? 159  PHE A CG  1 
ATOM   753  C CD1 . PHE A 1 109 ? 6.413   6.623   14.329  1.00 13.52 ? 159  PHE A CD1 1 
ATOM   754  C CD2 . PHE A 1 109 ? 6.852   8.910   14.908  1.00 13.27 ? 159  PHE A CD2 1 
ATOM   755  C CE1 . PHE A 1 109 ? 7.768   6.319   14.487  1.00 14.44 ? 159  PHE A CE1 1 
ATOM   756  C CE2 . PHE A 1 109 ? 8.215   8.619   15.067  1.00 13.78 ? 159  PHE A CE2 1 
ATOM   757  C CZ  . PHE A 1 109 ? 8.672   7.323   14.859  1.00 11.79 ? 159  PHE A CZ  1 
ATOM   758  N N   . HIS A 1 110 ? 4.699   10.412  12.376  1.00 18.56 ? 160  HIS A N   1 
ATOM   759  C CA  . HIS A 1 110 ? 5.350   11.304  11.426  1.00 20.79 ? 160  HIS A CA  1 
ATOM   760  C C   . HIS A 1 110 ? 6.734   10.936  10.905  1.00 19.09 ? 160  HIS A C   1 
ATOM   761  O O   . HIS A 1 110 ? 7.050   11.266  9.765   1.00 19.17 ? 160  HIS A O   1 
ATOM   762  C CB  . HIS A 1 110 ? 5.346   12.754  11.943  1.00 22.28 ? 160  HIS A CB  1 
ATOM   763  C CG  . HIS A 1 110 ? 6.444   13.073  12.908  1.00 27.11 ? 160  HIS A CG  1 
ATOM   764  N ND1 . HIS A 1 110 ? 6.488   12.564  14.189  1.00 27.51 ? 160  HIS A ND1 1 
ATOM   765  C CD2 . HIS A 1 110 ? 7.530   13.875  12.784  1.00 28.77 ? 160  HIS A CD2 1 
ATOM   766  C CE1 . HIS A 1 110 ? 7.551   13.040  14.812  1.00 29.24 ? 160  HIS A CE1 1 
ATOM   767  N NE2 . HIS A 1 110 ? 8.200   13.837  13.983  1.00 29.71 ? 160  HIS A NE2 1 
ATOM   768  N N   . LYS A 1 111 ? 7.549   10.247  11.702  1.00 19.52 ? 161  LYS A N   1 
ATOM   769  C CA  . LYS A 1 111 ? 8.903   9.869   11.264  1.00 20.80 ? 161  LYS A CA  1 
ATOM   770  C C   . LYS A 1 111 ? 8.939   8.555   10.478  1.00 19.82 ? 161  LYS A C   1 
ATOM   771  O O   . LYS A 1 111 ? 9.927   8.249   9.816   1.00 17.78 ? 161  LYS A O   1 
ATOM   772  C CB  . LYS A 1 111 ? 9.849   9.738   12.464  1.00 22.31 ? 161  LYS A CB  1 
ATOM   773  C CG  . LYS A 1 111 ? 10.070  11.006  13.268  1.00 26.83 ? 161  LYS A CG  1 
ATOM   774  C CD  . LYS A 1 111 ? 10.894  12.032  12.514  1.00 30.22 ? 161  LYS A CD  1 
ATOM   775  C CE  . LYS A 1 111 ? 11.184  13.248  13.393  1.00 32.55 ? 161  LYS A CE  1 
ATOM   776  N NZ  . LYS A 1 111 ? 11.910  14.324  12.651  1.00 33.38 ? 161  LYS A NZ  1 
ATOM   777  N N   . GLU A 1 112 ? 7.867   7.776   10.581  1.00 18.57 ? 162  GLU A N   1 
ATOM   778  C CA  . GLU A 1 112 ? 7.750   6.498   9.886   1.00 17.31 ? 162  GLU A CA  1 
ATOM   779  C C   . GLU A 1 112 ? 6.298   6.439   9.433   1.00 15.64 ? 162  GLU A C   1 
ATOM   780  O O   . GLU A 1 112 ? 5.511   5.639   9.946   1.00 12.17 ? 162  GLU A O   1 
ATOM   781  C CB  . GLU A 1 112 ? 8.059   5.336   10.848  1.00 17.07 ? 162  GLU A CB  1 
ATOM   782  C CG  . GLU A 1 112 ? 9.456   5.413   11.467  1.00 25.74 ? 162  GLU A CG  1 
ATOM   783  C CD  . GLU A 1 112 ? 9.830   4.195   12.306  1.00 29.70 ? 162  GLU A CD  1 
ATOM   784  O OE1 . GLU A 1 112 ? 10.983  4.149   12.792  1.00 34.05 ? 162  GLU A OE1 1 
ATOM   785  O OE2 . GLU A 1 112 ? 8.989   3.288   12.486  1.00 29.32 ? 162  GLU A OE2 1 
ATOM   786  N N   . ASN A 1 113 ? 5.942   7.291   8.474   1.00 14.20 ? 163  ASN A N   1 
ATOM   787  C CA  . ASN A 1 113 ? 4.560   7.350   8.022   1.00 11.98 ? 163  ASN A CA  1 
ATOM   788  C C   . ASN A 1 113 ? 4.127   6.346   6.955   1.00 13.27 ? 163  ASN A C   1 
ATOM   789  O O   . ASN A 1 113 ? 2.977   6.367   6.532   1.00 12.21 ? 163  ASN A O   1 
ATOM   790  C CB  . ASN A 1 113 ? 4.195   8.780   7.589   1.00 11.35 ? 163  ASN A CB  1 
ATOM   791  C CG  . ASN A 1 113 ? 4.902   9.221   6.324   1.00 8.60  ? 163  ASN A CG  1 
ATOM   792  O OD1 . ASN A 1 113 ? 5.247   8.406   5.473   1.00 10.01 ? 163  ASN A OD1 1 
ATOM   793  N ND2 . ASN A 1 113 ? 5.095   10.525  6.184   1.00 9.16  ? 163  ASN A ND2 1 
ATOM   794  N N   . ASP A 1 114 ? 5.041   5.488   6.504   1.00 14.46 ? 164  ASP A N   1 
ATOM   795  C CA  . ASP A 1 114 ? 4.683   4.452   5.535   1.00 15.28 ? 164  ASP A CA  1 
ATOM   796  C C   . ASP A 1 114 ? 5.436   3.167   5.861   1.00 15.31 ? 164  ASP A C   1 
ATOM   797  O O   . ASP A 1 114 ? 6.504   3.188   6.482   1.00 13.27 ? 164  ASP A O   1 
ATOM   798  C CB  . ASP A 1 114 ? 4.940   4.879   4.080   1.00 15.40 ? 164  ASP A CB  1 
ATOM   799  C CG  . ASP A 1 114 ? 6.418   4.897   3.703   1.00 18.26 ? 164  ASP A CG  1 
ATOM   800  O OD1 . ASP A 1 114 ? 7.163   3.978   4.097   1.00 18.65 ? 164  ASP A OD1 1 
ATOM   801  O OD2 . ASP A 1 114 ? 6.831   5.828   2.977   1.00 17.42 ? 164  ASP A OD2 1 
ATOM   802  N N   . TRP A 1 115 ? 4.878   2.045   5.437   1.00 15.35 ? 165  TRP A N   1 
ATOM   803  C CA  . TRP A 1 115 ? 5.492   0.767   5.734   1.00 14.91 ? 165  TRP A CA  1 
ATOM   804  C C   . TRP A 1 115 ? 5.064   -0.252  4.686   1.00 15.86 ? 165  TRP A C   1 
ATOM   805  O O   . TRP A 1 115 ? 3.928   -0.216  4.203   1.00 15.12 ? 165  TRP A O   1 
ATOM   806  C CB  . TRP A 1 115 ? 5.048   0.341   7.133   1.00 15.09 ? 165  TRP A CB  1 
ATOM   807  C CG  . TRP A 1 115 ? 5.838   -0.761  7.736   1.00 17.36 ? 165  TRP A CG  1 
ATOM   808  C CD1 . TRP A 1 115 ? 5.443   -2.057  7.907   1.00 17.04 ? 165  TRP A CD1 1 
ATOM   809  C CD2 . TRP A 1 115 ? 7.155   -0.664  8.285   1.00 16.62 ? 165  TRP A CD2 1 
ATOM   810  N NE1 . TRP A 1 115 ? 6.434   -2.772  8.535   1.00 18.43 ? 165  TRP A NE1 1 
ATOM   811  C CE2 . TRP A 1 115 ? 7.496   -1.941  8.777   1.00 17.41 ? 165  TRP A CE2 1 
ATOM   812  C CE3 . TRP A 1 115 ? 8.080   0.379   8.411   1.00 17.82 ? 165  TRP A CE3 1 
ATOM   813  C CZ2 . TRP A 1 115 ? 8.726   -2.204  9.385   1.00 19.75 ? 165  TRP A CZ2 1 
ATOM   814  C CZ3 . TRP A 1 115 ? 9.303   0.118   9.016   1.00 19.58 ? 165  TRP A CZ3 1 
ATOM   815  C CH2 . TRP A 1 115 ? 9.613   -1.165  9.495   1.00 20.52 ? 165  TRP A CH2 1 
ATOM   816  N N   . GLY A 1 116 ? 5.978   -1.152  4.335   1.00 15.58 ? 166  GLY A N   1 
ATOM   817  C CA  . GLY A 1 116 ? 5.690   -2.163  3.335   1.00 13.40 ? 166  GLY A CA  1 
ATOM   818  C C   . GLY A 1 116 ? 6.947   -2.895  2.887   1.00 14.74 ? 166  GLY A C   1 
ATOM   819  O O   . GLY A 1 116 ? 7.850   -3.138  3.686   1.00 15.08 ? 166  GLY A O   1 
ATOM   820  N N   . PHE A 1 117 ? 7.018   -3.245  1.608   1.00 13.97 ? 167  PHE A N   1 
ATOM   821  C CA  . PHE A 1 117 ? 8.183   -3.954  1.095   1.00 15.94 ? 167  PHE A CA  1 
ATOM   822  C C   . PHE A 1 117 ? 8.740   -3.299  -0.154  1.00 16.08 ? 167  PHE A C   1 
ATOM   823  O O   . PHE A 1 117 ? 8.002   -3.020  -1.098  1.00 15.73 ? 167  PHE A O   1 
ATOM   824  C CB  . PHE A 1 117 ? 7.816   -5.408  0.791   1.00 15.24 ? 167  PHE A CB  1 
ATOM   825  C CG  . PHE A 1 117 ? 7.081   -6.082  1.905   1.00 14.27 ? 167  PHE A CG  1 
ATOM   826  C CD1 . PHE A 1 117 ? 5.744   -5.792  2.143   1.00 15.78 ? 167  PHE A CD1 1 
ATOM   827  C CD2 . PHE A 1 117 ? 7.733   -6.975  2.746   1.00 16.35 ? 167  PHE A CD2 1 
ATOM   828  C CE1 . PHE A 1 117 ? 5.066   -6.380  3.203   1.00 15.49 ? 167  PHE A CE1 1 
ATOM   829  C CE2 . PHE A 1 117 ? 7.066   -7.569  3.809   1.00 16.57 ? 167  PHE A CE2 1 
ATOM   830  C CZ  . PHE A 1 117 ? 5.728   -7.271  4.038   1.00 16.73 ? 167  PHE A CZ  1 
ATOM   831  N N   . SER A 1 118 ? 10.043  -3.041  -0.150  1.00 14.67 ? 168  SER A N   1 
ATOM   832  C CA  . SER A 1 118 ? 10.686  -2.441  -1.305  1.00 17.35 ? 168  SER A CA  1 
ATOM   833  C C   . SER A 1 118 ? 10.768  -3.505  -2.395  1.00 17.27 ? 168  SER A C   1 
ATOM   834  O O   . SER A 1 118 ? 10.854  -3.185  -3.580  1.00 17.73 ? 168  SER A O   1 
ATOM   835  C CB  . SER A 1 118 ? 12.091  -1.953  -0.942  1.00 18.95 ? 168  SER A CB  1 
ATOM   836  O OG  . SER A 1 118 ? 12.892  -3.035  -0.513  1.00 25.24 ? 168  SER A OG  1 
ATOM   837  N N   . ASN A 1 119 ? 10.742  -4.771  -1.981  1.00 16.57 ? 169  ASN A N   1 
ATOM   838  C CA  . ASN A 1 119 ? 10.788  -5.891  -2.916  1.00 17.44 ? 169  ASN A CA  1 
ATOM   839  C C   . ASN A 1 119 ? 9.548   -6.761  -2.721  1.00 17.69 ? 169  ASN A C   1 
ATOM   840  O O   . ASN A 1 119 ? 9.659   -7.969  -2.488  1.00 14.60 ? 169  ASN A O   1 
ATOM   841  C CB  . ASN A 1 119 ? 12.039  -6.740  -2.686  1.00 22.44 ? 169  ASN A CB  1 
ATOM   842  C CG  . ASN A 1 119 ? 13.323  -5.949  -2.851  1.00 26.41 ? 169  ASN A CG  1 
ATOM   843  O OD1 . ASN A 1 119 ? 13.631  -5.450  -3.938  1.00 29.08 ? 169  ASN A OD1 1 
ATOM   844  N ND2 . ASN A 1 119 ? 14.080  -5.825  -1.769  1.00 28.73 ? 169  ASN A ND2 1 
ATOM   845  N N   . PHE A 1 120 ? 8.372   -6.139  -2.809  1.00 14.81 ? 170  PHE A N   1 
ATOM   846  C CA  . PHE A 1 120 ? 7.116   -6.861  -2.639  1.00 15.36 ? 170  PHE A CA  1 
ATOM   847  C C   . PHE A 1 120 ? 7.060   -8.064  -3.584  1.00 15.03 ? 170  PHE A C   1 
ATOM   848  O O   . PHE A 1 120 ? 6.628   -9.137  -3.188  1.00 14.93 ? 170  PHE A O   1 
ATOM   849  C CB  . PHE A 1 120 ? 5.919   -5.932  -2.874  1.00 13.48 ? 170  PHE A CB  1 
ATOM   850  C CG  . PHE A 1 120 ? 4.603   -6.557  -2.529  1.00 15.80 ? 170  PHE A CG  1 
ATOM   851  C CD1 . PHE A 1 120 ? 3.962   -7.407  -3.431  1.00 15.64 ? 170  PHE A CD1 1 
ATOM   852  C CD2 . PHE A 1 120 ? 4.014   -6.325  -1.289  1.00 14.31 ? 170  PHE A CD2 1 
ATOM   853  C CE1 . PHE A 1 120 ? 2.752   -8.014  -3.103  1.00 15.74 ? 170  PHE A CE1 1 
ATOM   854  C CE2 . PHE A 1 120 ? 2.806   -6.927  -0.951  1.00 14.75 ? 170  PHE A CE2 1 
ATOM   855  C CZ  . PHE A 1 120 ? 2.170   -7.775  -1.861  1.00 16.29 ? 170  PHE A CZ  1 
ATOM   856  N N   . MET A 1 121 ? 7.472   -7.874  -4.835  1.00 15.75 ? 171  MET A N   1 
ATOM   857  C CA  . MET A 1 121 ? 7.539   -8.982  -5.786  1.00 16.91 ? 171  MET A CA  1 
ATOM   858  C C   . MET A 1 121 ? 8.339   -8.612  -7.027  1.00 16.74 ? 171  MET A C   1 
ATOM   859  O O   . MET A 1 121 ? 8.508   -7.432  -7.350  1.00 14.70 ? 171  MET A O   1 
ATOM   860  C CB  . MET A 1 121 ? 6.142   -9.514  -6.169  1.00 19.50 ? 171  MET A CB  1 
ATOM   861  C CG  . MET A 1 121 ? 5.313   -8.673  -7.114  1.00 23.87 ? 171  MET A CG  1 
ATOM   862  S SD  . MET A 1 121 ? 3.865   -9.640  -7.696  1.00 33.78 ? 171  MET A SD  1 
ATOM   863  C CE  . MET A 1 121 ? 2.777   -9.459  -6.342  1.00 30.60 ? 171  MET A CE  1 
ATOM   864  N N   . ALA A 1 122 ? 8.850   -9.635  -7.706  1.00 15.46 ? 172  ALA A N   1 
ATOM   865  C CA  . ALA A 1 122 ? 9.659   -9.442  -8.899  1.00 15.27 ? 172  ALA A CA  1 
ATOM   866  C C   . ALA A 1 122 ? 8.942   -8.656  -9.991  1.00 14.64 ? 172  ALA A C   1 
ATOM   867  O O   . ALA A 1 122 ? 7.818   -8.966  -10.362 1.00 12.87 ? 172  ALA A O   1 
ATOM   868  C CB  . ALA A 1 122 ? 10.109  -10.800 -9.443  1.00 14.89 ? 172  ALA A CB  1 
ATOM   869  N N   . TRP A 1 123 ? 9.611   -7.634  -10.507 1.00 15.76 ? 173  TRP A N   1 
ATOM   870  C CA  . TRP A 1 123 ? 9.039   -6.819  -11.567 1.00 18.23 ? 173  TRP A CA  1 
ATOM   871  C C   . TRP A 1 123 ? 8.716   -7.691  -12.783 1.00 20.19 ? 173  TRP A C   1 
ATOM   872  O O   . TRP A 1 123 ? 7.648   -7.559  -13.388 1.00 19.91 ? 173  TRP A O   1 
ATOM   873  C CB  . TRP A 1 123 ? 10.025  -5.710  -11.951 1.00 18.85 ? 173  TRP A CB  1 
ATOM   874  C CG  . TRP A 1 123 ? 9.447   -4.668  -12.857 1.00 18.42 ? 173  TRP A CG  1 
ATOM   875  C CD1 . TRP A 1 123 ? 9.467   -4.660  -14.223 1.00 18.73 ? 173  TRP A CD1 1 
ATOM   876  C CD2 . TRP A 1 123 ? 8.741   -3.487  -12.457 1.00 17.98 ? 173  TRP A CD2 1 
ATOM   877  N NE1 . TRP A 1 123 ? 8.816   -3.544  -14.700 1.00 17.75 ? 173  TRP A NE1 1 
ATOM   878  C CE2 . TRP A 1 123 ? 8.361   -2.808  -13.637 1.00 17.21 ? 173  TRP A CE2 1 
ATOM   879  C CE3 . TRP A 1 123 ? 8.388   -2.937  -11.219 1.00 15.65 ? 173  TRP A CE3 1 
ATOM   880  C CZ2 . TRP A 1 123 ? 7.649   -1.610  -13.611 1.00 14.88 ? 173  TRP A CZ2 1 
ATOM   881  C CZ3 . TRP A 1 123 ? 7.678   -1.744  -11.199 1.00 16.75 ? 173  TRP A CZ3 1 
ATOM   882  C CH2 . TRP A 1 123 ? 7.317   -1.095  -12.389 1.00 14.49 ? 173  TRP A CH2 1 
ATOM   883  N N   . SER A 1 124 ? 9.634   -8.591  -13.129 1.00 20.32 ? 174  SER A N   1 
ATOM   884  C CA  . SER A 1 124 ? 9.444   -9.474  -14.276 1.00 20.09 ? 174  SER A CA  1 
ATOM   885  C C   . SER A 1 124 ? 8.204   -10.352 -14.124 1.00 20.40 ? 174  SER A C   1 
ATOM   886  O O   . SER A 1 124 ? 7.526   -10.653 -15.105 1.00 22.88 ? 174  SER A O   1 
ATOM   887  C CB  . SER A 1 124 ? 10.681  -10.355 -14.476 1.00 19.70 ? 174  SER A CB  1 
ATOM   888  O OG  . SER A 1 124 ? 10.890  -11.193 -13.354 1.00 20.03 ? 174  SER A OG  1 
ATOM   889  N N   . GLU A 1 125 ? 7.904   -10.762 -12.898 1.00 19.67 ? 175  GLU A N   1 
ATOM   890  C CA  . GLU A 1 125 ? 6.733   -11.595 -12.661 1.00 18.31 ? 175  GLU A CA  1 
ATOM   891  C C   . GLU A 1 125 ? 5.421   -10.813 -12.791 1.00 18.14 ? 175  GLU A C   1 
ATOM   892  O O   . GLU A 1 125 ? 4.509   -11.230 -13.517 1.00 16.42 ? 175  GLU A O   1 
ATOM   893  C CB  . GLU A 1 125 ? 6.806   -12.230 -11.274 1.00 20.53 ? 175  GLU A CB  1 
ATOM   894  C CG  . GLU A 1 125 ? 5.599   -13.088 -10.935 1.00 22.85 ? 175  GLU A CG  1 
ATOM   895  C CD  . GLU A 1 125 ? 5.689   -13.696 -9.551  1.00 26.69 ? 175  GLU A CD  1 
ATOM   896  O OE1 . GLU A 1 125 ? 4.727   -14.381 -9.132  1.00 25.95 ? 175  GLU A OE1 1 
ATOM   897  O OE2 . GLU A 1 125 ? 6.724   -13.489 -8.882  1.00 27.51 ? 175  GLU A OE2 1 
ATOM   898  N N   . VAL A 1 126 ? 5.323   -9.683  -12.092 1.00 14.69 ? 176  VAL A N   1 
ATOM   899  C CA  . VAL A 1 126 ? 4.103   -8.882  -12.144 1.00 15.17 ? 176  VAL A CA  1 
ATOM   900  C C   . VAL A 1 126 ? 3.766   -8.430  -13.568 1.00 15.74 ? 176  VAL A C   1 
ATOM   901  O O   . VAL A 1 126 ? 2.603   -8.432  -13.962 1.00 15.69 ? 176  VAL A O   1 
ATOM   902  C CB  . VAL A 1 126 ? 4.204   -7.623  -11.238 1.00 14.71 ? 176  VAL A CB  1 
ATOM   903  C CG1 . VAL A 1 126 ? 5.108   -6.586  -11.878 1.00 16.21 ? 176  VAL A CG1 1 
ATOM   904  C CG2 . VAL A 1 126 ? 2.816   -7.041  -10.991 1.00 15.68 ? 176  VAL A CG2 1 
ATOM   905  N N   . THR A 1 127 ? 4.784   -8.053  -14.335 1.00 15.68 ? 177  THR A N   1 
ATOM   906  C CA  . THR A 1 127 ? 4.586   -7.584  -15.702 1.00 16.48 ? 177  THR A CA  1 
ATOM   907  C C   . THR A 1 127 ? 4.506   -8.706  -16.738 1.00 18.70 ? 177  THR A C   1 
ATOM   908  O O   . THR A 1 127 ? 4.393   -8.437  -17.934 1.00 17.24 ? 177  THR A O   1 
ATOM   909  C CB  . THR A 1 127 ? 5.719   -6.636  -16.134 1.00 16.55 ? 177  THR A CB  1 
ATOM   910  O OG1 . THR A 1 127 ? 6.975   -7.320  -16.037 1.00 15.56 ? 177  THR A OG1 1 
ATOM   911  C CG2 . THR A 1 127 ? 5.742   -5.396  -15.252 1.00 15.16 ? 177  THR A CG2 1 
ATOM   912  N N   . ASP A 1 128 ? 4.566   -9.953  -16.281 1.00 19.47 ? 178  ASP A N   1 
ATOM   913  C CA  . ASP A 1 128 ? 4.500   -11.102 -17.183 1.00 21.67 ? 178  ASP A CA  1 
ATOM   914  C C   . ASP A 1 128 ? 3.047   -11.326 -17.604 1.00 21.68 ? 178  ASP A C   1 
ATOM   915  O O   . ASP A 1 128 ? 2.228   -11.765 -16.802 1.00 20.44 ? 178  ASP A O   1 
ATOM   916  C CB  . ASP A 1 128 ? 5.029   -12.357 -16.482 1.00 21.30 ? 178  ASP A CB  1 
ATOM   917  C CG  . ASP A 1 128 ? 5.153   -13.549 -17.426 1.00 22.83 ? 178  ASP A CG  1 
ATOM   918  O OD1 . ASP A 1 128 ? 4.381   -13.622 -18.404 1.00 20.36 ? 178  ASP A OD1 1 
ATOM   919  O OD2 . ASP A 1 128 ? 6.015   -14.419 -17.181 1.00 23.13 ? 178  ASP A OD2 1 
ATOM   920  N N   . PRO A 1 129 ? 2.720   -11.050 -18.877 1.00 23.07 ? 179  PRO A N   1 
ATOM   921  C CA  . PRO A 1 129 ? 1.362   -11.216 -19.408 1.00 24.87 ? 179  PRO A CA  1 
ATOM   922  C C   . PRO A 1 129 ? 0.716   -12.576 -19.191 1.00 26.17 ? 179  PRO A C   1 
ATOM   923  O O   . PRO A 1 129 ? -0.508  -12.693 -19.206 1.00 28.89 ? 179  PRO A O   1 
ATOM   924  C CB  . PRO A 1 129 ? 1.526   -10.879 -20.895 1.00 24.99 ? 179  PRO A CB  1 
ATOM   925  C CG  . PRO A 1 129 ? 2.943   -11.274 -21.179 1.00 24.36 ? 179  PRO A CG  1 
ATOM   926  C CD  . PRO A 1 129 ? 3.666   -10.738 -19.964 1.00 23.80 ? 179  PRO A CD  1 
ATOM   927  N N   . GLU A 1 130 ? 1.527   -13.606 -18.983 1.00 26.65 ? 180  GLU A N   1 
ATOM   928  C CA  . GLU A 1 130 ? 0.982   -14.943 -18.781 1.00 28.18 ? 180  GLU A CA  1 
ATOM   929  C C   . GLU A 1 130 ? 0.637   -15.247 -17.320 1.00 27.30 ? 180  GLU A C   1 
ATOM   930  O O   . GLU A 1 130 ? 0.016   -16.271 -17.031 1.00 27.05 ? 180  GLU A O   1 
ATOM   931  C CB  . GLU A 1 130 ? 1.971   -15.995 -19.301 1.00 30.21 ? 180  GLU A CB  1 
ATOM   932  C CG  . GLU A 1 130 ? 2.416   -15.777 -20.747 1.00 35.01 ? 180  GLU A CG  1 
ATOM   933  C CD  . GLU A 1 130 ? 1.243   -15.691 -21.717 1.00 37.78 ? 180  GLU A CD  1 
ATOM   934  O OE1 . GLU A 1 130 ? 0.505   -16.690 -21.856 1.00 37.25 ? 180  GLU A OE1 1 
ATOM   935  O OE2 . GLU A 1 130 ? 1.059   -14.619 -22.337 1.00 38.54 ? 180  GLU A OE2 1 
ATOM   936  N N   . LYS A 1 131 ? 1.020   -14.358 -16.405 1.00 23.87 ? 181  LYS A N   1 
ATOM   937  C CA  . LYS A 1 131 ? 0.767   -14.583 -14.984 1.00 23.93 ? 181  LYS A CA  1 
ATOM   938  C C   . LYS A 1 131 ? -0.602  -14.134 -14.486 1.00 22.37 ? 181  LYS A C   1 
ATOM   939  O O   . LYS A 1 131 ? -1.102  -14.664 -13.496 1.00 20.78 ? 181  LYS A O   1 
ATOM   940  C CB  . LYS A 1 131 ? 1.860   -13.928 -14.140 1.00 24.06 ? 181  LYS A CB  1 
ATOM   941  C CG  . LYS A 1 131 ? 3.266   -14.401 -14.487 1.00 27.86 ? 181  LYS A CG  1 
ATOM   942  C CD  . LYS A 1 131 ? 3.413   -15.912 -14.362 1.00 28.50 ? 181  LYS A CD  1 
ATOM   943  C CE  . LYS A 1 131 ? 4.815   -16.351 -14.765 1.00 27.90 ? 181  LYS A CE  1 
ATOM   944  N NZ  . LYS A 1 131 ? 4.932   -17.829 -14.814 1.00 29.69 ? 181  LYS A NZ  1 
ATOM   945  N N   . GLY A 1 132 ? -1.200  -13.157 -15.160 1.00 20.04 ? 182  GLY A N   1 
ATOM   946  C CA  . GLY A 1 132 ? -2.515  -12.699 -14.763 1.00 19.99 ? 182  GLY A CA  1 
ATOM   947  C C   . GLY A 1 132 ? -2.594  -11.543 -13.784 1.00 21.02 ? 182  GLY A C   1 
ATOM   948  O O   . GLY A 1 132 ? -3.668  -11.296 -13.241 1.00 20.96 ? 182  GLY A O   1 
ATOM   949  N N   . PHE A 1 133 ? -1.483  -10.840 -13.550 1.00 20.25 ? 183  PHE A N   1 
ATOM   950  C CA  . PHE A 1 133 ? -1.484  -9.697  -12.634 1.00 20.49 ? 183  PHE A CA  1 
ATOM   951  C C   . PHE A 1 133 ? -1.619  -8.401  -13.414 1.00 21.25 ? 183  PHE A C   1 
ATOM   952  O O   . PHE A 1 133 ? -2.088  -7.391  -12.885 1.00 21.46 ? 183  PHE A O   1 
ATOM   953  C CB  . PHE A 1 133 ? -0.185  -9.609  -11.824 1.00 19.83 ? 183  PHE A CB  1 
ATOM   954  C CG  . PHE A 1 133 ? 0.053   -10.774 -10.918 1.00 21.20 ? 183  PHE A CG  1 
ATOM   955  C CD1 . PHE A 1 133 ? 0.981   -11.752 -11.255 1.00 21.64 ? 183  PHE A CD1 1 
ATOM   956  C CD2 . PHE A 1 133 ? -0.649  -10.896 -9.727  1.00 21.47 ? 183  PHE A CD2 1 
ATOM   957  C CE1 . PHE A 1 133 ? 1.207   -12.839 -10.416 1.00 22.58 ? 183  PHE A CE1 1 
ATOM   958  C CE2 . PHE A 1 133 ? -0.430  -11.979 -8.883  1.00 24.31 ? 183  PHE A CE2 1 
ATOM   959  C CZ  . PHE A 1 133 ? 0.500   -12.952 -9.231  1.00 22.49 ? 183  PHE A CZ  1 
ATOM   960  N N   . ILE A 1 134 ? -1.205  -8.433  -14.675 1.00 19.56 ? 184  ILE A N   1 
ATOM   961  C CA  . ILE A 1 134 ? -1.246  -7.238  -15.502 1.00 17.86 ? 184  ILE A CA  1 
ATOM   962  C C   . ILE A 1 134 ? -2.141  -7.389  -16.726 1.00 18.28 ? 184  ILE A C   1 
ATOM   963  O O   . ILE A 1 134 ? -2.168  -8.439  -17.365 1.00 16.62 ? 184  ILE A O   1 
ATOM   964  C CB  . ILE A 1 134 ? 0.187   -6.856  -15.940 1.00 16.82 ? 184  ILE A CB  1 
ATOM   965  C CG1 . ILE A 1 134 ? 0.209   -5.436  -16.499 1.00 13.64 ? 184  ILE A CG1 1 
ATOM   966  C CG2 . ILE A 1 134 ? 0.705   -7.863  -16.973 1.00 17.36 ? 184  ILE A CG2 1 
ATOM   967  C CD1 . ILE A 1 134 ? 1.607   -4.868  -16.629 1.00 17.64 ? 184  ILE A CD1 1 
ATOM   968  N N   . ASP A 1 135 ? -2.876  -6.327  -17.038 1.00 18.10 ? 185  ASP A N   1 
ATOM   969  C CA  . ASP A 1 135 ? -3.779  -6.320  -18.185 1.00 20.41 ? 185  ASP A CA  1 
ATOM   970  C C   . ASP A 1 135 ? -3.878  -4.899  -18.739 1.00 19.71 ? 185  ASP A C   1 
ATOM   971  O O   . ASP A 1 135 ? -4.187  -3.960  -18.003 1.00 19.55 ? 185  ASP A O   1 
ATOM   972  C CB  . ASP A 1 135 ? -5.159  -6.826  -17.763 1.00 24.13 ? 185  ASP A CB  1 
ATOM   973  C CG  . ASP A 1 135 ? -6.113  -6.958  -18.931 1.00 26.85 ? 185  ASP A CG  1 
ATOM   974  O OD1 . ASP A 1 135 ? -5.764  -7.648  -19.915 1.00 27.86 ? 185  ASP A OD1 1 
ATOM   975  O OD2 . ASP A 1 135 ? -7.210  -6.372  -18.864 1.00 29.95 ? 185  ASP A OD2 1 
ATOM   976  N N   . ASP A 1 136 ? -3.605  -4.746  -20.033 1.00 19.92 ? 186  ASP A N   1 
ATOM   977  C CA  . ASP A 1 136 ? -3.633  -3.437  -20.686 1.00 19.05 ? 186  ASP A CA  1 
ATOM   978  C C   . ASP A 1 136 ? -2.672  -2.514  -19.929 1.00 17.89 ? 186  ASP A C   1 
ATOM   979  O O   . ASP A 1 136 ? -2.918  -1.316  -19.770 1.00 14.99 ? 186  ASP A O   1 
ATOM   980  C CB  . ASP A 1 136 ? -5.051  -2.852  -20.663 1.00 20.90 ? 186  ASP A CB  1 
ATOM   981  C CG  . ASP A 1 136 ? -5.188  -1.608  -21.539 1.00 24.61 ? 186  ASP A CG  1 
ATOM   982  O OD1 . ASP A 1 136 ? -6.086  -0.784  -21.268 1.00 26.20 ? 186  ASP A OD1 1 
ATOM   983  O OD2 . ASP A 1 136 ? -4.407  -1.458  -22.504 1.00 24.77 ? 186  ASP A OD2 1 
ATOM   984  N N   . ASP A 1 137 ? -1.577  -3.110  -19.462 1.00 16.70 ? 187  ASP A N   1 
ATOM   985  C CA  . ASP A 1 137 ? -0.532  -2.430  -18.713 1.00 16.49 ? 187  ASP A CA  1 
ATOM   986  C C   . ASP A 1 137 ? -1.055  -1.751  -17.447 1.00 16.21 ? 187  ASP A C   1 
ATOM   987  O O   . ASP A 1 137 ? -0.635  -0.645  -17.105 1.00 16.58 ? 187  ASP A O   1 
ATOM   988  C CB  . ASP A 1 137 ? 0.180   -1.405  -19.595 1.00 17.50 ? 187  ASP A CB  1 
ATOM   989  C CG  . ASP A 1 137 ? 1.613   -1.147  -19.146 1.00 18.76 ? 187  ASP A CG  1 
ATOM   990  O OD1 . ASP A 1 137 ? 2.234   -0.185  -19.644 1.00 20.18 ? 187  ASP A OD1 1 
ATOM   991  O OD2 . ASP A 1 137 ? 2.123   -1.912  -18.296 1.00 19.75 ? 187  ASP A OD2 1 
ATOM   992  N N   . LYS A 1 138 ? -1.982  -2.417  -16.765 1.00 15.33 ? 188  LYS A N   1 
ATOM   993  C CA  . LYS A 1 138 ? -2.551  -1.913  -15.517 1.00 15.06 ? 188  LYS A CA  1 
ATOM   994  C C   . LYS A 1 138 ? -2.409  -3.011  -14.476 1.00 15.34 ? 188  LYS A C   1 
ATOM   995  O O   . LYS A 1 138 ? -2.587  -4.195  -14.783 1.00 14.29 ? 188  LYS A O   1 
ATOM   996  C CB  . LYS A 1 138 ? -4.041  -1.586  -15.671 1.00 15.42 ? 188  LYS A CB  1 
ATOM   997  C CG  . LYS A 1 138 ? -4.361  -0.540  -16.712 1.00 19.67 ? 188  LYS A CG  1 
ATOM   998  C CD  . LYS A 1 138 ? -5.855  -0.261  -16.759 1.00 21.27 ? 188  LYS A CD  1 
ATOM   999  C CE  . LYS A 1 138 ? -6.186  0.711   -17.875 1.00 25.37 ? 188  LYS A CE  1 
ATOM   1000 N NZ  . LYS A 1 138 ? -7.635  1.077   -17.903 1.00 25.06 ? 188  LYS A NZ  1 
ATOM   1001 N N   . VAL A 1 139 ? -2.080  -2.621  -13.249 1.00 13.18 ? 189  VAL A N   1 
ATOM   1002 C CA  . VAL A 1 139 ? -1.939  -3.576  -12.155 1.00 13.47 ? 189  VAL A CA  1 
ATOM   1003 C C   . VAL A 1 139 ? -2.672  -2.995  -10.956 1.00 14.16 ? 189  VAL A C   1 
ATOM   1004 O O   . VAL A 1 139 ? -2.456  -1.839  -10.590 1.00 11.97 ? 189  VAL A O   1 
ATOM   1005 C CB  . VAL A 1 139 ? -0.460  -3.806  -11.774 1.00 14.23 ? 189  VAL A CB  1 
ATOM   1006 C CG1 . VAL A 1 139 ? -0.378  -4.683  -10.530 1.00 11.36 ? 189  VAL A CG1 1 
ATOM   1007 C CG2 . VAL A 1 139 ? 0.284   -4.466  -12.937 1.00 12.01 ? 189  VAL A CG2 1 
ATOM   1008 N N   . THR A 1 140 ? -3.533  -3.799  -10.345 1.00 13.80 ? 190  THR A N   1 
ATOM   1009 C CA  . THR A 1 140 ? -4.306  -3.342  -9.203  1.00 14.20 ? 190  THR A CA  1 
ATOM   1010 C C   . THR A 1 140 ? -3.737  -3.773  -7.858  1.00 15.28 ? 190  THR A C   1 
ATOM   1011 O O   . THR A 1 140 ? -3.462  -4.956  -7.619  1.00 14.91 ? 190  THR A O   1 
ATOM   1012 C CB  . THR A 1 140 ? -5.761  -3.807  -9.326  1.00 14.86 ? 190  THR A CB  1 
ATOM   1013 O OG1 . THR A 1 140 ? -6.352  -3.179  -10.470 1.00 16.85 ? 190  THR A OG1 1 
ATOM   1014 C CG2 . THR A 1 140 ? -6.552  -3.439  -8.087  1.00 14.00 ? 190  THR A CG2 1 
ATOM   1015 N N   . PHE A 1 141 ? -3.558  -2.783  -6.992  1.00 14.20 ? 191  PHE A N   1 
ATOM   1016 C CA  . PHE A 1 141 ? -3.024  -2.981  -5.657  1.00 14.19 ? 191  PHE A CA  1 
ATOM   1017 C C   . PHE A 1 141 ? -4.166  -2.853  -4.664  1.00 14.67 ? 191  PHE A C   1 
ATOM   1018 O O   . PHE A 1 141 ? -5.085  -2.046  -4.853  1.00 13.50 ? 191  PHE A O   1 
ATOM   1019 C CB  . PHE A 1 141 ? -1.948  -1.927  -5.363  1.00 12.29 ? 191  PHE A CB  1 
ATOM   1020 C CG  . PHE A 1 141 ? -0.736  -2.046  -6.240  1.00 13.44 ? 191  PHE A CG  1 
ATOM   1021 C CD1 . PHE A 1 141 ? 0.426   -2.651  -5.766  1.00 11.33 ? 191  PHE A CD1 1 
ATOM   1022 C CD2 . PHE A 1 141 ? -0.779  -1.624  -7.569  1.00 10.36 ? 191  PHE A CD2 1 
ATOM   1023 C CE1 . PHE A 1 141 ? 1.522   -2.841  -6.600  1.00 11.25 ? 191  PHE A CE1 1 
ATOM   1024 C CE2 . PHE A 1 141 ? 0.315   -1.810  -8.408  1.00 11.52 ? 191  PHE A CE2 1 
ATOM   1025 C CZ  . PHE A 1 141 ? 1.467   -2.421  -7.922  1.00 9.34  ? 191  PHE A CZ  1 
ATOM   1026 N N   . GLU A 1 142 ? -4.112  -3.656  -3.609  1.00 13.25 ? 192  GLU A N   1 
ATOM   1027 C CA  . GLU A 1 142 ? -5.147  -3.622  -2.600  1.00 13.01 ? 192  GLU A CA  1 
ATOM   1028 C C   . GLU A 1 142 ? -4.580  -3.671  -1.198  1.00 13.30 ? 192  GLU A C   1 
ATOM   1029 O O   . GLU A 1 142 ? -3.615  -4.383  -0.918  1.00 14.35 ? 192  GLU A O   1 
ATOM   1030 C CB  . GLU A 1 142 ? -6.114  -4.794  -2.777  1.00 17.34 ? 192  GLU A CB  1 
ATOM   1031 C CG  . GLU A 1 142 ? -7.123  -4.931  -1.630  1.00 14.56 ? 192  GLU A CG  1 
ATOM   1032 C CD  . GLU A 1 142 ? -7.943  -6.207  -1.733  1.00 19.61 ? 192  GLU A CD  1 
ATOM   1033 O OE1 . GLU A 1 142 ? -8.749  -6.326  -2.680  1.00 16.86 ? 192  GLU A OE1 1 
ATOM   1034 O OE2 . GLU A 1 142 ? -7.767  -7.093  -0.869  1.00 21.71 ? 192  GLU A OE2 1 
ATOM   1035 N N   . VAL A 1 143 ? -5.200  -2.910  -0.312  1.00 12.12 ? 193  VAL A N   1 
ATOM   1036 C CA  . VAL A 1 143 ? -4.781  -2.888  1.070   1.00 11.29 ? 193  VAL A CA  1 
ATOM   1037 C C   . VAL A 1 143 ? -5.981  -3.128  1.964   1.00 12.19 ? 193  VAL A C   1 
ATOM   1038 O O   . VAL A 1 143 ? -7.034  -2.526  1.766   1.00 13.82 ? 193  VAL A O   1 
ATOM   1039 C CB  . VAL A 1 143 ? -4.182  -1.532  1.462   1.00 11.54 ? 193  VAL A CB  1 
ATOM   1040 C CG1 . VAL A 1 143 ? -3.978  -1.482  2.973   1.00 10.67 ? 193  VAL A CG1 1 
ATOM   1041 C CG2 . VAL A 1 143 ? -2.858  -1.308  0.738   1.00 13.15 ? 193  VAL A CG2 1 
ATOM   1042 N N   . PHE A 1 144 ? -5.826  -4.034  2.921   1.00 13.89 ? 194  PHE A N   1 
ATOM   1043 C CA  . PHE A 1 144 ? -6.866  -4.287  3.903   1.00 13.91 ? 194  PHE A CA  1 
ATOM   1044 C C   . PHE A 1 144 ? -6.192  -3.833  5.181   1.00 15.99 ? 194  PHE A C   1 
ATOM   1045 O O   . PHE A 1 144 ? -5.285  -4.501  5.691   1.00 15.63 ? 194  PHE A O   1 
ATOM   1046 C CB  . PHE A 1 144 ? -7.226  -5.768  4.021   1.00 15.53 ? 194  PHE A CB  1 
ATOM   1047 C CG  . PHE A 1 144 ? -8.122  -6.075  5.203   1.00 16.19 ? 194  PHE A CG  1 
ATOM   1048 C CD1 . PHE A 1 144 ? -9.288  -5.344  5.414   1.00 14.60 ? 194  PHE A CD1 1 
ATOM   1049 C CD2 . PHE A 1 144 ? -7.789  -7.075  6.114   1.00 19.37 ? 194  PHE A CD2 1 
ATOM   1050 C CE1 . PHE A 1 144 ? -10.119 -5.602  6.516   1.00 18.97 ? 194  PHE A CE1 1 
ATOM   1051 C CE2 . PHE A 1 144 ? -8.612  -7.342  7.223   1.00 19.19 ? 194  PHE A CE2 1 
ATOM   1052 C CZ  . PHE A 1 144 ? -9.780  -6.601  7.420   1.00 17.14 ? 194  PHE A CZ  1 
ATOM   1053 N N   . VAL A 1 145 ? -6.607  -2.674  5.677   1.00 16.60 ? 195  VAL A N   1 
ATOM   1054 C CA  . VAL A 1 145 ? -6.010  -2.123  6.881   1.00 16.63 ? 195  VAL A CA  1 
ATOM   1055 C C   . VAL A 1 145 ? -6.943  -2.180  8.081   1.00 17.35 ? 195  VAL A C   1 
ATOM   1056 O O   . VAL A 1 145 ? -8.135  -1.895  7.972   1.00 18.43 ? 195  VAL A O   1 
ATOM   1057 C CB  . VAL A 1 145 ? -5.571  -0.656  6.651   1.00 15.89 ? 195  VAL A CB  1 
ATOM   1058 C CG1 . VAL A 1 145 ? -6.758  0.182   6.221   1.00 17.01 ? 195  VAL A CG1 1 
ATOM   1059 C CG2 . VAL A 1 145 ? -4.949  -0.089  7.917   1.00 15.21 ? 195  VAL A CG2 1 
ATOM   1060 N N   . GLN A 1 146 ? -6.383  -2.568  9.222   1.00 17.84 ? 196  GLN A N   1 
ATOM   1061 C CA  . GLN A 1 146 ? -7.116  -2.648  10.481  1.00 17.45 ? 196  GLN A CA  1 
ATOM   1062 C C   . GLN A 1 146 ? -6.296  -1.802  11.438  1.00 15.89 ? 196  GLN A C   1 
ATOM   1063 O O   . GLN A 1 146 ? -5.230  -2.221  11.878  1.00 16.50 ? 196  GLN A O   1 
ATOM   1064 C CB  . GLN A 1 146 ? -7.172  -4.089  11.000  1.00 19.82 ? 196  GLN A CB  1 
ATOM   1065 C CG  . GLN A 1 146 ? -7.693  -5.101  9.997   1.00 23.25 ? 196  GLN A CG  1 
ATOM   1066 C CD  . GLN A 1 146 ? -7.776  -6.497  10.579  1.00 24.65 ? 196  GLN A CD  1 
ATOM   1067 O OE1 . GLN A 1 146 ? -8.705  -6.816  11.327  1.00 24.00 ? 196  GLN A OE1 1 
ATOM   1068 N NE2 . GLN A 1 146 ? -6.798  -7.335  10.251  1.00 24.48 ? 196  GLN A NE2 1 
ATOM   1069 N N   . ALA A 1 147 ? -6.790  -0.610  11.752  1.00 15.40 ? 197  ALA A N   1 
ATOM   1070 C CA  . ALA A 1 147 ? -6.062  0.297   12.627  1.00 15.61 ? 197  ALA A CA  1 
ATOM   1071 C C   . ALA A 1 147 ? -6.719  0.515   13.982  1.00 15.95 ? 197  ALA A C   1 
ATOM   1072 O O   . ALA A 1 147 ? -7.946  0.546   14.093  1.00 13.26 ? 197  ALA A O   1 
ATOM   1073 C CB  . ALA A 1 147 ? -5.883  1.645   11.928  1.00 13.96 ? 197  ALA A CB  1 
ATOM   1074 N N   . ASP A 1 148 ? -5.884  0.674   15.007  1.00 17.29 ? 198  ASP A N   1 
ATOM   1075 C CA  . ASP A 1 148 ? -6.370  0.929   16.360  1.00 16.66 ? 198  ASP A CA  1 
ATOM   1076 C C   . ASP A 1 148 ? -6.695  2.410   16.444  1.00 17.00 ? 198  ASP A C   1 
ATOM   1077 O O   . ASP A 1 148 ? -6.413  3.167   15.516  1.00 15.98 ? 198  ASP A O   1 
ATOM   1078 C CB  . ASP A 1 148 ? -5.298  0.631   17.412  1.00 16.29 ? 198  ASP A CB  1 
ATOM   1079 C CG  . ASP A 1 148 ? -4.834  -0.805  17.394  1.00 18.25 ? 198  ASP A CG  1 
ATOM   1080 O OD1 . ASP A 1 148 ? -5.546  -1.663  16.832  1.00 20.16 ? 198  ASP A OD1 1 
ATOM   1081 O OD2 . ASP A 1 148 ? -3.755  -1.074  17.962  1.00 20.13 ? 198  ASP A OD2 1 
ATOM   1082 N N   . ALA A 1 149 ? -7.286  2.822   17.562  1.00 15.74 ? 199  ALA A N   1 
ATOM   1083 C CA  . ALA A 1 149 ? -7.599  4.228   17.760  1.00 16.08 ? 199  ALA A CA  1 
ATOM   1084 C C   . ALA A 1 149 ? -6.246  4.926   17.776  1.00 16.17 ? 199  ALA A C   1 
ATOM   1085 O O   . ALA A 1 149 ? -5.286  4.413   18.356  1.00 14.76 ? 199  ALA A O   1 
ATOM   1086 C CB  . ALA A 1 149 ? -8.316  4.423   19.099  1.00 15.35 ? 199  ALA A CB  1 
ATOM   1087 N N   . PRO A 1 150 ? -6.138  6.085   17.111  1.00 14.97 ? 200  PRO A N   1 
ATOM   1088 C CA  . PRO A 1 150 ? -4.875  6.827   17.070  1.00 16.53 ? 200  PRO A CA  1 
ATOM   1089 C C   . PRO A 1 150 ? -4.664  7.641   18.340  1.00 17.85 ? 200  PRO A C   1 
ATOM   1090 O O   . PRO A 1 150 ? -5.588  7.810   19.137  1.00 16.65 ? 200  PRO A O   1 
ATOM   1091 C CB  . PRO A 1 150 ? -5.037  7.751   15.856  1.00 16.29 ? 200  PRO A CB  1 
ATOM   1092 C CG  . PRO A 1 150 ? -6.177  7.152   15.071  1.00 18.41 ? 200  PRO A CG  1 
ATOM   1093 C CD  . PRO A 1 150 ? -7.095  6.630   16.137  1.00 17.02 ? 200  PRO A CD  1 
ATOM   1094 N N   . HIS A 1 151 ? -3.443  8.137   18.519  1.00 16.66 ? 201  HIS A N   1 
ATOM   1095 C CA  . HIS A 1 151 ? -3.107  8.984   19.657  1.00 17.62 ? 201  HIS A CA  1 
ATOM   1096 C C   . HIS A 1 151 ? -2.561  10.298  19.102  1.00 17.76 ? 201  HIS A C   1 
ATOM   1097 O O   . HIS A 1 151 ? -2.027  10.337  17.990  1.00 15.68 ? 201  HIS A O   1 
ATOM   1098 C CB  . HIS A 1 151 ? -2.048  8.330   20.552  1.00 17.90 ? 201  HIS A CB  1 
ATOM   1099 C CG  . HIS A 1 151 ? -2.609  7.382   21.569  1.00 19.17 ? 201  HIS A CG  1 
ATOM   1100 N ND1 . HIS A 1 151 ? -2.603  6.014   21.399  1.00 19.25 ? 201  HIS A ND1 1 
ATOM   1101 C CD2 . HIS A 1 151 ? -3.189  7.607   22.772  1.00 17.98 ? 201  HIS A CD2 1 
ATOM   1102 C CE1 . HIS A 1 151 ? -3.152  5.437   22.454  1.00 18.57 ? 201  HIS A CE1 1 
ATOM   1103 N NE2 . HIS A 1 151 ? -3.517  6.383   23.302  1.00 19.81 ? 201  HIS A NE2 1 
ATOM   1104 N N   . GLY A 1 152 ? -2.710  11.369  19.873  1.00 17.75 ? 202  GLY A N   1 
ATOM   1105 C CA  . GLY A 1 152 ? -2.225  12.673  19.458  1.00 19.56 ? 202  GLY A CA  1 
ATOM   1106 C C   . GLY A 1 152 ? -2.870  13.247  18.209  1.00 21.86 ? 202  GLY A C   1 
ATOM   1107 O O   . GLY A 1 152 ? -2.222  13.987  17.467  1.00 20.28 ? 202  GLY A O   1 
ATOM   1108 N N   . VAL A 1 153 ? -4.134  12.910  17.966  1.00 23.72 ? 203  VAL A N   1 
ATOM   1109 C CA  . VAL A 1 153 ? -4.841  13.424  16.796  1.00 27.29 ? 203  VAL A CA  1 
ATOM   1110 C C   . VAL A 1 153 ? -6.117  14.155  17.193  1.00 29.14 ? 203  VAL A C   1 
ATOM   1111 O O   . VAL A 1 153 ? -6.211  15.378  17.069  1.00 29.47 ? 203  VAL A O   1 
ATOM   1112 C CB  . VAL A 1 153 ? -5.223  12.301  15.815  1.00 27.29 ? 203  VAL A CB  1 
ATOM   1113 C CG1 . VAL A 1 153 ? -6.022  12.885  14.658  1.00 28.66 ? 203  VAL A CG1 1 
ATOM   1114 C CG2 . VAL A 1 153 ? -3.977  11.619  15.293  1.00 26.95 ? 203  VAL A CG2 1 
ATOM   1115 N N   . ALA A 1 154 ? -7.101  13.390  17.653  1.00 31.87 ? 204  ALA A N   1 
ATOM   1116 C CA  . ALA A 1 154 ? -8.381  13.940  18.084  1.00 35.70 ? 204  ALA A CA  1 
ATOM   1117 C C   . ALA A 1 154 ? -8.416  13.878  19.606  1.00 37.59 ? 204  ALA A C   1 
ATOM   1118 O O   . ALA A 1 154 ? -9.049  12.998  20.192  1.00 39.19 ? 204  ALA A O   1 
ATOM   1119 C CB  . ALA A 1 154 ? -9.527  13.123  17.495  1.00 36.44 ? 204  ALA A CB  1 
ATOM   1120 N N   . TRP A 1 155 ? -7.723  14.820  20.233  1.00 37.88 ? 205  TRP A N   1 
ATOM   1121 C CA  . TRP A 1 155 ? -7.632  14.891  21.684  1.00 39.42 ? 205  TRP A CA  1 
ATOM   1122 C C   . TRP A 1 155 ? -9.002  14.919  22.358  1.00 41.69 ? 205  TRP A C   1 
ATOM   1123 O O   . TRP A 1 155 ? -10.020 15.005  21.635  1.00 44.00 ? 205  TRP A O   1 
ATOM   1124 C CB  . TRP A 1 155 ? -6.826  16.132  22.084  1.00 36.25 ? 205  TRP A CB  1 
ATOM   1125 C CG  . TRP A 1 155 ? -5.621  16.361  21.209  1.00 34.49 ? 205  TRP A CG  1 
ATOM   1126 C CD1 . TRP A 1 155 ? -5.603  16.934  19.965  1.00 33.64 ? 205  TRP A CD1 1 
ATOM   1127 C CD2 . TRP A 1 155 ? -4.263  16.006  21.505  1.00 33.00 ? 205  TRP A CD2 1 
ATOM   1128 N NE1 . TRP A 1 155 ? -4.318  16.958  19.470  1.00 33.10 ? 205  TRP A NE1 1 
ATOM   1129 C CE2 . TRP A 1 155 ? -3.476  16.396  20.394  1.00 32.17 ? 205  TRP A CE2 1 
ATOM   1130 C CE3 . TRP A 1 155 ? -3.634  15.395  22.599  1.00 32.14 ? 205  TRP A CE3 1 
ATOM   1131 C CZ2 . TRP A 1 155 ? -2.091  16.197  20.348  1.00 29.57 ? 205  TRP A CZ2 1 
ATOM   1132 C CZ3 . TRP A 1 155 ? -2.252  15.196  22.551  1.00 31.38 ? 205  TRP A CZ3 1 
ATOM   1133 C CH2 . TRP A 1 155 ? -1.500  15.598  21.433  1.00 28.70 ? 205  TRP A CH2 1 
ATOM   1134 O OXT . TRP A 1 155 ? -9.040  14.857  23.605  1.00 43.22 ? 205  TRP A OXT 1 
ATOM   1135 N N   . GLU B 2 1   ? 11.138  -11.559 2.568   1.00 38.42 ? 142  GLU B N   1 
ATOM   1136 C CA  . GLU B 2 1   ? 11.304  -10.079 2.486   1.00 37.87 ? 142  GLU B CA  1 
ATOM   1137 C C   . GLU B 2 1   ? 11.031  -9.384  3.816   1.00 37.51 ? 142  GLU B C   1 
ATOM   1138 O O   . GLU B 2 1   ? 10.031  -9.656  4.479   1.00 36.88 ? 142  GLU B O   1 
ATOM   1139 C CB  . GLU B 2 1   ? 10.368  -9.500  1.422   1.00 37.65 ? 142  GLU B CB  1 
ATOM   1140 C CG  . GLU B 2 1   ? 10.751  -9.828  -0.009  1.00 37.75 ? 142  GLU B CG  1 
ATOM   1141 C CD  . GLU B 2 1   ? 12.173  -9.412  -0.345  1.00 38.95 ? 142  GLU B CD  1 
ATOM   1142 O OE1 . GLU B 2 1   ? 12.660  -8.414  0.230   1.00 40.26 ? 142  GLU B OE1 1 
ATOM   1143 O OE2 . GLU B 2 1   ? 12.801  -10.077 -1.196  1.00 39.11 ? 142  GLU B OE2 1 
ATOM   1144 N N   . LYS B 2 2   ? 11.927  -8.481  4.198   1.00 37.14 ? 143  LYS B N   1 
ATOM   1145 C CA  . LYS B 2 2   ? 11.790  -7.730  5.442   1.00 37.18 ? 143  LYS B CA  1 
ATOM   1146 C C   . LYS B 2 2   ? 11.076  -6.412  5.149   1.00 34.55 ? 143  LYS B C   1 
ATOM   1147 O O   . LYS B 2 2   ? 11.432  -5.706  4.205   1.00 35.84 ? 143  LYS B O   1 
ATOM   1148 C CB  . LYS B 2 2   ? 13.170  -7.444  6.039   1.00 39.83 ? 143  LYS B CB  1 
ATOM   1149 C CG  . LYS B 2 2   ? 13.897  -8.672  6.579   1.00 44.30 ? 143  LYS B CG  1 
ATOM   1150 C CD  . LYS B 2 2   ? 13.625  -8.879  8.066   1.00 47.73 ? 143  LYS B CD  1 
ATOM   1151 C CE  . LYS B 2 2   ? 14.195  -7.721  8.888   1.00 49.61 ? 143  LYS B CE  1 
ATOM   1152 N NZ  . LYS B 2 2   ? 13.920  -7.852  10.348  1.00 50.46 ? 143  LYS B NZ  1 
ATOM   1153 N N   . PRO B 2 3   ? 10.052  -6.067  5.948   1.00 31.41 ? 144  PRO B N   1 
ATOM   1154 C CA  . PRO B 2 3   ? 9.332   -4.813  5.714   1.00 28.99 ? 144  PRO B CA  1 
ATOM   1155 C C   . PRO B 2 3   ? 10.156  -3.616  6.166   1.00 27.24 ? 144  PRO B C   1 
ATOM   1156 O O   . PRO B 2 3   ? 11.096  -3.767  6.941   1.00 26.33 ? 144  PRO B O   1 
ATOM   1157 C CB  . PRO B 2 3   ? 8.063   -4.990  6.542   1.00 27.49 ? 144  PRO B CB  1 
ATOM   1158 C CG  . PRO B 2 3   ? 8.554   -5.761  7.708   1.00 29.54 ? 144  PRO B CG  1 
ATOM   1159 C CD  . PRO B 2 3   ? 9.448   -6.814  7.063   1.00 30.41 ? 144  PRO B CD  1 
ATOM   1160 N N   . SER B 2 4   ? 9.793   -2.433  5.678   1.00 24.69 ? 145  SER B N   1 
ATOM   1161 C CA  . SER B 2 4   ? 10.486  -1.200  6.027   1.00 22.76 ? 145  SER B CA  1 
ATOM   1162 C C   . SER B 2 4   ? 9.720   -0.034  5.427   1.00 23.07 ? 145  SER B C   1 
ATOM   1163 O O   . SER B 2 4   ? 8.709   -0.227  4.743   1.00 22.80 ? 145  SER B O   1 
ATOM   1164 C CB  . SER B 2 4   ? 11.899  -1.203  5.444   1.00 22.87 ? 145  SER B CB  1 
ATOM   1165 O OG  . SER B 2 4   ? 11.861  -1.016  4.037   1.00 23.93 ? 145  SER B OG  1 
ATOM   1166 N N   . SER B 2 5   ? 10.203  1.177   5.679   1.00 21.84 ? 146  SER B N   1 
ATOM   1167 C CA  . SER B 2 5   ? 9.576   2.364   5.117   1.00 21.58 ? 146  SER B CA  1 
ATOM   1168 C C   . SER B 2 5   ? 10.167  2.517   3.717   1.00 21.23 ? 146  SER B C   1 
ATOM   1169 O O   . SER B 2 5   ? 11.188  1.900   3.403   1.00 18.65 ? 146  SER B O   1 
ATOM   1170 C CB  . SER B 2 5   ? 9.900   3.595   5.964   1.00 20.68 ? 146  SER B CB  1 
ATOM   1171 O OG  . SER B 2 5   ? 11.284  3.872   5.927   1.00 26.78 ? 146  SER B OG  1 
ATOM   1172 N N   . SER B 2 6   ? 9.526   3.325   2.878   1.00 20.83 ? 147  SER B N   1 
ATOM   1173 C CA  . SER B 2 6   ? 9.995   3.534   1.512   1.00 21.16 ? 147  SER B CA  1 
ATOM   1174 C C   . SER B 2 6   ? 11.364  4.213   1.460   1.00 22.63 ? 147  SER B C   1 
ATOM   1175 O O   . SER B 2 6   ? 12.194  3.787   0.629   1.00 24.48 ? 147  SER B O   1 
ATOM   1176 C CB  . SER B 2 6   ? 8.975   4.362   0.722   1.00 20.11 ? 147  SER B CB  1 
ATOM   1177 O OG  . SER B 2 6   ? 8.727   5.608   1.346   1.00 18.07 ? 147  SER B OG  1 
ATOM   1178 O OXT . SER B 2 6   ? 11.589  5.168   2.234   1.00 22.21 ? 147  SER B OXT 1 
HETATM 1179 O O   . HOH C 3 .   ? 3.856   11.592  14.863  1.00 17.26 ? 1001 HOH A O   1 
HETATM 1180 O O   . HOH C 3 .   ? -6.338  -21.348 -8.064  1.00 16.12 ? 1002 HOH A O   1 
HETATM 1181 O O   . HOH C 3 .   ? -2.221  13.826  6.305   1.00 18.70 ? 1003 HOH A O   1 
HETATM 1182 O O   . HOH C 3 .   ? -3.300  11.211  -2.672  1.00 15.73 ? 1004 HOH A O   1 
HETATM 1183 O O   . HOH C 3 .   ? 0.943   9.822   19.587  1.00 11.85 ? 1005 HOH A O   1 
HETATM 1184 O O   . HOH C 3 .   ? -11.114 1.152   -3.583  1.00 19.83 ? 1006 HOH A O   1 
HETATM 1185 O O   . HOH C 3 .   ? -0.702  4.892   18.656  1.00 15.62 ? 1007 HOH A O   1 
HETATM 1186 O O   . HOH C 3 .   ? -1.219  9.724   3.861   1.00 13.12 ? 1008 HOH A O   1 
HETATM 1187 O O   . HOH C 3 .   ? 2.318   18.496  16.380  1.00 23.24 ? 1009 HOH A O   1 
HETATM 1188 O O   . HOH C 3 .   ? 0.110   11.732  1.033   1.00 11.98 ? 1010 HOH A O   1 
HETATM 1189 O O   . HOH C 3 .   ? 7.260   2.611   14.606  1.00 17.90 ? 1011 HOH A O   1 
HETATM 1190 O O   . HOH C 3 .   ? 1.096   -10.544 -14.556 1.00 16.04 ? 1012 HOH A O   1 
HETATM 1191 O O   . HOH C 3 .   ? 5.503   8.151   2.841   1.00 16.14 ? 1013 HOH A O   1 
HETATM 1192 O O   . HOH C 3 .   ? -8.728  -2.535  13.742  1.00 18.28 ? 1014 HOH A O   1 
HETATM 1193 O O   . HOH C 3 .   ? 7.710   9.062   7.574   1.00 15.76 ? 1015 HOH A O   1 
HETATM 1194 O O   . HOH C 3 .   ? -3.666  -6.447  -11.023 1.00 13.15 ? 1016 HOH A O   1 
HETATM 1195 O O   . HOH C 3 .   ? -11.777 -0.241  18.441  1.00 20.20 ? 1017 HOH A O   1 
HETATM 1196 O O   . HOH C 3 .   ? -8.090  5.306   -2.163  1.00 23.74 ? 1018 HOH A O   1 
HETATM 1197 O O   . HOH C 3 .   ? -6.356  3.774   -12.659 1.00 19.28 ? 1019 HOH A O   1 
HETATM 1198 O O   . HOH C 3 .   ? -2.742  1.329   19.665  1.00 16.87 ? 1020 HOH A O   1 
HETATM 1199 O O   . HOH C 3 .   ? -2.853  3.529   17.902  1.00 16.08 ? 1021 HOH A O   1 
HETATM 1200 O O   . HOH C 3 .   ? -12.840 5.332   15.193  1.00 15.03 ? 1022 HOH A O   1 
HETATM 1201 O O   . HOH C 3 .   ? -2.358  1.246   -19.081 1.00 20.55 ? 1024 HOH A O   1 
HETATM 1202 O O   . HOH C 3 .   ? 3.106   -15.871 -10.091 1.00 28.80 ? 1025 HOH A O   1 
HETATM 1203 O O   . HOH C 3 .   ? 9.317   0.932   -15.799 1.00 23.22 ? 1026 HOH A O   1 
HETATM 1204 O O   . HOH C 3 .   ? 2.527   -4.475  -19.892 1.00 21.35 ? 1027 HOH A O   1 
HETATM 1205 O O   . HOH C 3 .   ? 2.408   13.427  9.344   1.00 16.09 ? 1028 HOH A O   1 
HETATM 1206 O O   . HOH C 3 .   ? -1.843  -23.063 -12.011 1.00 25.20 ? 1029 HOH A O   1 
HETATM 1207 O O   . HOH C 3 .   ? 5.748   -7.762  7.833   1.00 24.42 ? 1030 HOH A O   1 
HETATM 1208 O O   . HOH C 3 .   ? 7.674   -1.123  12.234  1.00 30.72 ? 1031 HOH A O   1 
HETATM 1209 O O   . HOH C 3 .   ? -2.782  14.764  12.100  1.00 26.06 ? 1032 HOH A O   1 
HETATM 1210 O O   . HOH C 3 .   ? -5.353  -19.410 -12.155 1.00 32.73 ? 1033 HOH A O   1 
HETATM 1211 O O   . HOH C 3 .   ? 5.335   -5.633  9.620   1.00 16.64 ? 1034 HOH A O   1 
HETATM 1212 O O   . HOH C 3 .   ? 1.686   1.137   -21.694 1.00 26.19 ? 1036 HOH A O   1 
HETATM 1213 O O   . HOH C 3 .   ? -1.799  12.427  3.952   1.00 18.26 ? 1037 HOH A O   1 
HETATM 1214 O O   . HOH C 3 .   ? -0.572  13.553  -2.233  1.00 17.81 ? 1038 HOH A O   1 
HETATM 1215 O O   . HOH C 3 .   ? -5.357  3.038   20.928  1.00 24.79 ? 1039 HOH A O   1 
HETATM 1216 O O   . HOH C 3 .   ? -8.206  10.416  14.100  1.00 19.73 ? 1040 HOH A O   1 
HETATM 1217 O O   . HOH C 3 .   ? -7.479  4.188   -4.709  1.00 14.70 ? 1042 HOH A O   1 
HETATM 1218 O O   . HOH C 3 .   ? -1.424  -11.074 -17.201 1.00 21.67 ? 1043 HOH A O   1 
HETATM 1219 O O   . HOH C 3 .   ? -8.825  16.173  25.858  1.00 30.79 ? 1044 HOH A O   1 
HETATM 1220 O O   . HOH C 3 .   ? -19.401 2.718   7.666   1.00 36.25 ? 1045 HOH A O   1 
HETATM 1221 O O   . HOH C 3 .   ? -13.827 -1.593  2.859   1.00 27.47 ? 1046 HOH A O   1 
HETATM 1222 O O   . HOH C 3 .   ? 6.176   -0.200  14.484  1.00 20.13 ? 1047 HOH A O   1 
HETATM 1223 O O   . HOH C 3 .   ? -5.661  -4.081  -13.178 1.00 31.72 ? 1048 HOH A O   1 
HETATM 1224 O O   . HOH C 3 .   ? 8.211   -12.153 -7.272  1.00 29.63 ? 1049 HOH A O   1 
HETATM 1225 O O   . HOH C 3 .   ? -4.164  -16.480 -12.886 1.00 24.48 ? 1051 HOH A O   1 
HETATM 1226 O O   . HOH C 3 .   ? -12.492 6.809   2.684   1.00 13.59 ? 1052 HOH A O   1 
HETATM 1227 O O   . HOH C 3 .   ? 6.331   6.983   -13.378 1.00 31.26 ? 1053 HOH A O   1 
HETATM 1228 O O   . HOH C 3 .   ? 8.951   -14.253 -10.061 1.00 39.88 ? 1054 HOH A O   1 
HETATM 1229 O O   . HOH C 3 .   ? -9.089  -7.823  -17.507 1.00 45.08 ? 1055 HOH A O   1 
HETATM 1230 O O   . HOH C 3 .   ? 4.006   11.025  -0.290  1.00 32.35 ? 1056 HOH A O   1 
HETATM 1231 O O   . HOH C 3 .   ? -1.015  20.099  8.567   1.00 34.47 ? 1057 HOH A O   1 
HETATM 1232 O O   . HOH C 3 .   ? -4.821  -7.405  8.370   1.00 37.30 ? 1058 HOH A O   1 
HETATM 1233 O O   . HOH C 3 .   ? -2.905  -3.318  15.442  1.00 34.33 ? 1059 HOH A O   1 
HETATM 1234 O O   . HOH C 3 .   ? -11.171 -3.417  13.201  1.00 33.02 ? 1060 HOH A O   1 
HETATM 1235 O O   . HOH C 3 .   ? 12.123  -8.642  -12.073 1.00 27.64 ? 1061 HOH A O   1 
HETATM 1236 O O   . HOH C 3 .   ? 5.437   14.580  19.667  1.00 31.11 ? 1062 HOH A O   1 
HETATM 1237 O O   . HOH C 3 .   ? -10.415 -1.598  -7.944  1.00 29.01 ? 1063 HOH A O   1 
HETATM 1238 O O   . HOH C 3 .   ? -4.522  3.080   -19.085 1.00 39.30 ? 1064 HOH A O   1 
HETATM 1239 O O   . HOH C 3 .   ? -7.796  3.026   -8.819  1.00 21.40 ? 1065 HOH A O   1 
HETATM 1240 O O   . HOH C 3 .   ? 4.345   15.754  10.095  1.00 27.43 ? 1067 HOH A O   1 
HETATM 1241 O O   . HOH C 3 .   ? -8.384  10.514  20.600  1.00 32.60 ? 1068 HOH A O   1 
HETATM 1242 O O   . HOH C 3 .   ? 13.021  -11.724 -11.390 1.00 30.92 ? 1069 HOH A O   1 
HETATM 1243 O O   . HOH C 3 .   ? -7.875  0.791   19.626  1.00 24.07 ? 1070 HOH A O   1 
HETATM 1244 O O   . HOH C 3 .   ? -5.794  -7.043  1.101   1.00 28.48 ? 1071 HOH A O   1 
HETATM 1245 O O   . HOH C 3 .   ? -9.748  -8.829  -3.427  1.00 31.92 ? 1072 HOH A O   1 
HETATM 1246 O O   . HOH C 3 .   ? -3.981  17.743  16.610  1.00 33.97 ? 1073 HOH A O   1 
HETATM 1247 O O   . HOH C 3 .   ? -11.363 -14.638 -13.220 1.00 32.40 ? 1075 HOH A O   1 
HETATM 1248 O O   . HOH C 3 .   ? -2.390  15.506  15.089  1.00 25.65 ? 1076 HOH A O   1 
HETATM 1249 O O   . HOH C 3 .   ? -12.574 12.837  6.262   1.00 45.04 ? 1079 HOH A O   1 
HETATM 1250 O O   . HOH C 3 .   ? -3.529  -6.605  -22.063 1.00 35.69 ? 1082 HOH A O   1 
HETATM 1251 O O   . HOH C 3 .   ? 15.818  -3.942  -0.322  1.00 30.52 ? 1083 HOH A O   1 
HETATM 1252 O O   . HOH C 3 .   ? -13.163 -4.196  4.177   1.00 30.24 ? 1084 HOH A O   1 
HETATM 1253 O O   . HOH C 3 .   ? 3.834   -4.666  15.914  1.00 58.43 ? 1085 HOH A O   1 
HETATM 1254 O O   . HOH C 3 .   ? -9.483  12.844  13.619  1.00 37.69 ? 1087 HOH A O   1 
HETATM 1255 O O   . HOH C 3 .   ? 8.644   11.703  7.648   1.00 30.61 ? 1091 HOH A O   1 
HETATM 1256 O O   . HOH C 3 .   ? -8.265  -1.748  16.245  1.00 43.97 ? 1092 HOH A O   1 
HETATM 1257 O O   . HOH C 3 .   ? -7.870  -5.868  -21.487 1.00 46.14 ? 1093 HOH A O   1 
HETATM 1258 O O   . HOH C 3 .   ? -12.017 8.081   0.161   1.00 31.93 ? 1094 HOH A O   1 
HETATM 1259 O O   . HOH C 3 .   ? -0.291  -5.737  -20.036 1.00 41.33 ? 1095 HOH A O   1 
HETATM 1260 O O   . HOH C 3 .   ? -10.869 -13.159 -15.392 1.00 64.23 ? 1096 HOH A O   1 
HETATM 1261 O O   . HOH C 3 .   ? -1.889  -0.797  -22.814 1.00 36.70 ? 1097 HOH A O   1 
HETATM 1262 O O   . HOH C 3 .   ? -8.166  7.912   19.287  1.00 33.51 ? 1098 HOH A O   1 
HETATM 1263 O O   . HOH C 3 .   ? 9.767   3.952   -19.874 1.00 52.85 ? 1099 HOH A O   1 
HETATM 1264 O O   . HOH C 3 .   ? -1.508  -16.828 -20.196 1.00 46.50 ? 1100 HOH A O   1 
HETATM 1265 O O   . HOH C 3 .   ? -14.070 -0.633  -0.425  1.00 47.56 ? 1101 HOH A O   1 
HETATM 1266 O O   . HOH C 3 .   ? 16.073  -0.009  -4.863  1.00 46.53 ? 1102 HOH A O   1 
HETATM 1267 O O   . HOH C 3 .   ? -8.472  0.122   -8.430  1.00 22.46 ? 1104 HOH A O   1 
HETATM 1268 O O   . HOH C 3 .   ? -3.867  -13.840 -1.950  1.00 39.93 ? 1109 HOH A O   1 
HETATM 1269 O O   . HOH C 3 .   ? 14.208  -3.783  2.075   1.00 32.55 ? 1110 HOH A O   1 
HETATM 1270 O O   . HOH C 3 .   ? 6.336   -0.917  -21.975 1.00 40.09 ? 1111 HOH A O   1 
HETATM 1271 O O   . HOH C 3 .   ? -6.004  1.775   -20.870 1.00 49.84 ? 1112 HOH A O   1 
HETATM 1272 O O   . HOH C 3 .   ? -13.713 -5.346  6.665   1.00 42.68 ? 1113 HOH A O   1 
HETATM 1273 O O   . HOH C 3 .   ? -7.261  6.105   -17.776 1.00 40.90 ? 1114 HOH A O   1 
HETATM 1274 O O   . HOH C 3 .   ? -5.786  -5.328  14.976  1.00 46.33 ? 1115 HOH A O   1 
HETATM 1275 O O   . HOH C 3 .   ? -2.544  -9.915  -19.375 1.00 44.95 ? 1116 HOH A O   1 
HETATM 1276 O O   . HOH C 3 .   ? 3.624   -16.727 -6.277  1.00 54.98 ? 1117 HOH A O   1 
HETATM 1277 O O   . HOH C 3 .   ? -10.970 -13.478 -10.710 1.00 40.98 ? 1119 HOH A O   1 
HETATM 1278 O O   . HOH C 3 .   ? -1.916  -19.041 -4.438  1.00 59.12 ? 1120 HOH A O   1 
HETATM 1279 O O   . HOH C 3 .   ? -18.035 9.685   7.565   1.00 47.43 ? 1121 HOH A O   1 
HETATM 1280 O O   . HOH C 3 .   ? -3.948  -21.881 -7.396  1.00 52.46 ? 2001 HOH A O   1 
HETATM 1281 O O   . HOH C 3 .   ? -2.366  -24.064 -9.514  1.00 25.51 ? 2002 HOH A O   1 
HETATM 1282 O O   . HOH C 3 .   ? -6.910  13.801  2.806   1.00 17.92 ? 2003 HOH A O   1 
HETATM 1283 O O   . HOH C 3 .   ? -7.131  14.349  5.315   1.00 24.41 ? 2004 HOH A O   1 
HETATM 1284 O O   . HOH C 3 .   ? -6.667  16.817  12.812  1.00 43.75 ? 2005 HOH A O   1 
HETATM 1285 O O   . HOH C 3 .   ? 6.125   12.059  3.955   1.00 27.99 ? 2006 HOH A O   1 
HETATM 1286 O O   . HOH C 3 .   ? 4.524   12.684  8.329   1.00 22.06 ? 2007 HOH A O   1 
HETATM 1287 O O   . HOH C 3 .   ? -8.865  3.725   -11.118 1.00 19.67 ? 2008 HOH A O   1 
HETATM 1288 O O   . HOH C 3 .   ? -4.341  3.955   24.778  1.00 39.99 ? 2010 HOH A O   1 
HETATM 1289 O O   . HOH C 3 .   ? 4.123   14.174  2.503   1.00 35.82 ? 2012 HOH A O   1 
HETATM 1290 O O   . HOH C 3 .   ? 7.715   11.245  -5.564  1.00 68.47 ? 2017 HOH A O   1 
HETATM 1291 O O   . HOH C 3 .   ? 7.402   -9.747  8.097   1.00 35.27 ? 2020 HOH A O   1 
HETATM 1292 O O   . HOH C 3 .   ? 7.289   -10.338 12.856  1.00 38.69 ? 2021 HOH A O   1 
HETATM 1293 O O   . HOH C 3 .   ? 1.680   -5.535  17.931  1.00 33.65 ? 2022 HOH A O   1 
HETATM 1294 O O   . HOH C 3 .   ? -6.264  -6.460  -12.179 1.00 22.73 ? 2023 HOH A O   1 
HETATM 1295 O O   . HOH C 3 .   ? 5.496   20.773  1.793   1.00 39.97 ? 2024 HOH A O   1 
HETATM 1296 O O   . HOH C 3 .   ? 6.682   10.326  1.773   1.00 25.54 ? 2025 HOH A O   1 
HETATM 1297 O O   . HOH C 3 .   ? -10.747 6.273   16.422  1.00 34.66 ? 2026 HOH A O   1 
HETATM 1298 O O   . HOH C 3 .   ? -1.415  2.322   21.891  1.00 46.13 ? 2027 HOH A O   1 
HETATM 1299 O O   . HOH C 3 .   ? -5.853  0.447   21.150  1.00 48.59 ? 2028 HOH A O   1 
HETATM 1300 O O   . HOH C 3 .   ? -1.201  1.815   -21.395 1.00 32.77 ? 2030 HOH A O   1 
HETATM 1301 O O   . HOH C 3 .   ? 0.503   -16.100 -4.384  1.00 35.99 ? 2031 HOH A O   1 
HETATM 1302 O O   . HOH C 3 .   ? 0.611   -16.361 -11.173 1.00 43.85 ? 2032 HOH A O   1 
HETATM 1303 O O   . HOH C 3 .   ? -2.362  -3.259  18.070  1.00 30.55 ? 2033 HOH A O   1 
HETATM 1304 O O   . HOH C 3 .   ? -9.187  -5.508  15.595  1.00 37.29 ? 2034 HOH A O   1 
HETATM 1305 O O   . HOH C 3 .   ? -3.162  5.110   -19.926 1.00 34.87 ? 2035 HOH A O   1 
HETATM 1306 O O   . HOH C 3 .   ? -7.290  -9.073  2.336   1.00 34.53 ? 2036 HOH A O   1 
HETATM 1307 O O   . HOH C 3 .   ? -7.542  -10.683 5.017   1.00 34.35 ? 2037 HOH A O   1 
HETATM 1308 O O   . HOH C 3 .   ? -6.188  -11.449 1.558   1.00 45.78 ? 2038 HOH A O   1 
HETATM 1309 O O   . HOH C 3 .   ? -12.319 -8.466  9.744   1.00 46.80 ? 2039 HOH A O   1 
HETATM 1310 O O   . HOH D 3 .   ? 10.960  -6.063  0.722   1.00 24.44 ? 1023 HOH B O   1 
HETATM 1311 O O   . HOH D 3 .   ? 11.293  -3.322  2.574   1.00 23.51 ? 1041 HOH B O   1 
HETATM 1312 O O   . HOH D 3 .   ? 11.597  -4.951  9.291   1.00 29.66 ? 1050 HOH B O   1 
HETATM 1313 O O   . HOH D 3 .   ? 12.606  0.893   7.581   1.00 26.35 ? 1066 HOH B O   1 
HETATM 1314 O O   . HOH D 3 .   ? 13.206  7.722   1.580   1.00 40.89 ? 1081 HOH B O   1 
HETATM 1315 O O   . HOH D 3 .   ? 14.837  5.850   2.754   1.00 42.53 ? 1106 HOH B O   1 
HETATM 1316 O O   . HOH D 3 .   ? 9.769   -7.279  10.042  1.00 45.77 ? 2019 HOH B O   1 
# 
loop_
_pdbx_poly_seq_scheme.asym_id 
_pdbx_poly_seq_scheme.entity_id 
_pdbx_poly_seq_scheme.seq_id 
_pdbx_poly_seq_scheme.mon_id 
_pdbx_poly_seq_scheme.ndb_seq_num 
_pdbx_poly_seq_scheme.pdb_seq_num 
_pdbx_poly_seq_scheme.auth_seq_num 
_pdbx_poly_seq_scheme.pdb_mon_id 
_pdbx_poly_seq_scheme.auth_mon_id 
_pdbx_poly_seq_scheme.pdb_strand_id 
_pdbx_poly_seq_scheme.pdb_ins_code 
_pdbx_poly_seq_scheme.hetero 
A 1 1   GLY 1   51  ?   ?   ?   A . n 
A 1 2   SER 2   52  ?   ?   ?   A . n 
A 1 3   HIS 3   53  ?   ?   ?   A . n 
A 1 4   THR 4   54  ?   ?   ?   A . n 
A 1 5   ALA 5   55  ?   ?   ?   A . n 
A 1 6   GLU 6   56  ?   ?   ?   A . n 
A 1 7   GLU 7   57  ?   ?   ?   A . n 
A 1 8   ASP 8   58  ?   ?   ?   A . n 
A 1 9   MET 9   59  ?   ?   ?   A . n 
A 1 10  GLU 10  60  ?   ?   ?   A . n 
A 1 11  ASP 11  61  ?   ?   ?   A . n 
A 1 12  ASP 12  62  ?   ?   ?   A . n 
A 1 13  THR 13  63  63  THR THR A . n 
A 1 14  SER 14  64  64  SER SER A . n 
A 1 15  TRP 15  65  65  TRP TRP A . n 
A 1 16  ARG 16  66  66  ARG ARG A . n 
A 1 17  SER 17  67  67  SER SER A . n 
A 1 18  GLU 18  68  68  GLU GLU A . n 
A 1 19  ALA 19  69  69  ALA ALA A . n 
A 1 20  THR 20  70  70  THR THR A . n 
A 1 21  PHE 21  71  71  PHE PHE A . n 
A 1 22  GLN 22  72  72  GLN GLN A . n 
A 1 23  PHE 23  73  73  PHE PHE A . n 
A 1 24  THR 24  74  74  THR THR A . n 
A 1 25  VAL 25  75  75  VAL VAL A . n 
A 1 26  GLU 26  76  76  GLU GLU A . n 
A 1 27  ARG 27  77  77  ARG ARG A . n 
A 1 28  PHE 28  78  78  PHE PHE A . n 
A 1 29  SER 29  79  79  SER SER A . n 
A 1 30  ARG 30  80  80  ARG ARG A . n 
A 1 31  LEU 31  81  81  LEU LEU A . n 
A 1 32  SER 32  82  82  SER SER A . n 
A 1 33  GLU 33  83  83  GLU GLU A . n 
A 1 34  SER 34  84  84  SER SER A . n 
A 1 35  VAL 35  85  85  VAL VAL A . n 
A 1 36  LEU 36  86  86  LEU LEU A . n 
A 1 37  SER 37  87  87  SER SER A . n 
A 1 38  PRO 38  88  88  PRO PRO A . n 
A 1 39  PRO 39  89  89  PRO PRO A . n 
A 1 40  CYS 40  90  90  CYS CYS A . n 
A 1 41  PHE 41  91  91  PHE PHE A . n 
A 1 42  VAL 42  92  92  VAL VAL A . n 
A 1 43  ARG 43  93  93  ARG ARG A . n 
A 1 44  ASN 44  94  94  ASN ASN A . n 
A 1 45  LEU 45  95  95  LEU LEU A . n 
A 1 46  PRO 46  96  96  PRO PRO A . n 
A 1 47  TRP 47  97  97  TRP TRP A . n 
A 1 48  LYS 48  98  98  LYS LYS A . n 
A 1 49  ILE 49  99  99  ILE ILE A . n 
A 1 50  MET 50  100 100 MET MET A . n 
A 1 51  VAL 51  101 101 VAL VAL A . n 
A 1 52  MET 52  102 102 MET MET A . n 
A 1 53  PRO 53  103 103 PRO PRO A . n 
A 1 54  ARG 54  104 104 ARG ARG A . n 
A 1 55  PHE 55  105 105 PHE PHE A . n 
A 1 56  TYR 56  106 ?   ?   ?   A . n 
A 1 57  PRO 57  107 ?   ?   ?   A . n 
A 1 58  ASP 58  108 ?   ?   ?   A . n 
A 1 59  ARG 59  109 ?   ?   ?   A . n 
A 1 60  PRO 60  110 ?   ?   ?   A . n 
A 1 61  HIS 61  111 ?   ?   ?   A . n 
A 1 62  GLN 62  112 112 GLN GLN A . n 
A 1 63  LYS 63  113 113 LYS LYS A . n 
A 1 64  SER 64  114 114 SER SER A . n 
A 1 65  VAL 65  115 115 VAL VAL A . n 
A 1 66  GLY 66  116 116 GLY GLY A . n 
A 1 67  PHE 67  117 117 PHE PHE A . n 
A 1 68  PHE 68  118 118 PHE PHE A . n 
A 1 69  LEU 69  119 119 LEU LEU A . n 
A 1 70  GLN 70  120 120 GLN GLN A . n 
A 1 71  CYS 71  121 121 CYS CYS A . n 
A 1 72  ASN 72  122 122 ASN ASN A . n 
A 1 73  ALA 73  123 123 ALA ALA A . n 
A 1 74  GLU 74  124 124 GLU GLU A . n 
A 1 75  SER 75  125 125 SER SER A . n 
A 1 76  ASP 76  126 126 ASP ASP A . n 
A 1 77  SER 77  127 127 SER SER A . n 
A 1 78  THR 78  128 128 THR THR A . n 
A 1 79  SER 79  129 129 SER SER A . n 
A 1 80  TRP 80  130 130 TRP TRP A . n 
A 1 81  SER 81  131 131 SER SER A . n 
A 1 82  CYS 82  132 132 CYS CYS A . n 
A 1 83  HIS 83  133 133 HIS HIS A . n 
A 1 84  ALA 84  134 134 ALA ALA A . n 
A 1 85  GLN 85  135 135 GLN GLN A . n 
A 1 86  ALA 86  136 136 ALA ALA A . n 
A 1 87  VAL 87  137 137 VAL VAL A . n 
A 1 88  LEU 88  138 138 LEU LEU A . n 
A 1 89  LYS 89  139 139 LYS LYS A . n 
A 1 90  ILE 90  140 140 ILE ILE A . n 
A 1 91  ILE 91  141 141 ILE ILE A . n 
A 1 92  ASN 92  142 142 ASN ASN A . n 
A 1 93  TYR 93  143 143 TYR TYR A . n 
A 1 94  ARG 94  144 144 ARG ARG A . n 
A 1 95  ASP 95  145 145 ASP ASP A . n 
A 1 96  ASP 96  146 146 ASP ASP A . n 
A 1 97  GLU 97  147 147 GLU GLU A . n 
A 1 98  LYS 98  148 148 LYS LYS A . n 
A 1 99  SER 99  149 149 SER SER A . n 
A 1 100 PHE 100 150 150 PHE PHE A . n 
A 1 101 SER 101 151 151 SER SER A . n 
A 1 102 ARG 102 152 152 ARG ARG A . n 
A 1 103 ARG 103 153 153 ARG ARG A . n 
A 1 104 ILE 104 154 154 ILE ILE A . n 
A 1 105 SER 105 155 155 SER SER A . n 
A 1 106 HIS 106 156 156 HIS HIS A . n 
A 1 107 LEU 107 157 157 LEU LEU A . n 
A 1 108 PHE 108 158 158 PHE PHE A . n 
A 1 109 PHE 109 159 159 PHE PHE A . n 
A 1 110 HIS 110 160 160 HIS HIS A . n 
A 1 111 LYS 111 161 161 LYS LYS A . n 
A 1 112 GLU 112 162 162 GLU GLU A . n 
A 1 113 ASN 113 163 163 ASN ASN A . n 
A 1 114 ASP 114 164 164 ASP ASP A . n 
A 1 115 TRP 115 165 165 TRP TRP A . n 
A 1 116 GLY 116 166 166 GLY GLY A . n 
A 1 117 PHE 117 167 167 PHE PHE A . n 
A 1 118 SER 118 168 168 SER SER A . n 
A 1 119 ASN 119 169 169 ASN ASN A . n 
A 1 120 PHE 120 170 170 PHE PHE A . n 
A 1 121 MET 121 171 171 MET MET A . n 
A 1 122 ALA 122 172 172 ALA ALA A . n 
A 1 123 TRP 123 173 173 TRP TRP A . n 
A 1 124 SER 124 174 174 SER SER A . n 
A 1 125 GLU 125 175 175 GLU GLU A . n 
A 1 126 VAL 126 176 176 VAL VAL A . n 
A 1 127 THR 127 177 177 THR THR A . n 
A 1 128 ASP 128 178 178 ASP ASP A . n 
A 1 129 PRO 129 179 179 PRO PRO A . n 
A 1 130 GLU 130 180 180 GLU GLU A . n 
A 1 131 LYS 131 181 181 LYS LYS A . n 
A 1 132 GLY 132 182 182 GLY GLY A . n 
A 1 133 PHE 133 183 183 PHE PHE A . n 
A 1 134 ILE 134 184 184 ILE ILE A . n 
A 1 135 ASP 135 185 185 ASP ASP A . n 
A 1 136 ASP 136 186 186 ASP ASP A . n 
A 1 137 ASP 137 187 187 ASP ASP A . n 
A 1 138 LYS 138 188 188 LYS LYS A . n 
A 1 139 VAL 139 189 189 VAL VAL A . n 
A 1 140 THR 140 190 190 THR THR A . n 
A 1 141 PHE 141 191 191 PHE PHE A . n 
A 1 142 GLU 142 192 192 GLU GLU A . n 
A 1 143 VAL 143 193 193 VAL VAL A . n 
A 1 144 PHE 144 194 194 PHE PHE A . n 
A 1 145 VAL 145 195 195 VAL VAL A . n 
A 1 146 GLN 146 196 196 GLN GLN A . n 
A 1 147 ALA 147 197 197 ALA ALA A . n 
A 1 148 ASP 148 198 198 ASP ASP A . n 
A 1 149 ALA 149 199 199 ALA ALA A . n 
A 1 150 PRO 150 200 200 PRO PRO A . n 
A 1 151 HIS 151 201 201 HIS HIS A . n 
A 1 152 GLY 152 202 202 GLY GLY A . n 
A 1 153 VAL 153 203 203 VAL VAL A . n 
A 1 154 ALA 154 204 204 ALA ALA A . n 
A 1 155 TRP 155 205 205 TRP TRP A . n 
B 2 1   GLU 1   142 142 GLU GLU B . n 
B 2 2   LYS 2   143 143 LYS LYS B . n 
B 2 3   PRO 3   144 144 PRO PRO B . n 
B 2 4   SER 4   145 145 SER SER B . n 
B 2 5   SER 5   146 146 SER SER B . n 
B 2 6   SER 6   147 147 SER SER B . n 
# 
loop_
_pdbx_nonpoly_scheme.asym_id 
_pdbx_nonpoly_scheme.entity_id 
_pdbx_nonpoly_scheme.mon_id 
_pdbx_nonpoly_scheme.ndb_seq_num 
_pdbx_nonpoly_scheme.pdb_seq_num 
_pdbx_nonpoly_scheme.auth_seq_num 
_pdbx_nonpoly_scheme.pdb_mon_id 
_pdbx_nonpoly_scheme.auth_mon_id 
_pdbx_nonpoly_scheme.pdb_strand_id 
_pdbx_nonpoly_scheme.pdb_ins_code 
C 3 HOH 1   1001 1001 HOH TIP A . 
C 3 HOH 2   1002 1002 HOH TIP A . 
C 3 HOH 3   1003 1003 HOH TIP A . 
C 3 HOH 4   1004 1004 HOH TIP A . 
C 3 HOH 5   1005 1005 HOH TIP A . 
C 3 HOH 6   1006 1006 HOH TIP A . 
C 3 HOH 7   1007 1007 HOH TIP A . 
C 3 HOH 8   1008 1008 HOH TIP A . 
C 3 HOH 9   1009 1009 HOH TIP A . 
C 3 HOH 10  1010 1010 HOH TIP A . 
C 3 HOH 11  1011 1011 HOH TIP A . 
C 3 HOH 12  1012 1012 HOH TIP A . 
C 3 HOH 13  1013 1013 HOH TIP A . 
C 3 HOH 14  1014 1014 HOH TIP A . 
C 3 HOH 15  1015 1015 HOH TIP A . 
C 3 HOH 16  1016 1016 HOH TIP A . 
C 3 HOH 17  1017 1017 HOH TIP A . 
C 3 HOH 18  1018 1018 HOH TIP A . 
C 3 HOH 19  1019 1019 HOH TIP A . 
C 3 HOH 20  1020 1020 HOH TIP A . 
C 3 HOH 21  1021 1021 HOH TIP A . 
C 3 HOH 22  1022 1022 HOH TIP A . 
C 3 HOH 23  1024 1024 HOH TIP A . 
C 3 HOH 24  1025 1025 HOH TIP A . 
C 3 HOH 25  1026 1026 HOH TIP A . 
C 3 HOH 26  1027 1027 HOH TIP A . 
C 3 HOH 27  1028 1028 HOH TIP A . 
C 3 HOH 28  1029 1029 HOH TIP A . 
C 3 HOH 29  1030 1030 HOH TIP A . 
C 3 HOH 30  1031 1031 HOH TIP A . 
C 3 HOH 31  1032 1032 HOH TIP A . 
C 3 HOH 32  1033 1033 HOH TIP A . 
C 3 HOH 33  1034 1034 HOH TIP A . 
C 3 HOH 34  1036 1036 HOH TIP A . 
C 3 HOH 35  1037 1037 HOH TIP A . 
C 3 HOH 36  1038 1038 HOH TIP A . 
C 3 HOH 37  1039 1039 HOH TIP A . 
C 3 HOH 38  1040 1040 HOH TIP A . 
C 3 HOH 39  1042 1042 HOH TIP A . 
C 3 HOH 40  1043 1043 HOH TIP A . 
C 3 HOH 41  1044 1044 HOH TIP A . 
C 3 HOH 42  1045 1045 HOH TIP A . 
C 3 HOH 43  1046 1046 HOH TIP A . 
C 3 HOH 44  1047 1047 HOH TIP A . 
C 3 HOH 45  1048 1048 HOH TIP A . 
C 3 HOH 46  1049 1049 HOH TIP A . 
C 3 HOH 47  1051 1051 HOH TIP A . 
C 3 HOH 48  1052 1052 HOH TIP A . 
C 3 HOH 49  1053 1053 HOH TIP A . 
C 3 HOH 50  1054 1054 HOH TIP A . 
C 3 HOH 51  1055 1055 HOH TIP A . 
C 3 HOH 52  1056 1056 HOH TIP A . 
C 3 HOH 53  1057 1057 HOH TIP A . 
C 3 HOH 54  1058 1058 HOH TIP A . 
C 3 HOH 55  1059 1059 HOH TIP A . 
C 3 HOH 56  1060 1060 HOH TIP A . 
C 3 HOH 57  1061 1061 HOH TIP A . 
C 3 HOH 58  1062 1062 HOH TIP A . 
C 3 HOH 59  1063 1063 HOH TIP A . 
C 3 HOH 60  1064 1064 HOH TIP A . 
C 3 HOH 61  1065 1065 HOH TIP A . 
C 3 HOH 62  1067 1067 HOH TIP A . 
C 3 HOH 63  1068 1068 HOH TIP A . 
C 3 HOH 64  1069 1069 HOH TIP A . 
C 3 HOH 65  1070 1070 HOH TIP A . 
C 3 HOH 66  1071 1071 HOH TIP A . 
C 3 HOH 67  1072 1072 HOH TIP A . 
C 3 HOH 68  1073 1073 HOH TIP A . 
C 3 HOH 69  1075 1075 HOH TIP A . 
C 3 HOH 70  1076 1076 HOH TIP A . 
C 3 HOH 71  1079 1079 HOH TIP A . 
C 3 HOH 72  1082 1082 HOH TIP A . 
C 3 HOH 73  1083 1083 HOH TIP A . 
C 3 HOH 74  1084 1084 HOH TIP A . 
C 3 HOH 75  1085 1085 HOH TIP A . 
C 3 HOH 76  1087 1087 HOH TIP A . 
C 3 HOH 77  1091 1091 HOH TIP A . 
C 3 HOH 78  1092 1092 HOH TIP A . 
C 3 HOH 79  1093 1093 HOH TIP A . 
C 3 HOH 80  1094 1094 HOH TIP A . 
C 3 HOH 81  1095 1095 HOH TIP A . 
C 3 HOH 82  1096 1096 HOH TIP A . 
C 3 HOH 83  1097 1097 HOH TIP A . 
C 3 HOH 84  1098 1098 HOH TIP A . 
C 3 HOH 85  1099 1099 HOH TIP A . 
C 3 HOH 86  1100 1100 HOH TIP A . 
C 3 HOH 87  1101 1101 HOH TIP A . 
C 3 HOH 88  1102 1102 HOH TIP A . 
C 3 HOH 89  1104 1104 HOH TIP A . 
C 3 HOH 90  1109 1109 HOH TIP A . 
C 3 HOH 91  1110 1110 HOH TIP A . 
C 3 HOH 92  1111 1111 HOH TIP A . 
C 3 HOH 93  1112 1112 HOH TIP A . 
C 3 HOH 94  1113 1113 HOH TIP A . 
C 3 HOH 95  1114 1114 HOH TIP A . 
C 3 HOH 96  1115 1115 HOH TIP A . 
C 3 HOH 97  1116 1116 HOH TIP A . 
C 3 HOH 98  1117 1117 HOH TIP A . 
C 3 HOH 99  1119 1119 HOH TIP A . 
C 3 HOH 100 1120 1120 HOH TIP A . 
C 3 HOH 101 1121 1121 HOH TIP A . 
C 3 HOH 102 2001 2001 HOH TIP A . 
C 3 HOH 103 2002 2002 HOH TIP A . 
C 3 HOH 104 2003 2003 HOH TIP A . 
C 3 HOH 105 2004 2004 HOH TIP A . 
C 3 HOH 106 2005 2005 HOH TIP A . 
C 3 HOH 107 2006 2006 HOH TIP A . 
C 3 HOH 108 2007 2007 HOH TIP A . 
C 3 HOH 109 2008 2008 HOH TIP A . 
C 3 HOH 110 2010 2010 HOH TIP A . 
C 3 HOH 111 2012 2012 HOH TIP A . 
C 3 HOH 112 2017 2017 HOH TIP A . 
C 3 HOH 113 2020 2020 HOH TIP A . 
C 3 HOH 114 2021 2021 HOH TIP A . 
C 3 HOH 115 2022 2022 HOH TIP A . 
C 3 HOH 116 2023 2023 HOH TIP A . 
C 3 HOH 117 2024 2024 HOH TIP A . 
C 3 HOH 118 2025 2025 HOH TIP A . 
C 3 HOH 119 2026 2026 HOH TIP A . 
C 3 HOH 120 2027 2027 HOH TIP A . 
C 3 HOH 121 2028 2028 HOH TIP A . 
C 3 HOH 122 2030 2030 HOH TIP A . 
C 3 HOH 123 2031 2031 HOH TIP A . 
C 3 HOH 124 2032 2032 HOH TIP A . 
C 3 HOH 125 2033 2033 HOH TIP A . 
C 3 HOH 126 2034 2034 HOH TIP A . 
C 3 HOH 127 2035 2035 HOH TIP A . 
C 3 HOH 128 2036 2036 HOH TIP A . 
C 3 HOH 129 2037 2037 HOH TIP A . 
C 3 HOH 130 2038 2038 HOH TIP A . 
C 3 HOH 131 2039 2039 HOH TIP A . 
D 3 HOH 1   1023 1023 HOH TIP B . 
D 3 HOH 2   1041 1041 HOH TIP B . 
D 3 HOH 3   1050 1050 HOH TIP B . 
D 3 HOH 4   1066 1066 HOH TIP B . 
D 3 HOH 5   1081 1081 HOH TIP B . 
D 3 HOH 6   1106 1106 HOH TIP B . 
D 3 HOH 7   2019 2019 HOH TIP B . 
# 
_pdbx_struct_assembly.id                   1 
_pdbx_struct_assembly.details              author_defined_assembly 
_pdbx_struct_assembly.method_details       ? 
_pdbx_struct_assembly.oligomeric_details   dimeric 
_pdbx_struct_assembly.oligomeric_count     2 
# 
_pdbx_struct_assembly_gen.assembly_id       1 
_pdbx_struct_assembly_gen.oper_expression   1 
_pdbx_struct_assembly_gen.asym_id_list      A,B,C,D 
# 
_pdbx_struct_oper_list.id                   1 
_pdbx_struct_oper_list.type                 'identity operation' 
_pdbx_struct_oper_list.name                 1_555 
_pdbx_struct_oper_list.symmetry_operation   x,y,z 
_pdbx_struct_oper_list.matrix[1][1]         1.0000000000 
_pdbx_struct_oper_list.matrix[1][2]         0.0000000000 
_pdbx_struct_oper_list.matrix[1][3]         0.0000000000 
_pdbx_struct_oper_list.vector[1]            0.0000000000 
_pdbx_struct_oper_list.matrix[2][1]         0.0000000000 
_pdbx_struct_oper_list.matrix[2][2]         1.0000000000 
_pdbx_struct_oper_list.matrix[2][3]         0.0000000000 
_pdbx_struct_oper_list.vector[2]            0.0000000000 
_pdbx_struct_oper_list.matrix[3][1]         0.0000000000 
_pdbx_struct_oper_list.matrix[3][2]         0.0000000000 
_pdbx_struct_oper_list.matrix[3][3]         1.0000000000 
_pdbx_struct_oper_list.vector[3]            0.0000000000 
# 
loop_
_pdbx_audit_revision_history.ordinal 
_pdbx_audit_revision_history.data_content_type 
_pdbx_audit_revision_history.major_revision 
_pdbx_audit_revision_history.minor_revision 
_pdbx_audit_revision_history.revision_date 
1 'Structure model' 1 0 2006-02-14 
2 'Structure model' 1 1 2008-05-01 
3 'Structure model' 1 2 2011-07-13 
4 'Structure model' 1 3 2016-12-21 
5 'Structure model' 1 4 2023-08-30 
# 
_pdbx_audit_revision_details.ordinal             1 
_pdbx_audit_revision_details.revision_ordinal    1 
_pdbx_audit_revision_details.data_content_type   'Structure model' 
_pdbx_audit_revision_details.provider            repository 
_pdbx_audit_revision_details.type                'Initial release' 
_pdbx_audit_revision_details.description         ? 
_pdbx_audit_revision_details.details             ? 
# 
loop_
_pdbx_audit_revision_group.ordinal 
_pdbx_audit_revision_group.revision_ordinal 
_pdbx_audit_revision_group.data_content_type 
_pdbx_audit_revision_group.group 
1 2 'Structure model' 'Version format compliance' 
2 3 'Structure model' 'Version format compliance' 
3 4 'Structure model' 'Structure summary'         
4 5 'Structure model' 'Data collection'           
5 5 'Structure model' 'Database references'       
6 5 'Structure model' 'Refinement description'    
# 
loop_
_pdbx_audit_revision_category.ordinal 
_pdbx_audit_revision_category.revision_ordinal 
_pdbx_audit_revision_category.data_content_type 
_pdbx_audit_revision_category.category 
1 5 'Structure model' chem_comp_atom                
2 5 'Structure model' chem_comp_bond                
3 5 'Structure model' database_2                    
4 5 'Structure model' pdbx_initial_refinement_model 
5 5 'Structure model' struct_ref_seq_dif            
# 
loop_
_pdbx_audit_revision_item.ordinal 
_pdbx_audit_revision_item.revision_ordinal 
_pdbx_audit_revision_item.data_content_type 
_pdbx_audit_revision_item.item 
1 5 'Structure model' '_database_2.pdbx_DOI'                
2 5 'Structure model' '_database_2.pdbx_database_accession' 
3 5 'Structure model' '_struct_ref_seq_dif.details'         
# 
loop_
_software.name 
_software.classification 
_software.version 
_software.citation_id 
_software.pdbx_ordinal 
CNS       refinement       1.1 ? 1 
HKL-2000  'data reduction' .   ? 2 
SCALEPACK 'data scaling'   .   ? 3 
CNS       phasing          .   ? 4 
# 
loop_
_pdbx_validate_torsion.id 
_pdbx_validate_torsion.PDB_model_num 
_pdbx_validate_torsion.auth_comp_id 
_pdbx_validate_torsion.auth_asym_id 
_pdbx_validate_torsion.auth_seq_id 
_pdbx_validate_torsion.PDB_ins_code 
_pdbx_validate_torsion.label_alt_id 
_pdbx_validate_torsion.phi 
_pdbx_validate_torsion.psi 
1 1 LYS A 113 ? ? 63.57   -74.84 
2 1 VAL A 203 ? ? -123.36 -70.46 
3 1 ALA A 204 ? ? -106.26 77.89  
# 
loop_
_pdbx_unobs_or_zero_occ_residues.id 
_pdbx_unobs_or_zero_occ_residues.PDB_model_num 
_pdbx_unobs_or_zero_occ_residues.polymer_flag 
_pdbx_unobs_or_zero_occ_residues.occupancy_flag 
_pdbx_unobs_or_zero_occ_residues.auth_asym_id 
_pdbx_unobs_or_zero_occ_residues.auth_comp_id 
_pdbx_unobs_or_zero_occ_residues.auth_seq_id 
_pdbx_unobs_or_zero_occ_residues.PDB_ins_code 
_pdbx_unobs_or_zero_occ_residues.label_asym_id 
_pdbx_unobs_or_zero_occ_residues.label_comp_id 
_pdbx_unobs_or_zero_occ_residues.label_seq_id 
1  1 Y 1 A GLY 51  ? A GLY 1  
2  1 Y 1 A SER 52  ? A SER 2  
3  1 Y 1 A HIS 53  ? A HIS 3  
4  1 Y 1 A THR 54  ? A THR 4  
5  1 Y 1 A ALA 55  ? A ALA 5  
6  1 Y 1 A GLU 56  ? A GLU 6  
7  1 Y 1 A GLU 57  ? A GLU 7  
8  1 Y 1 A ASP 58  ? A ASP 8  
9  1 Y 1 A MET 59  ? A MET 9  
10 1 Y 1 A GLU 60  ? A GLU 10 
11 1 Y 1 A ASP 61  ? A ASP 11 
12 1 Y 1 A ASP 62  ? A ASP 12 
13 1 Y 1 A TYR 106 ? A TYR 56 
14 1 Y 1 A PRO 107 ? A PRO 57 
15 1 Y 1 A ASP 108 ? A ASP 58 
16 1 Y 1 A ARG 109 ? A ARG 59 
17 1 Y 1 A PRO 110 ? A PRO 60 
18 1 Y 1 A HIS 111 ? A HIS 61 
# 
loop_
_chem_comp_atom.comp_id 
_chem_comp_atom.atom_id 
_chem_comp_atom.type_symbol 
_chem_comp_atom.pdbx_aromatic_flag 
_chem_comp_atom.pdbx_stereo_config 
_chem_comp_atom.pdbx_ordinal 
ALA N    N N N 1   
ALA CA   C N S 2   
ALA C    C N N 3   
ALA O    O N N 4   
ALA CB   C N N 5   
ALA OXT  O N N 6   
ALA H    H N N 7   
ALA H2   H N N 8   
ALA HA   H N N 9   
ALA HB1  H N N 10  
ALA HB2  H N N 11  
ALA HB3  H N N 12  
ALA HXT  H N N 13  
ARG N    N N N 14  
ARG CA   C N S 15  
ARG C    C N N 16  
ARG O    O N N 17  
ARG CB   C N N 18  
ARG CG   C N N 19  
ARG CD   C N N 20  
ARG NE   N N N 21  
ARG CZ   C N N 22  
ARG NH1  N N N 23  
ARG NH2  N N N 24  
ARG OXT  O N N 25  
ARG H    H N N 26  
ARG H2   H N N 27  
ARG HA   H N N 28  
ARG HB2  H N N 29  
ARG HB3  H N N 30  
ARG HG2  H N N 31  
ARG HG3  H N N 32  
ARG HD2  H N N 33  
ARG HD3  H N N 34  
ARG HE   H N N 35  
ARG HH11 H N N 36  
ARG HH12 H N N 37  
ARG HH21 H N N 38  
ARG HH22 H N N 39  
ARG HXT  H N N 40  
ASN N    N N N 41  
ASN CA   C N S 42  
ASN C    C N N 43  
ASN O    O N N 44  
ASN CB   C N N 45  
ASN CG   C N N 46  
ASN OD1  O N N 47  
ASN ND2  N N N 48  
ASN OXT  O N N 49  
ASN H    H N N 50  
ASN H2   H N N 51  
ASN HA   H N N 52  
ASN HB2  H N N 53  
ASN HB3  H N N 54  
ASN HD21 H N N 55  
ASN HD22 H N N 56  
ASN HXT  H N N 57  
ASP N    N N N 58  
ASP CA   C N S 59  
ASP C    C N N 60  
ASP O    O N N 61  
ASP CB   C N N 62  
ASP CG   C N N 63  
ASP OD1  O N N 64  
ASP OD2  O N N 65  
ASP OXT  O N N 66  
ASP H    H N N 67  
ASP H2   H N N 68  
ASP HA   H N N 69  
ASP HB2  H N N 70  
ASP HB3  H N N 71  
ASP HD2  H N N 72  
ASP HXT  H N N 73  
CYS N    N N N 74  
CYS CA   C N R 75  
CYS C    C N N 76  
CYS O    O N N 77  
CYS CB   C N N 78  
CYS SG   S N N 79  
CYS OXT  O N N 80  
CYS H    H N N 81  
CYS H2   H N N 82  
CYS HA   H N N 83  
CYS HB2  H N N 84  
CYS HB3  H N N 85  
CYS HG   H N N 86  
CYS HXT  H N N 87  
GLN N    N N N 88  
GLN CA   C N S 89  
GLN C    C N N 90  
GLN O    O N N 91  
GLN CB   C N N 92  
GLN CG   C N N 93  
GLN CD   C N N 94  
GLN OE1  O N N 95  
GLN NE2  N N N 96  
GLN OXT  O N N 97  
GLN H    H N N 98  
GLN H2   H N N 99  
GLN HA   H N N 100 
GLN HB2  H N N 101 
GLN HB3  H N N 102 
GLN HG2  H N N 103 
GLN HG3  H N N 104 
GLN HE21 H N N 105 
GLN HE22 H N N 106 
GLN HXT  H N N 107 
GLU N    N N N 108 
GLU CA   C N S 109 
GLU C    C N N 110 
GLU O    O N N 111 
GLU CB   C N N 112 
GLU CG   C N N 113 
GLU CD   C N N 114 
GLU OE1  O N N 115 
GLU OE2  O N N 116 
GLU OXT  O N N 117 
GLU H    H N N 118 
GLU H2   H N N 119 
GLU HA   H N N 120 
GLU HB2  H N N 121 
GLU HB3  H N N 122 
GLU HG2  H N N 123 
GLU HG3  H N N 124 
GLU HE2  H N N 125 
GLU HXT  H N N 126 
GLY N    N N N 127 
GLY CA   C N N 128 
GLY C    C N N 129 
GLY O    O N N 130 
GLY OXT  O N N 131 
GLY H    H N N 132 
GLY H2   H N N 133 
GLY HA2  H N N 134 
GLY HA3  H N N 135 
GLY HXT  H N N 136 
HIS N    N N N 137 
HIS CA   C N S 138 
HIS C    C N N 139 
HIS O    O N N 140 
HIS CB   C N N 141 
HIS CG   C Y N 142 
HIS ND1  N Y N 143 
HIS CD2  C Y N 144 
HIS CE1  C Y N 145 
HIS NE2  N Y N 146 
HIS OXT  O N N 147 
HIS H    H N N 148 
HIS H2   H N N 149 
HIS HA   H N N 150 
HIS HB2  H N N 151 
HIS HB3  H N N 152 
HIS HD1  H N N 153 
HIS HD2  H N N 154 
HIS HE1  H N N 155 
HIS HE2  H N N 156 
HIS HXT  H N N 157 
HOH O    O N N 158 
HOH H1   H N N 159 
HOH H2   H N N 160 
ILE N    N N N 161 
ILE CA   C N S 162 
ILE C    C N N 163 
ILE O    O N N 164 
ILE CB   C N S 165 
ILE CG1  C N N 166 
ILE CG2  C N N 167 
ILE CD1  C N N 168 
ILE OXT  O N N 169 
ILE H    H N N 170 
ILE H2   H N N 171 
ILE HA   H N N 172 
ILE HB   H N N 173 
ILE HG12 H N N 174 
ILE HG13 H N N 175 
ILE HG21 H N N 176 
ILE HG22 H N N 177 
ILE HG23 H N N 178 
ILE HD11 H N N 179 
ILE HD12 H N N 180 
ILE HD13 H N N 181 
ILE HXT  H N N 182 
LEU N    N N N 183 
LEU CA   C N S 184 
LEU C    C N N 185 
LEU O    O N N 186 
LEU CB   C N N 187 
LEU CG   C N N 188 
LEU CD1  C N N 189 
LEU CD2  C N N 190 
LEU OXT  O N N 191 
LEU H    H N N 192 
LEU H2   H N N 193 
LEU HA   H N N 194 
LEU HB2  H N N 195 
LEU HB3  H N N 196 
LEU HG   H N N 197 
LEU HD11 H N N 198 
LEU HD12 H N N 199 
LEU HD13 H N N 200 
LEU HD21 H N N 201 
LEU HD22 H N N 202 
LEU HD23 H N N 203 
LEU HXT  H N N 204 
LYS N    N N N 205 
LYS CA   C N S 206 
LYS C    C N N 207 
LYS O    O N N 208 
LYS CB   C N N 209 
LYS CG   C N N 210 
LYS CD   C N N 211 
LYS CE   C N N 212 
LYS NZ   N N N 213 
LYS OXT  O N N 214 
LYS H    H N N 215 
LYS H2   H N N 216 
LYS HA   H N N 217 
LYS HB2  H N N 218 
LYS HB3  H N N 219 
LYS HG2  H N N 220 
LYS HG3  H N N 221 
LYS HD2  H N N 222 
LYS HD3  H N N 223 
LYS HE2  H N N 224 
LYS HE3  H N N 225 
LYS HZ1  H N N 226 
LYS HZ2  H N N 227 
LYS HZ3  H N N 228 
LYS HXT  H N N 229 
MET N    N N N 230 
MET CA   C N S 231 
MET C    C N N 232 
MET O    O N N 233 
MET CB   C N N 234 
MET CG   C N N 235 
MET SD   S N N 236 
MET CE   C N N 237 
MET OXT  O N N 238 
MET H    H N N 239 
MET H2   H N N 240 
MET HA   H N N 241 
MET HB2  H N N 242 
MET HB3  H N N 243 
MET HG2  H N N 244 
MET HG3  H N N 245 
MET HE1  H N N 246 
MET HE2  H N N 247 
MET HE3  H N N 248 
MET HXT  H N N 249 
PHE N    N N N 250 
PHE CA   C N S 251 
PHE C    C N N 252 
PHE O    O N N 253 
PHE CB   C N N 254 
PHE CG   C Y N 255 
PHE CD1  C Y N 256 
PHE CD2  C Y N 257 
PHE CE1  C Y N 258 
PHE CE2  C Y N 259 
PHE CZ   C Y N 260 
PHE OXT  O N N 261 
PHE H    H N N 262 
PHE H2   H N N 263 
PHE HA   H N N 264 
PHE HB2  H N N 265 
PHE HB3  H N N 266 
PHE HD1  H N N 267 
PHE HD2  H N N 268 
PHE HE1  H N N 269 
PHE HE2  H N N 270 
PHE HZ   H N N 271 
PHE HXT  H N N 272 
PRO N    N N N 273 
PRO CA   C N S 274 
PRO C    C N N 275 
PRO O    O N N 276 
PRO CB   C N N 277 
PRO CG   C N N 278 
PRO CD   C N N 279 
PRO OXT  O N N 280 
PRO H    H N N 281 
PRO HA   H N N 282 
PRO HB2  H N N 283 
PRO HB3  H N N 284 
PRO HG2  H N N 285 
PRO HG3  H N N 286 
PRO HD2  H N N 287 
PRO HD3  H N N 288 
PRO HXT  H N N 289 
SER N    N N N 290 
SER CA   C N S 291 
SER C    C N N 292 
SER O    O N N 293 
SER CB   C N N 294 
SER OG   O N N 295 
SER OXT  O N N 296 
SER H    H N N 297 
SER H2   H N N 298 
SER HA   H N N 299 
SER HB2  H N N 300 
SER HB3  H N N 301 
SER HG   H N N 302 
SER HXT  H N N 303 
THR N    N N N 304 
THR CA   C N S 305 
THR C    C N N 306 
THR O    O N N 307 
THR CB   C N R 308 
THR OG1  O N N 309 
THR CG2  C N N 310 
THR OXT  O N N 311 
THR H    H N N 312 
THR H2   H N N 313 
THR HA   H N N 314 
THR HB   H N N 315 
THR HG1  H N N 316 
THR HG21 H N N 317 
THR HG22 H N N 318 
THR HG23 H N N 319 
THR HXT  H N N 320 
TRP N    N N N 321 
TRP CA   C N S 322 
TRP C    C N N 323 
TRP O    O N N 324 
TRP CB   C N N 325 
TRP CG   C Y N 326 
TRP CD1  C Y N 327 
TRP CD2  C Y N 328 
TRP NE1  N Y N 329 
TRP CE2  C Y N 330 
TRP CE3  C Y N 331 
TRP CZ2  C Y N 332 
TRP CZ3  C Y N 333 
TRP CH2  C Y N 334 
TRP OXT  O N N 335 
TRP H    H N N 336 
TRP H2   H N N 337 
TRP HA   H N N 338 
TRP HB2  H N N 339 
TRP HB3  H N N 340 
TRP HD1  H N N 341 
TRP HE1  H N N 342 
TRP HE3  H N N 343 
TRP HZ2  H N N 344 
TRP HZ3  H N N 345 
TRP HH2  H N N 346 
TRP HXT  H N N 347 
TYR N    N N N 348 
TYR CA   C N S 349 
TYR C    C N N 350 
TYR O    O N N 351 
TYR CB   C N N 352 
TYR CG   C Y N 353 
TYR CD1  C Y N 354 
TYR CD2  C Y N 355 
TYR CE1  C Y N 356 
TYR CE2  C Y N 357 
TYR CZ   C Y N 358 
TYR OH   O N N 359 
TYR OXT  O N N 360 
TYR H    H N N 361 
TYR H2   H N N 362 
TYR HA   H N N 363 
TYR HB2  H N N 364 
TYR HB3  H N N 365 
TYR HD1  H N N 366 
TYR HD2  H N N 367 
TYR HE1  H N N 368 
TYR HE2  H N N 369 
TYR HH   H N N 370 
TYR HXT  H N N 371 
VAL N    N N N 372 
VAL CA   C N S 373 
VAL C    C N N 374 
VAL O    O N N 375 
VAL CB   C N N 376 
VAL CG1  C N N 377 
VAL CG2  C N N 378 
VAL OXT  O N N 379 
VAL H    H N N 380 
VAL H2   H N N 381 
VAL HA   H N N 382 
VAL HB   H N N 383 
VAL HG11 H N N 384 
VAL HG12 H N N 385 
VAL HG13 H N N 386 
VAL HG21 H N N 387 
VAL HG22 H N N 388 
VAL HG23 H N N 389 
VAL HXT  H N N 390 
# 
loop_
_chem_comp_bond.comp_id 
_chem_comp_bond.atom_id_1 
_chem_comp_bond.atom_id_2 
_chem_comp_bond.value_order 
_chem_comp_bond.pdbx_aromatic_flag 
_chem_comp_bond.pdbx_stereo_config 
_chem_comp_bond.pdbx_ordinal 
ALA N   CA   sing N N 1   
ALA N   H    sing N N 2   
ALA N   H2   sing N N 3   
ALA CA  C    sing N N 4   
ALA CA  CB   sing N N 5   
ALA CA  HA   sing N N 6   
ALA C   O    doub N N 7   
ALA C   OXT  sing N N 8   
ALA CB  HB1  sing N N 9   
ALA CB  HB2  sing N N 10  
ALA CB  HB3  sing N N 11  
ALA OXT HXT  sing N N 12  
ARG N   CA   sing N N 13  
ARG N   H    sing N N 14  
ARG N   H2   sing N N 15  
ARG CA  C    sing N N 16  
ARG CA  CB   sing N N 17  
ARG CA  HA   sing N N 18  
ARG C   O    doub N N 19  
ARG C   OXT  sing N N 20  
ARG CB  CG   sing N N 21  
ARG CB  HB2  sing N N 22  
ARG CB  HB3  sing N N 23  
ARG CG  CD   sing N N 24  
ARG CG  HG2  sing N N 25  
ARG CG  HG3  sing N N 26  
ARG CD  NE   sing N N 27  
ARG CD  HD2  sing N N 28  
ARG CD  HD3  sing N N 29  
ARG NE  CZ   sing N N 30  
ARG NE  HE   sing N N 31  
ARG CZ  NH1  sing N N 32  
ARG CZ  NH2  doub N N 33  
ARG NH1 HH11 sing N N 34  
ARG NH1 HH12 sing N N 35  
ARG NH2 HH21 sing N N 36  
ARG NH2 HH22 sing N N 37  
ARG OXT HXT  sing N N 38  
ASN N   CA   sing N N 39  
ASN N   H    sing N N 40  
ASN N   H2   sing N N 41  
ASN CA  C    sing N N 42  
ASN CA  CB   sing N N 43  
ASN CA  HA   sing N N 44  
ASN C   O    doub N N 45  
ASN C   OXT  sing N N 46  
ASN CB  CG   sing N N 47  
ASN CB  HB2  sing N N 48  
ASN CB  HB3  sing N N 49  
ASN CG  OD1  doub N N 50  
ASN CG  ND2  sing N N 51  
ASN ND2 HD21 sing N N 52  
ASN ND2 HD22 sing N N 53  
ASN OXT HXT  sing N N 54  
ASP N   CA   sing N N 55  
ASP N   H    sing N N 56  
ASP N   H2   sing N N 57  
ASP CA  C    sing N N 58  
ASP CA  CB   sing N N 59  
ASP CA  HA   sing N N 60  
ASP C   O    doub N N 61  
ASP C   OXT  sing N N 62  
ASP CB  CG   sing N N 63  
ASP CB  HB2  sing N N 64  
ASP CB  HB3  sing N N 65  
ASP CG  OD1  doub N N 66  
ASP CG  OD2  sing N N 67  
ASP OD2 HD2  sing N N 68  
ASP OXT HXT  sing N N 69  
CYS N   CA   sing N N 70  
CYS N   H    sing N N 71  
CYS N   H2   sing N N 72  
CYS CA  C    sing N N 73  
CYS CA  CB   sing N N 74  
CYS CA  HA   sing N N 75  
CYS C   O    doub N N 76  
CYS C   OXT  sing N N 77  
CYS CB  SG   sing N N 78  
CYS CB  HB2  sing N N 79  
CYS CB  HB3  sing N N 80  
CYS SG  HG   sing N N 81  
CYS OXT HXT  sing N N 82  
GLN N   CA   sing N N 83  
GLN N   H    sing N N 84  
GLN N   H2   sing N N 85  
GLN CA  C    sing N N 86  
GLN CA  CB   sing N N 87  
GLN CA  HA   sing N N 88  
GLN C   O    doub N N 89  
GLN C   OXT  sing N N 90  
GLN CB  CG   sing N N 91  
GLN CB  HB2  sing N N 92  
GLN CB  HB3  sing N N 93  
GLN CG  CD   sing N N 94  
GLN CG  HG2  sing N N 95  
GLN CG  HG3  sing N N 96  
GLN CD  OE1  doub N N 97  
GLN CD  NE2  sing N N 98  
GLN NE2 HE21 sing N N 99  
GLN NE2 HE22 sing N N 100 
GLN OXT HXT  sing N N 101 
GLU N   CA   sing N N 102 
GLU N   H    sing N N 103 
GLU N   H2   sing N N 104 
GLU CA  C    sing N N 105 
GLU CA  CB   sing N N 106 
GLU CA  HA   sing N N 107 
GLU C   O    doub N N 108 
GLU C   OXT  sing N N 109 
GLU CB  CG   sing N N 110 
GLU CB  HB2  sing N N 111 
GLU CB  HB3  sing N N 112 
GLU CG  CD   sing N N 113 
GLU CG  HG2  sing N N 114 
GLU CG  HG3  sing N N 115 
GLU CD  OE1  doub N N 116 
GLU CD  OE2  sing N N 117 
GLU OE2 HE2  sing N N 118 
GLU OXT HXT  sing N N 119 
GLY N   CA   sing N N 120 
GLY N   H    sing N N 121 
GLY N   H2   sing N N 122 
GLY CA  C    sing N N 123 
GLY CA  HA2  sing N N 124 
GLY CA  HA3  sing N N 125 
GLY C   O    doub N N 126 
GLY C   OXT  sing N N 127 
GLY OXT HXT  sing N N 128 
HIS N   CA   sing N N 129 
HIS N   H    sing N N 130 
HIS N   H2   sing N N 131 
HIS CA  C    sing N N 132 
HIS CA  CB   sing N N 133 
HIS CA  HA   sing N N 134 
HIS C   O    doub N N 135 
HIS C   OXT  sing N N 136 
HIS CB  CG   sing N N 137 
HIS CB  HB2  sing N N 138 
HIS CB  HB3  sing N N 139 
HIS CG  ND1  sing Y N 140 
HIS CG  CD2  doub Y N 141 
HIS ND1 CE1  doub Y N 142 
HIS ND1 HD1  sing N N 143 
HIS CD2 NE2  sing Y N 144 
HIS CD2 HD2  sing N N 145 
HIS CE1 NE2  sing Y N 146 
HIS CE1 HE1  sing N N 147 
HIS NE2 HE2  sing N N 148 
HIS OXT HXT  sing N N 149 
HOH O   H1   sing N N 150 
HOH O   H2   sing N N 151 
ILE N   CA   sing N N 152 
ILE N   H    sing N N 153 
ILE N   H2   sing N N 154 
ILE CA  C    sing N N 155 
ILE CA  CB   sing N N 156 
ILE CA  HA   sing N N 157 
ILE C   O    doub N N 158 
ILE C   OXT  sing N N 159 
ILE CB  CG1  sing N N 160 
ILE CB  CG2  sing N N 161 
ILE CB  HB   sing N N 162 
ILE CG1 CD1  sing N N 163 
ILE CG1 HG12 sing N N 164 
ILE CG1 HG13 sing N N 165 
ILE CG2 HG21 sing N N 166 
ILE CG2 HG22 sing N N 167 
ILE CG2 HG23 sing N N 168 
ILE CD1 HD11 sing N N 169 
ILE CD1 HD12 sing N N 170 
ILE CD1 HD13 sing N N 171 
ILE OXT HXT  sing N N 172 
LEU N   CA   sing N N 173 
LEU N   H    sing N N 174 
LEU N   H2   sing N N 175 
LEU CA  C    sing N N 176 
LEU CA  CB   sing N N 177 
LEU CA  HA   sing N N 178 
LEU C   O    doub N N 179 
LEU C   OXT  sing N N 180 
LEU CB  CG   sing N N 181 
LEU CB  HB2  sing N N 182 
LEU CB  HB3  sing N N 183 
LEU CG  CD1  sing N N 184 
LEU CG  CD2  sing N N 185 
LEU CG  HG   sing N N 186 
LEU CD1 HD11 sing N N 187 
LEU CD1 HD12 sing N N 188 
LEU CD1 HD13 sing N N 189 
LEU CD2 HD21 sing N N 190 
LEU CD2 HD22 sing N N 191 
LEU CD2 HD23 sing N N 192 
LEU OXT HXT  sing N N 193 
LYS N   CA   sing N N 194 
LYS N   H    sing N N 195 
LYS N   H2   sing N N 196 
LYS CA  C    sing N N 197 
LYS CA  CB   sing N N 198 
LYS CA  HA   sing N N 199 
LYS C   O    doub N N 200 
LYS C   OXT  sing N N 201 
LYS CB  CG   sing N N 202 
LYS CB  HB2  sing N N 203 
LYS CB  HB3  sing N N 204 
LYS CG  CD   sing N N 205 
LYS CG  HG2  sing N N 206 
LYS CG  HG3  sing N N 207 
LYS CD  CE   sing N N 208 
LYS CD  HD2  sing N N 209 
LYS CD  HD3  sing N N 210 
LYS CE  NZ   sing N N 211 
LYS CE  HE2  sing N N 212 
LYS CE  HE3  sing N N 213 
LYS NZ  HZ1  sing N N 214 
LYS NZ  HZ2  sing N N 215 
LYS NZ  HZ3  sing N N 216 
LYS OXT HXT  sing N N 217 
MET N   CA   sing N N 218 
MET N   H    sing N N 219 
MET N   H2   sing N N 220 
MET CA  C    sing N N 221 
MET CA  CB   sing N N 222 
MET CA  HA   sing N N 223 
MET C   O    doub N N 224 
MET C   OXT  sing N N 225 
MET CB  CG   sing N N 226 
MET CB  HB2  sing N N 227 
MET CB  HB3  sing N N 228 
MET CG  SD   sing N N 229 
MET CG  HG2  sing N N 230 
MET CG  HG3  sing N N 231 
MET SD  CE   sing N N 232 
MET CE  HE1  sing N N 233 
MET CE  HE2  sing N N 234 
MET CE  HE3  sing N N 235 
MET OXT HXT  sing N N 236 
PHE N   CA   sing N N 237 
PHE N   H    sing N N 238 
PHE N   H2   sing N N 239 
PHE CA  C    sing N N 240 
PHE CA  CB   sing N N 241 
PHE CA  HA   sing N N 242 
PHE C   O    doub N N 243 
PHE C   OXT  sing N N 244 
PHE CB  CG   sing N N 245 
PHE CB  HB2  sing N N 246 
PHE CB  HB3  sing N N 247 
PHE CG  CD1  doub Y N 248 
PHE CG  CD2  sing Y N 249 
PHE CD1 CE1  sing Y N 250 
PHE CD1 HD1  sing N N 251 
PHE CD2 CE2  doub Y N 252 
PHE CD2 HD2  sing N N 253 
PHE CE1 CZ   doub Y N 254 
PHE CE1 HE1  sing N N 255 
PHE CE2 CZ   sing Y N 256 
PHE CE2 HE2  sing N N 257 
PHE CZ  HZ   sing N N 258 
PHE OXT HXT  sing N N 259 
PRO N   CA   sing N N 260 
PRO N   CD   sing N N 261 
PRO N   H    sing N N 262 
PRO CA  C    sing N N 263 
PRO CA  CB   sing N N 264 
PRO CA  HA   sing N N 265 
PRO C   O    doub N N 266 
PRO C   OXT  sing N N 267 
PRO CB  CG   sing N N 268 
PRO CB  HB2  sing N N 269 
PRO CB  HB3  sing N N 270 
PRO CG  CD   sing N N 271 
PRO CG  HG2  sing N N 272 
PRO CG  HG3  sing N N 273 
PRO CD  HD2  sing N N 274 
PRO CD  HD3  sing N N 275 
PRO OXT HXT  sing N N 276 
SER N   CA   sing N N 277 
SER N   H    sing N N 278 
SER N   H2   sing N N 279 
SER CA  C    sing N N 280 
SER CA  CB   sing N N 281 
SER CA  HA   sing N N 282 
SER C   O    doub N N 283 
SER C   OXT  sing N N 284 
SER CB  OG   sing N N 285 
SER CB  HB2  sing N N 286 
SER CB  HB3  sing N N 287 
SER OG  HG   sing N N 288 
SER OXT HXT  sing N N 289 
THR N   CA   sing N N 290 
THR N   H    sing N N 291 
THR N   H2   sing N N 292 
THR CA  C    sing N N 293 
THR CA  CB   sing N N 294 
THR CA  HA   sing N N 295 
THR C   O    doub N N 296 
THR C   OXT  sing N N 297 
THR CB  OG1  sing N N 298 
THR CB  CG2  sing N N 299 
THR CB  HB   sing N N 300 
THR OG1 HG1  sing N N 301 
THR CG2 HG21 sing N N 302 
THR CG2 HG22 sing N N 303 
THR CG2 HG23 sing N N 304 
THR OXT HXT  sing N N 305 
TRP N   CA   sing N N 306 
TRP N   H    sing N N 307 
TRP N   H2   sing N N 308 
TRP CA  C    sing N N 309 
TRP CA  CB   sing N N 310 
TRP CA  HA   sing N N 311 
TRP C   O    doub N N 312 
TRP C   OXT  sing N N 313 
TRP CB  CG   sing N N 314 
TRP CB  HB2  sing N N 315 
TRP CB  HB3  sing N N 316 
TRP CG  CD1  doub Y N 317 
TRP CG  CD2  sing Y N 318 
TRP CD1 NE1  sing Y N 319 
TRP CD1 HD1  sing N N 320 
TRP CD2 CE2  doub Y N 321 
TRP CD2 CE3  sing Y N 322 
TRP NE1 CE2  sing Y N 323 
TRP NE1 HE1  sing N N 324 
TRP CE2 CZ2  sing Y N 325 
TRP CE3 CZ3  doub Y N 326 
TRP CE3 HE3  sing N N 327 
TRP CZ2 CH2  doub Y N 328 
TRP CZ2 HZ2  sing N N 329 
TRP CZ3 CH2  sing Y N 330 
TRP CZ3 HZ3  sing N N 331 
TRP CH2 HH2  sing N N 332 
TRP OXT HXT  sing N N 333 
TYR N   CA   sing N N 334 
TYR N   H    sing N N 335 
TYR N   H2   sing N N 336 
TYR CA  C    sing N N 337 
TYR CA  CB   sing N N 338 
TYR CA  HA   sing N N 339 
TYR C   O    doub N N 340 
TYR C   OXT  sing N N 341 
TYR CB  CG   sing N N 342 
TYR CB  HB2  sing N N 343 
TYR CB  HB3  sing N N 344 
TYR CG  CD1  doub Y N 345 
TYR CG  CD2  sing Y N 346 
TYR CD1 CE1  sing Y N 347 
TYR CD1 HD1  sing N N 348 
TYR CD2 CE2  doub Y N 349 
TYR CD2 HD2  sing N N 350 
TYR CE1 CZ   doub Y N 351 
TYR CE1 HE1  sing N N 352 
TYR CE2 CZ   sing Y N 353 
TYR CE2 HE2  sing N N 354 
TYR CZ  OH   sing N N 355 
TYR OH  HH   sing N N 356 
TYR OXT HXT  sing N N 357 
VAL N   CA   sing N N 358 
VAL N   H    sing N N 359 
VAL N   H2   sing N N 360 
VAL CA  C    sing N N 361 
VAL CA  CB   sing N N 362 
VAL CA  HA   sing N N 363 
VAL C   O    doub N N 364 
VAL C   OXT  sing N N 365 
VAL CB  CG1  sing N N 366 
VAL CB  CG2  sing N N 367 
VAL CB  HB   sing N N 368 
VAL CG1 HG11 sing N N 369 
VAL CG1 HG12 sing N N 370 
VAL CG1 HG13 sing N N 371 
VAL CG2 HG21 sing N N 372 
VAL CG2 HG22 sing N N 373 
VAL CG2 HG23 sing N N 374 
VAL OXT HXT  sing N N 375 
# 
_pdbx_entity_nonpoly.entity_id   3 
_pdbx_entity_nonpoly.name        water 
_pdbx_entity_nonpoly.comp_id     HOH 
# 
_pdbx_initial_refinement_model.id               1 
_pdbx_initial_refinement_model.entity_id_list   ? 
_pdbx_initial_refinement_model.type             'experimental model' 
_pdbx_initial_refinement_model.source_name      PDB 
_pdbx_initial_refinement_model.accession_code   1YY6 
_pdbx_initial_refinement_model.details          'pdb entry 1YY6' 
# 
